data_5MZ8
#
_entry.id   5MZ8
#
_cell.length_a   91.580
_cell.length_b   151.810
_cell.length_c   159.100
_cell.angle_alpha   90.00
_cell.angle_beta   90.00
_cell.angle_gamma   90.00
#
_symmetry.space_group_name_H-M   'P 21 21 21'
#
loop_
_entity.id
_entity.type
_entity.pdbx_description
1 polymer 'aldehyde dehydrogenase 21'
2 non-polymer 'SUCCINIC ACID'
3 non-polymer 1,2-ETHANEDIOL
4 non-polymer DI(HYDROXYETHYL)ETHER
5 non-polymer GLYCEROL
6 water water
#
_entity_poly.entity_id   1
_entity_poly.type   'polypeptide(L)'
_entity_poly.pdbx_seq_one_letter_code
;MGSSHHHHHHSQDPNSSSMTLGHMVQKAKESSGDVTPKKYNIFLASKPVDGDRKWLDVTNKYTNDVAAKVPQATHKDIDD
AIDAAVAAAPAMAAMGAYERKAVLEKVVAELKNRFEEIAQTLTMESGKPIKDARGEVTRTIDTFQVAAEESVRIYGEHIP
LDISARNKGLQGIVKKFPIGPVSMVSPWNFPLNLVAHKVAPAIAVGCPFVLKPASRTPLSALILGEILHKIEELPLGAFS
ILPVSREDADMFTVDERFKLLTFTGSGPIGWDMKARAGKKKVVMELGGNAPCIVDDYVPDLDYTIQRLINGGFYQGGQSC
IHMQRLYVHERLYDEVKEGFVAAVKKLKMGNPFEEDTYLGPMISESAAKGIEDWVKEAVAKGGKLLTGGNRKGAFIEPTV
IEDVPIEANARKEEIFGPVVLLYKYSDFKEAVKECNNTHYGLQSGIFTKDLNKAFYAFEHMEVGGVILNDSPALRVDSQP
YGGLKDSGIQREGVKYAMDDMLETKVLVMRNVGTL
;
_entity_poly.pdbx_strand_id   A,B,C,D
#
# COMPACT_ATOMS: atom_id res chain seq x y z
N VAL A 35 14.19 -40.98 -33.37
CA VAL A 35 14.26 -41.47 -34.77
C VAL A 35 13.77 -40.38 -35.73
N THR A 36 12.44 -40.34 -36.07
CA THR A 36 11.94 -39.28 -36.95
C THR A 36 11.73 -38.01 -36.11
N PRO A 37 12.47 -36.89 -36.40
CA PRO A 37 12.28 -35.67 -35.60
C PRO A 37 10.94 -35.00 -35.86
N LYS A 38 10.29 -34.51 -34.78
CA LYS A 38 9.00 -33.84 -34.88
C LYS A 38 9.23 -32.41 -35.40
N LYS A 39 8.48 -32.02 -36.45
CA LYS A 39 8.59 -30.69 -37.03
C LYS A 39 7.71 -29.71 -36.25
N TYR A 40 8.28 -28.61 -35.81
CA TYR A 40 7.55 -27.59 -35.04
C TYR A 40 7.34 -26.34 -35.87
N ASN A 41 6.39 -25.50 -35.46
CA ASN A 41 6.13 -24.20 -36.08
C ASN A 41 6.65 -23.15 -35.11
N ILE A 42 7.07 -21.99 -35.65
CA ILE A 42 7.48 -20.85 -34.82
C ILE A 42 6.34 -19.83 -34.92
N PHE A 43 6.32 -18.77 -34.09
CA PHE A 43 5.20 -17.83 -34.07
C PHE A 43 5.62 -16.44 -34.47
N LEU A 44 5.06 -15.99 -35.60
CA LEU A 44 5.31 -14.68 -36.19
C LEU A 44 4.00 -13.92 -36.23
N ALA A 45 3.95 -12.80 -35.46
CA ALA A 45 2.79 -11.91 -35.32
C ALA A 45 1.51 -12.73 -35.03
N SER A 46 1.61 -13.60 -33.98
CA SER A 46 0.56 -14.49 -33.44
C SER A 46 0.24 -15.74 -34.27
N LYS A 47 0.87 -15.90 -35.45
CA LYS A 47 0.58 -16.98 -36.39
C LYS A 47 1.69 -18.05 -36.53
N PRO A 48 1.31 -19.36 -36.63
CA PRO A 48 2.34 -20.39 -36.82
C PRO A 48 2.96 -20.34 -38.22
N VAL A 49 4.28 -20.29 -38.29
CA VAL A 49 4.99 -20.25 -39.55
C VAL A 49 5.99 -21.39 -39.67
N ASP A 50 6.28 -21.77 -40.92
CA ASP A 50 7.23 -22.82 -41.26
C ASP A 50 7.98 -22.39 -42.54
N GLY A 51 7.31 -22.51 -43.69
CA GLY A 51 7.80 -22.12 -45.01
C GLY A 51 9.17 -22.63 -45.45
N ASP A 52 9.79 -21.83 -46.36
CA ASP A 52 11.11 -22.03 -46.99
C ASP A 52 12.22 -21.56 -46.02
N ARG A 53 12.11 -21.95 -44.72
CA ARG A 53 13.06 -21.56 -43.68
C ARG A 53 14.04 -22.68 -43.32
N LYS A 54 15.24 -22.29 -42.86
CA LYS A 54 16.29 -23.18 -42.39
C LYS A 54 15.82 -23.85 -41.11
N TRP A 55 16.31 -25.05 -40.86
CA TRP A 55 15.92 -25.84 -39.71
C TRP A 55 16.97 -25.80 -38.62
N LEU A 56 16.51 -25.82 -37.37
CA LEU A 56 17.36 -25.88 -36.19
C LEU A 56 17.09 -27.23 -35.54
N ASP A 57 18.15 -27.97 -35.26
CA ASP A 57 18.03 -29.28 -34.62
C ASP A 57 17.95 -29.11 -33.13
N VAL A 58 17.00 -29.80 -32.51
CA VAL A 58 16.83 -29.85 -31.05
C VAL A 58 17.06 -31.30 -30.67
N THR A 59 18.09 -31.55 -29.86
CA THR A 59 18.46 -32.90 -29.47
C THR A 59 17.91 -33.33 -28.13
N ASN A 60 17.69 -34.64 -27.97
CA ASN A 60 17.31 -35.28 -26.72
C ASN A 60 18.64 -35.24 -25.94
N LYS A 61 18.69 -34.53 -24.82
CA LYS A 61 19.94 -34.34 -24.08
C LYS A 61 20.49 -35.59 -23.38
N TYR A 62 19.74 -36.70 -23.39
CA TYR A 62 20.25 -37.94 -22.82
C TYR A 62 20.84 -38.84 -23.93
N THR A 63 20.08 -39.06 -25.00
CA THR A 63 20.44 -39.95 -26.11
C THR A 63 21.25 -39.27 -27.22
N ASN A 64 21.17 -37.91 -27.32
CA ASN A 64 21.83 -37.06 -28.32
C ASN A 64 21.18 -37.16 -29.72
N ASP A 65 20.02 -37.82 -29.84
CA ASP A 65 19.28 -37.94 -31.09
C ASP A 65 18.58 -36.63 -31.39
N VAL A 66 18.43 -36.27 -32.69
CA VAL A 66 17.70 -35.07 -33.08
C VAL A 66 16.24 -35.43 -32.90
N ALA A 67 15.60 -34.85 -31.87
CA ALA A 67 14.23 -35.17 -31.56
C ALA A 67 13.25 -34.22 -32.22
N ALA A 68 13.70 -33.01 -32.52
CA ALA A 68 12.86 -31.99 -33.11
C ALA A 68 13.61 -31.13 -34.13
N LYS A 69 12.88 -30.59 -35.09
CA LYS A 69 13.38 -29.68 -36.12
C LYS A 69 12.51 -28.43 -36.02
N VAL A 70 13.14 -27.27 -35.80
CA VAL A 70 12.44 -26.00 -35.57
C VAL A 70 12.81 -24.98 -36.64
N PRO A 71 11.84 -24.32 -37.32
CA PRO A 71 12.20 -23.29 -38.31
C PRO A 71 12.97 -22.14 -37.67
N GLN A 72 13.99 -21.64 -38.36
CA GLN A 72 14.79 -20.54 -37.86
C GLN A 72 14.34 -19.26 -38.55
N ALA A 73 13.97 -18.25 -37.75
CA ALA A 73 13.48 -16.99 -38.31
C ALA A 73 14.59 -16.25 -39.04
N THR A 74 14.22 -15.57 -40.15
CA THR A 74 15.13 -14.74 -40.94
C THR A 74 15.13 -13.31 -40.34
N HIS A 75 16.00 -12.43 -40.86
CA HIS A 75 16.09 -11.04 -40.46
C HIS A 75 14.76 -10.30 -40.74
N LYS A 76 14.12 -10.61 -41.90
CA LYS A 76 12.86 -10.04 -42.32
C LYS A 76 11.75 -10.45 -41.37
N ASP A 77 11.76 -11.74 -40.90
CA ASP A 77 10.79 -12.24 -39.92
C ASP A 77 10.86 -11.44 -38.63
N ILE A 78 12.09 -11.21 -38.10
CA ILE A 78 12.29 -10.44 -36.85
C ILE A 78 11.81 -9.00 -37.04
N ASP A 79 12.08 -8.41 -38.22
CA ASP A 79 11.63 -7.06 -38.54
C ASP A 79 10.11 -6.95 -38.56
N ASP A 80 9.43 -7.95 -39.16
CA ASP A 80 7.98 -8.06 -39.27
C ASP A 80 7.34 -8.25 -37.91
N ALA A 81 7.96 -9.11 -37.07
CA ALA A 81 7.53 -9.42 -35.70
C ALA A 81 7.52 -8.17 -34.83
N ILE A 82 8.60 -7.37 -34.90
CA ILE A 82 8.74 -6.14 -34.13
C ILE A 82 7.71 -5.09 -34.63
N ASP A 83 7.52 -4.97 -35.95
CA ASP A 83 6.53 -4.05 -36.54
C ASP A 83 5.10 -4.40 -36.09
N ALA A 84 4.78 -5.71 -36.02
CA ALA A 84 3.50 -6.23 -35.55
C ALA A 84 3.30 -5.94 -34.06
N ALA A 85 4.38 -6.07 -33.25
CA ALA A 85 4.34 -5.77 -31.82
C ALA A 85 4.06 -4.28 -31.60
N VAL A 86 4.69 -3.39 -32.39
CA VAL A 86 4.46 -1.93 -32.34
C VAL A 86 2.99 -1.65 -32.71
N ALA A 87 2.49 -2.27 -33.79
CA ALA A 87 1.13 -2.11 -34.29
C ALA A 87 0.05 -2.68 -33.35
N ALA A 88 0.40 -3.73 -32.56
CA ALA A 88 -0.51 -4.33 -31.60
C ALA A 88 -0.52 -3.63 -30.22
N ALA A 89 0.50 -2.80 -29.93
CA ALA A 89 0.62 -2.08 -28.65
C ALA A 89 -0.66 -1.30 -28.25
N PRO A 90 -1.31 -0.48 -29.14
CA PRO A 90 -2.56 0.20 -28.73
C PRO A 90 -3.71 -0.76 -28.36
N ALA A 91 -3.94 -1.82 -29.14
CA ALA A 91 -4.99 -2.80 -28.83
C ALA A 91 -4.69 -3.56 -27.53
N MET A 92 -3.41 -3.83 -27.24
CA MET A 92 -2.98 -4.50 -26.01
C MET A 92 -3.30 -3.60 -24.81
N ALA A 93 -2.97 -2.29 -24.93
CA ALA A 93 -3.21 -1.27 -23.92
C ALA A 93 -4.72 -0.96 -23.71
N ALA A 94 -5.56 -1.20 -24.73
CA ALA A 94 -7.00 -0.98 -24.69
C ALA A 94 -7.83 -2.20 -24.17
N MET A 95 -7.17 -3.36 -23.94
CA MET A 95 -7.84 -4.56 -23.43
C MET A 95 -8.35 -4.26 -22.02
N GLY A 96 -9.50 -4.84 -21.69
CA GLY A 96 -10.05 -4.74 -20.33
C GLY A 96 -9.23 -5.64 -19.43
N ALA A 97 -9.11 -5.31 -18.15
CA ALA A 97 -8.35 -6.11 -17.18
C ALA A 97 -8.83 -7.57 -17.18
N TYR A 98 -10.15 -7.77 -17.26
CA TYR A 98 -10.80 -9.09 -17.33
C TYR A 98 -10.38 -9.88 -18.60
N GLU A 99 -10.07 -9.16 -19.70
CA GLU A 99 -9.64 -9.79 -20.96
C GLU A 99 -8.24 -10.33 -20.82
N ARG A 100 -7.33 -9.54 -20.18
CA ARG A 100 -5.96 -9.96 -19.92
C ARG A 100 -5.99 -11.17 -18.96
N LYS A 101 -6.91 -11.15 -17.97
CA LYS A 101 -7.11 -12.25 -17.01
C LYS A 101 -7.54 -13.53 -17.73
N ALA A 102 -8.53 -13.42 -18.66
CA ALA A 102 -9.06 -14.53 -19.44
C ALA A 102 -7.94 -15.21 -20.25
N VAL A 103 -7.03 -14.41 -20.84
CA VAL A 103 -5.89 -14.94 -21.61
C VAL A 103 -5.05 -15.86 -20.70
N LEU A 104 -4.65 -15.34 -19.54
CA LEU A 104 -3.82 -16.03 -18.56
C LEU A 104 -4.49 -17.26 -17.98
N GLU A 105 -5.81 -17.19 -17.73
CA GLU A 105 -6.59 -18.32 -17.21
C GLU A 105 -6.69 -19.43 -18.25
N LYS A 106 -6.75 -19.05 -19.55
CA LYS A 106 -6.79 -20.04 -20.66
C LYS A 106 -5.45 -20.76 -20.78
N VAL A 107 -4.32 -20.05 -20.51
CA VAL A 107 -2.98 -20.64 -20.51
C VAL A 107 -2.89 -21.72 -19.41
N VAL A 108 -3.32 -21.37 -18.18
CA VAL A 108 -3.37 -22.26 -17.01
C VAL A 108 -4.15 -23.55 -17.34
N ALA A 109 -5.33 -23.41 -17.97
CA ALA A 109 -6.21 -24.52 -18.34
C ALA A 109 -5.52 -25.46 -19.33
N GLU A 110 -4.86 -24.88 -20.34
CA GLU A 110 -4.13 -25.62 -21.37
C GLU A 110 -2.88 -26.32 -20.83
N LEU A 111 -2.17 -25.69 -19.89
CA LEU A 111 -1.00 -26.28 -19.24
C LEU A 111 -1.39 -27.49 -18.42
N LYS A 112 -2.52 -27.39 -17.72
CA LYS A 112 -3.04 -28.47 -16.88
C LYS A 112 -3.44 -29.67 -17.75
N ASN A 113 -4.06 -29.37 -18.91
CA ASN A 113 -4.54 -30.31 -19.92
C ASN A 113 -3.40 -31.11 -20.54
N ARG A 114 -2.31 -30.41 -20.91
CA ARG A 114 -1.15 -30.97 -21.59
C ARG A 114 0.04 -31.21 -20.62
N PHE A 115 -0.22 -31.29 -19.30
CA PHE A 115 0.79 -31.44 -18.23
C PHE A 115 1.92 -32.44 -18.52
N GLU A 116 1.60 -33.76 -18.67
CA GLU A 116 2.60 -34.80 -18.90
C GLU A 116 3.34 -34.63 -20.23
N GLU A 117 2.62 -34.25 -21.30
CA GLU A 117 3.18 -33.98 -22.62
C GLU A 117 4.27 -32.88 -22.50
N ILE A 118 3.97 -31.79 -21.76
CA ILE A 118 4.87 -30.66 -21.55
C ILE A 118 6.09 -31.09 -20.72
N ALA A 119 5.85 -31.83 -19.60
CA ALA A 119 6.90 -32.34 -18.72
C ALA A 119 7.90 -33.20 -19.50
N GLN A 120 7.39 -34.17 -20.32
CA GLN A 120 8.19 -35.08 -21.14
C GLN A 120 9.07 -34.33 -22.15
N THR A 121 8.50 -33.31 -22.84
CA THR A 121 9.22 -32.43 -23.77
C THR A 121 10.32 -31.68 -23.01
N LEU A 122 10.01 -31.17 -21.80
CA LEU A 122 10.92 -30.46 -20.91
C LEU A 122 12.14 -31.33 -20.54
N THR A 123 11.93 -32.60 -20.15
CA THR A 123 13.01 -33.54 -19.80
C THR A 123 13.87 -33.84 -21.02
N MET A 124 13.23 -34.05 -22.15
CA MET A 124 13.87 -34.36 -23.42
C MET A 124 14.82 -33.27 -23.92
N GLU A 125 14.38 -32.00 -23.97
CA GLU A 125 15.21 -30.92 -24.48
C GLU A 125 16.19 -30.34 -23.45
N SER A 126 15.93 -30.51 -22.16
CA SER A 126 16.81 -29.94 -21.14
C SER A 126 17.71 -30.97 -20.44
N GLY A 127 17.28 -32.22 -20.42
CA GLY A 127 18.00 -33.29 -19.75
C GLY A 127 17.70 -33.37 -18.26
N LYS A 128 16.78 -32.51 -17.74
CA LYS A 128 16.45 -32.55 -16.32
C LYS A 128 15.55 -33.75 -15.99
N PRO A 129 15.77 -34.43 -14.82
CA PRO A 129 14.91 -35.57 -14.46
C PRO A 129 13.40 -35.26 -14.59
N ILE A 130 12.59 -36.25 -14.99
CA ILE A 130 11.14 -36.10 -15.17
C ILE A 130 10.44 -35.53 -13.91
N LYS A 131 10.92 -35.87 -12.70
CA LYS A 131 10.38 -35.35 -11.44
C LYS A 131 10.56 -33.82 -11.38
N ASP A 132 11.73 -33.33 -11.81
CA ASP A 132 12.07 -31.90 -11.84
C ASP A 132 11.31 -31.19 -12.95
N ALA A 133 11.12 -31.87 -14.11
CA ALA A 133 10.36 -31.34 -15.23
C ALA A 133 8.89 -31.15 -14.85
N ARG A 134 8.31 -32.11 -14.07
CA ARG A 134 6.92 -32.02 -13.57
C ARG A 134 6.81 -30.88 -12.56
N GLY A 135 7.83 -30.73 -11.72
CA GLY A 135 7.93 -29.63 -10.75
C GLY A 135 7.95 -28.28 -11.44
N GLU A 136 8.62 -28.19 -12.61
CA GLU A 136 8.71 -26.96 -13.41
C GLU A 136 7.36 -26.60 -14.05
N VAL A 137 6.60 -27.61 -14.55
CA VAL A 137 5.27 -27.40 -15.16
C VAL A 137 4.29 -26.91 -14.07
N THR A 138 4.38 -27.47 -12.85
CA THR A 138 3.58 -27.06 -11.70
C THR A 138 3.86 -25.60 -11.35
N ARG A 139 5.15 -25.21 -11.29
CA ARG A 139 5.55 -23.84 -10.97
C ARG A 139 5.13 -22.83 -12.07
N THR A 140 5.08 -23.30 -13.35
CA THR A 140 4.66 -22.49 -14.51
C THR A 140 3.16 -22.20 -14.42
N ILE A 141 2.36 -23.21 -13.97
CA ILE A 141 0.94 -23.07 -13.72
C ILE A 141 0.77 -21.99 -12.64
N ASP A 142 1.54 -22.08 -11.54
CA ASP A 142 1.52 -21.10 -10.46
C ASP A 142 1.85 -19.69 -10.96
N THR A 143 2.88 -19.55 -11.81
CA THR A 143 3.31 -18.28 -12.37
C THR A 143 2.20 -17.61 -13.18
N PHE A 144 1.58 -18.36 -14.12
CA PHE A 144 0.47 -17.87 -14.96
C PHE A 144 -0.78 -17.57 -14.14
N GLN A 145 -1.03 -18.34 -13.06
CA GLN A 145 -2.14 -18.15 -12.14
C GLN A 145 -1.94 -16.88 -11.31
N VAL A 146 -0.72 -16.66 -10.75
CA VAL A 146 -0.38 -15.43 -10.01
C VAL A 146 -0.58 -14.21 -10.96
N ALA A 147 -0.18 -14.34 -12.23
CA ALA A 147 -0.32 -13.27 -13.24
C ALA A 147 -1.77 -12.95 -13.54
N ALA A 148 -2.63 -13.99 -13.66
CA ALA A 148 -4.08 -13.83 -13.90
C ALA A 148 -4.72 -13.00 -12.79
N GLU A 149 -4.35 -13.28 -11.53
CA GLU A 149 -4.88 -12.58 -10.36
C GLU A 149 -4.35 -11.16 -10.27
N GLU A 150 -3.09 -10.94 -10.66
CA GLU A 150 -2.45 -9.63 -10.63
C GLU A 150 -2.96 -8.70 -11.74
N SER A 151 -3.42 -9.25 -12.87
CA SER A 151 -3.92 -8.52 -14.03
C SER A 151 -5.13 -7.63 -13.72
N VAL A 152 -5.95 -8.01 -12.71
CA VAL A 152 -7.15 -7.32 -12.23
C VAL A 152 -6.86 -6.50 -10.94
N ARG A 153 -5.57 -6.36 -10.57
CA ARG A 153 -5.11 -5.66 -9.37
C ARG A 153 -4.05 -4.62 -9.63
N ILE A 154 -4.04 -3.98 -10.81
CA ILE A 154 -3.05 -2.93 -11.04
C ILE A 154 -3.63 -1.64 -10.44
N TYR A 155 -3.32 -1.39 -9.16
CA TYR A 155 -3.84 -0.23 -8.44
C TYR A 155 -3.04 1.01 -8.70
N GLY A 156 -3.74 2.13 -8.66
CA GLY A 156 -3.15 3.45 -8.78
C GLY A 156 -3.28 4.16 -7.43
N GLU A 157 -2.88 5.41 -7.39
CA GLU A 157 -2.93 6.18 -6.16
C GLU A 157 -3.68 7.48 -6.37
N HIS A 158 -4.40 7.93 -5.36
CA HIS A 158 -4.96 9.26 -5.33
C HIS A 158 -4.06 9.97 -4.31
N ILE A 159 -3.34 11.00 -4.77
CA ILE A 159 -2.39 11.68 -3.90
C ILE A 159 -2.77 13.16 -3.64
N PRO A 160 -2.72 13.61 -2.38
CA PRO A 160 -2.91 15.05 -2.12
C PRO A 160 -1.66 15.79 -2.60
N LEU A 161 -1.81 16.94 -3.27
CA LEU A 161 -0.60 17.61 -3.72
C LEU A 161 -0.43 19.01 -3.06
N ASP A 162 -1.39 19.40 -2.20
CA ASP A 162 -1.37 20.64 -1.42
C ASP A 162 -0.55 20.42 -0.14
N ILE A 163 0.73 20.11 -0.31
CA ILE A 163 1.70 19.83 0.77
C ILE A 163 2.21 21.10 1.43
N SER A 164 2.05 22.24 0.74
CA SER A 164 2.45 23.57 1.19
C SER A 164 1.53 24.59 0.56
N ALA A 165 1.50 25.82 1.11
CA ALA A 165 0.61 26.90 0.67
C ALA A 165 0.69 27.23 -0.82
N ARG A 166 1.90 27.18 -1.43
CA ARG A 166 2.11 27.45 -2.85
C ARG A 166 1.37 26.41 -3.73
N ASN A 167 1.18 25.20 -3.20
CA ASN A 167 0.53 24.07 -3.85
C ASN A 167 -0.98 23.93 -3.53
N LYS A 168 -1.60 24.99 -2.99
CA LYS A 168 -3.03 25.03 -2.65
C LYS A 168 -3.89 24.62 -3.88
N GLY A 169 -4.93 23.80 -3.61
CA GLY A 169 -5.89 23.36 -4.61
C GLY A 169 -5.40 22.31 -5.58
N LEU A 170 -4.30 21.62 -5.25
CA LEU A 170 -3.73 20.59 -6.11
C LEU A 170 -3.90 19.19 -5.52
N GLN A 171 -4.24 18.25 -6.40
CA GLN A 171 -4.38 16.81 -6.11
C GLN A 171 -3.91 16.07 -7.35
N GLY A 172 -3.56 14.80 -7.17
CA GLY A 172 -3.08 13.99 -8.27
C GLY A 172 -3.64 12.59 -8.29
N ILE A 173 -3.73 12.02 -9.50
CA ILE A 173 -4.13 10.64 -9.74
C ILE A 173 -2.91 10.01 -10.37
N VAL A 174 -2.28 9.06 -9.69
CA VAL A 174 -1.11 8.35 -10.19
C VAL A 174 -1.58 7.00 -10.72
N LYS A 175 -1.33 6.73 -12.00
CA LYS A 175 -1.77 5.51 -12.67
C LYS A 175 -0.61 4.92 -13.45
N LYS A 176 -0.57 3.58 -13.59
CA LYS A 176 0.46 2.84 -14.29
C LYS A 176 -0.01 2.41 -15.67
N PHE A 177 0.85 2.59 -16.68
CA PHE A 177 0.55 2.27 -18.08
C PHE A 177 1.56 1.28 -18.67
N PRO A 178 1.16 0.40 -19.63
CA PRO A 178 2.15 -0.52 -20.24
C PRO A 178 3.31 0.25 -20.87
N ILE A 179 4.55 -0.21 -20.61
CA ILE A 179 5.79 0.39 -21.16
C ILE A 179 5.84 0.34 -22.71
N GLY A 180 5.23 -0.70 -23.30
CA GLY A 180 5.18 -0.91 -24.76
C GLY A 180 5.82 -2.23 -25.16
N PRO A 181 6.25 -2.40 -26.45
CA PRO A 181 6.89 -3.68 -26.87
C PRO A 181 8.11 -4.10 -26.04
N VAL A 182 8.15 -5.39 -25.66
CA VAL A 182 9.18 -5.99 -24.81
C VAL A 182 9.98 -7.04 -25.60
N SER A 183 11.33 -6.97 -25.52
CA SER A 183 12.25 -7.96 -26.09
C SER A 183 12.60 -8.95 -24.98
N MET A 184 12.31 -10.23 -25.19
CA MET A 184 12.55 -11.27 -24.18
C MET A 184 13.58 -12.24 -24.68
N VAL A 185 14.58 -12.52 -23.84
CA VAL A 185 15.66 -13.44 -24.14
C VAL A 185 15.72 -14.38 -22.94
N SER A 186 15.28 -15.63 -23.15
CA SER A 186 15.13 -16.65 -22.11
C SER A 186 16.24 -17.72 -22.08
N PRO A 187 16.45 -18.42 -20.93
CA PRO A 187 17.55 -19.40 -20.84
C PRO A 187 17.15 -20.86 -21.18
N TRP A 188 18.13 -21.79 -21.02
CA TRP A 188 17.93 -23.22 -21.28
C TRP A 188 17.75 -24.06 -20.03
N ASN A 189 18.12 -23.52 -18.83
CA ASN A 189 18.03 -24.29 -17.57
C ASN A 189 16.58 -24.46 -17.05
N PHE A 190 15.70 -23.48 -17.31
CA PHE A 190 14.26 -23.56 -17.02
C PHE A 190 13.56 -23.09 -18.30
N PRO A 191 13.50 -23.95 -19.34
CA PRO A 191 12.93 -23.54 -20.64
C PRO A 191 11.48 -23.07 -20.60
N LEU A 192 10.73 -23.46 -19.57
CA LEU A 192 9.33 -23.10 -19.46
C LEU A 192 9.08 -22.05 -18.40
N ASN A 193 9.48 -22.31 -17.14
CA ASN A 193 9.21 -21.38 -16.06
C ASN A 193 9.92 -20.04 -16.22
N LEU A 194 11.14 -20.02 -16.77
CA LEU A 194 11.83 -18.74 -16.92
C LEU A 194 11.31 -17.97 -18.15
N VAL A 195 10.54 -18.65 -19.02
CA VAL A 195 9.81 -18.01 -20.11
C VAL A 195 8.54 -17.39 -19.50
N ALA A 196 7.80 -18.19 -18.67
CA ALA A 196 6.58 -17.80 -17.96
C ALA A 196 6.79 -16.52 -17.13
N HIS A 197 7.96 -16.42 -16.45
CA HIS A 197 8.30 -15.26 -15.62
C HIS A 197 8.51 -13.96 -16.42
N LYS A 198 8.46 -14.03 -17.76
CA LYS A 198 8.57 -12.86 -18.63
C LYS A 198 7.27 -12.63 -19.39
N VAL A 199 6.72 -13.71 -19.95
CA VAL A 199 5.49 -13.75 -20.75
C VAL A 199 4.24 -13.45 -19.92
N ALA A 200 4.06 -14.14 -18.76
CA ALA A 200 2.88 -13.93 -17.90
C ALA A 200 2.79 -12.45 -17.41
N PRO A 201 3.87 -11.79 -16.87
CA PRO A 201 3.74 -10.36 -16.49
C PRO A 201 3.40 -9.44 -17.66
N ALA A 202 3.96 -9.68 -18.86
CA ALA A 202 3.72 -8.89 -20.07
C ALA A 202 2.25 -8.90 -20.48
N ILE A 203 1.61 -10.08 -20.45
CA ILE A 203 0.18 -10.26 -20.75
C ILE A 203 -0.68 -9.64 -19.62
N ALA A 204 -0.31 -9.85 -18.34
CA ALA A 204 -1.00 -9.28 -17.17
C ALA A 204 -1.07 -7.72 -17.23
N VAL A 205 -0.03 -7.07 -17.79
CA VAL A 205 0.07 -5.62 -17.94
C VAL A 205 -0.56 -5.13 -19.26
N GLY A 206 -0.40 -5.90 -20.33
CA GLY A 206 -0.88 -5.53 -21.65
C GLY A 206 0.23 -4.99 -22.54
N CYS A 207 1.39 -5.69 -22.53
CA CYS A 207 2.59 -5.37 -23.33
C CYS A 207 2.76 -6.39 -24.45
N PRO A 208 2.82 -5.98 -25.73
CA PRO A 208 3.15 -6.95 -26.80
C PRO A 208 4.62 -7.36 -26.64
N PHE A 209 4.98 -8.55 -27.11
CA PHE A 209 6.36 -9.02 -26.94
C PHE A 209 6.89 -9.85 -28.10
N VAL A 210 8.22 -9.88 -28.23
CA VAL A 210 8.93 -10.71 -29.20
C VAL A 210 9.94 -11.50 -28.35
N LEU A 211 9.74 -12.82 -28.25
CA LEU A 211 10.58 -13.68 -27.43
C LEU A 211 11.59 -14.49 -28.25
N LYS A 212 12.85 -14.42 -27.82
CA LYS A 212 13.93 -15.20 -28.38
C LYS A 212 14.15 -16.36 -27.40
N PRO A 213 13.64 -17.57 -27.67
CA PRO A 213 13.94 -18.68 -26.74
C PRO A 213 15.36 -19.20 -26.96
N ALA A 214 15.94 -19.89 -25.96
CA ALA A 214 17.28 -20.48 -26.11
C ALA A 214 17.19 -21.54 -27.21
N SER A 215 18.20 -21.52 -28.12
CA SER A 215 18.26 -22.41 -29.28
C SER A 215 18.41 -23.88 -28.92
N ARG A 216 18.97 -24.18 -27.75
CA ARG A 216 19.14 -25.55 -27.26
C ARG A 216 17.84 -26.12 -26.71
N THR A 217 16.94 -25.24 -26.18
CA THR A 217 15.66 -25.63 -25.57
C THR A 217 14.48 -24.72 -26.02
N PRO A 218 14.08 -24.67 -27.31
CA PRO A 218 12.97 -23.76 -27.69
C PRO A 218 11.57 -24.35 -27.68
N LEU A 219 11.44 -25.68 -27.52
CA LEU A 219 10.16 -26.39 -27.59
C LEU A 219 9.16 -25.96 -26.53
N SER A 220 9.61 -25.75 -25.28
CA SER A 220 8.76 -25.28 -24.20
C SER A 220 8.12 -23.93 -24.55
N ALA A 221 8.92 -23.01 -25.13
CA ALA A 221 8.44 -21.70 -25.54
C ALA A 221 7.48 -21.80 -26.71
N LEU A 222 7.71 -22.76 -27.59
CA LEU A 222 6.86 -22.99 -28.74
C LEU A 222 5.52 -23.62 -28.36
N ILE A 223 5.48 -24.38 -27.23
CA ILE A 223 4.24 -24.95 -26.71
C ILE A 223 3.36 -23.79 -26.20
N LEU A 224 3.95 -22.81 -25.45
CA LEU A 224 3.23 -21.62 -25.01
C LEU A 224 2.64 -20.83 -26.21
N GLY A 225 3.40 -20.79 -27.29
CA GLY A 225 3.02 -20.14 -28.55
C GLY A 225 1.81 -20.80 -29.17
N GLU A 226 1.75 -22.15 -29.14
CA GLU A 226 0.62 -22.95 -29.66
C GLU A 226 -0.64 -22.62 -28.90
N ILE A 227 -0.50 -22.53 -27.55
CA ILE A 227 -1.53 -22.18 -26.58
C ILE A 227 -2.03 -20.74 -26.83
N LEU A 228 -1.13 -19.74 -26.83
CA LEU A 228 -1.46 -18.33 -27.05
C LEU A 228 -2.10 -18.08 -28.41
N HIS A 229 -1.63 -18.77 -29.45
CA HIS A 229 -2.15 -18.63 -30.80
C HIS A 229 -3.67 -18.90 -30.89
N LYS A 230 -4.20 -19.81 -30.04
CA LYS A 230 -5.61 -20.16 -30.02
C LYS A 230 -6.50 -19.23 -29.15
N ILE A 231 -5.90 -18.28 -28.40
CA ILE A 231 -6.65 -17.37 -27.53
C ILE A 231 -7.11 -16.11 -28.30
N GLU A 232 -8.43 -16.04 -28.54
CA GLU A 232 -9.14 -14.97 -29.27
C GLU A 232 -8.99 -13.57 -28.67
N GLU A 233 -9.00 -13.46 -27.33
CA GLU A 233 -8.90 -12.20 -26.56
C GLU A 233 -7.60 -11.44 -26.84
N LEU A 234 -6.51 -12.19 -27.11
CA LEU A 234 -5.19 -11.64 -27.38
C LEU A 234 -5.12 -11.02 -28.80
N PRO A 235 -4.87 -9.69 -28.94
CA PRO A 235 -4.84 -9.07 -30.28
C PRO A 235 -3.83 -9.66 -31.27
N LEU A 236 -4.09 -9.52 -32.58
CA LEU A 236 -3.18 -10.00 -33.62
C LEU A 236 -1.88 -9.21 -33.60
N GLY A 237 -0.77 -9.93 -33.55
CA GLY A 237 0.58 -9.36 -33.50
C GLY A 237 1.12 -9.14 -32.10
N ALA A 238 0.33 -9.49 -31.05
CA ALA A 238 0.69 -9.35 -29.63
C ALA A 238 1.91 -10.18 -29.26
N PHE A 239 2.14 -11.31 -29.94
CA PHE A 239 3.30 -12.13 -29.61
C PHE A 239 3.99 -12.74 -30.84
N SER A 240 5.29 -12.95 -30.67
CA SER A 240 6.17 -13.63 -31.61
C SER A 240 7.20 -14.41 -30.79
N ILE A 241 7.39 -15.70 -31.09
CA ILE A 241 8.38 -16.58 -30.45
C ILE A 241 9.21 -17.14 -31.59
N LEU A 242 10.43 -16.58 -31.70
CA LEU A 242 11.36 -16.86 -32.78
C LEU A 242 12.74 -17.33 -32.33
N PRO A 243 13.07 -18.63 -32.47
CA PRO A 243 14.46 -19.04 -32.25
C PRO A 243 15.28 -18.41 -33.40
N VAL A 244 16.34 -17.71 -33.07
CA VAL A 244 17.10 -17.02 -34.12
C VAL A 244 18.56 -17.43 -34.13
N SER A 245 19.17 -17.35 -35.33
CA SER A 245 20.60 -17.59 -35.59
C SER A 245 21.43 -16.51 -34.90
N ARG A 246 22.73 -16.75 -34.80
CA ARG A 246 23.67 -15.84 -34.17
C ARG A 246 23.79 -14.54 -34.97
N GLU A 247 23.67 -14.60 -36.30
CA GLU A 247 23.80 -13.44 -37.19
C GLU A 247 22.68 -12.40 -37.04
N ASP A 248 21.53 -12.82 -36.50
CA ASP A 248 20.36 -11.96 -36.31
C ASP A 248 20.01 -11.68 -34.84
N ALA A 249 20.58 -12.45 -33.89
CA ALA A 249 20.33 -12.34 -32.43
C ALA A 249 20.46 -10.94 -31.84
N ASP A 250 21.32 -10.08 -32.42
CA ASP A 250 21.59 -8.73 -31.93
C ASP A 250 20.40 -7.77 -32.02
N MET A 251 19.39 -8.09 -32.86
CA MET A 251 18.19 -7.25 -33.00
C MET A 251 17.42 -7.11 -31.69
N PHE A 252 17.43 -8.18 -30.88
CA PHE A 252 16.80 -8.26 -29.56
C PHE A 252 17.45 -7.31 -28.56
N THR A 253 18.72 -6.92 -28.80
CA THR A 253 19.43 -6.02 -27.94
C THR A 253 19.28 -4.55 -28.37
N VAL A 254 19.57 -4.27 -29.64
CA VAL A 254 19.71 -2.91 -30.16
C VAL A 254 18.43 -2.25 -30.73
N ASP A 255 17.42 -3.03 -31.20
CA ASP A 255 16.24 -2.43 -31.83
C ASP A 255 15.52 -1.36 -30.98
N GLU A 256 15.41 -0.15 -31.56
CA GLU A 256 14.81 1.03 -30.93
C GLU A 256 13.31 0.93 -30.73
N ARG A 257 12.62 0.04 -31.47
CA ARG A 257 11.17 -0.17 -31.35
C ARG A 257 10.78 -0.86 -30.03
N PHE A 258 11.71 -1.60 -29.39
CA PHE A 258 11.47 -2.23 -28.09
C PHE A 258 11.70 -1.18 -26.99
N LYS A 259 10.84 -1.18 -25.97
CA LYS A 259 10.89 -0.24 -24.85
C LYS A 259 11.57 -0.84 -23.62
N LEU A 260 11.59 -2.18 -23.55
CA LEU A 260 12.20 -2.95 -22.48
C LEU A 260 12.92 -4.19 -23.07
N LEU A 261 14.09 -4.50 -22.50
CA LEU A 261 14.84 -5.70 -22.77
C LEU A 261 14.89 -6.46 -21.45
N THR A 262 14.36 -7.68 -21.44
CA THR A 262 14.41 -8.53 -20.26
C THR A 262 15.13 -9.84 -20.60
N PHE A 263 16.29 -10.03 -19.96
CA PHE A 263 17.18 -11.16 -20.23
C PHE A 263 17.45 -12.00 -18.98
N THR A 264 17.50 -13.32 -19.18
CA THR A 264 17.89 -14.29 -18.17
C THR A 264 18.93 -15.19 -18.83
N GLY A 265 20.11 -15.23 -18.23
CA GLY A 265 21.20 -16.05 -18.73
C GLY A 265 22.56 -15.69 -18.20
N SER A 266 23.59 -15.85 -19.06
CA SER A 266 25.00 -15.60 -18.75
C SER A 266 25.28 -14.14 -18.49
N GLY A 267 25.98 -13.90 -17.38
CA GLY A 267 26.41 -12.58 -16.92
C GLY A 267 27.17 -11.79 -17.95
N PRO A 268 28.31 -12.31 -18.50
CA PRO A 268 29.07 -11.53 -19.51
C PRO A 268 28.27 -11.11 -20.73
N ILE A 269 27.32 -11.98 -21.17
CA ILE A 269 26.41 -11.72 -22.30
C ILE A 269 25.41 -10.64 -21.90
N GLY A 270 24.78 -10.82 -20.73
CA GLY A 270 23.82 -9.89 -20.15
C GLY A 270 24.35 -8.48 -19.98
N TRP A 271 25.49 -8.34 -19.29
CA TRP A 271 26.12 -7.03 -19.08
C TRP A 271 26.46 -6.35 -20.41
N ASP A 272 26.92 -7.11 -21.42
CA ASP A 272 27.21 -6.59 -22.75
C ASP A 272 25.92 -6.12 -23.47
N MET A 273 24.82 -6.84 -23.30
CA MET A 273 23.49 -6.48 -23.83
C MET A 273 22.99 -5.16 -23.21
N LYS A 274 23.16 -5.01 -21.87
CA LYS A 274 22.81 -3.79 -21.12
C LYS A 274 23.57 -2.58 -21.69
N ALA A 275 24.90 -2.74 -21.95
CA ALA A 275 25.79 -1.72 -22.50
C ALA A 275 25.41 -1.27 -23.89
N ARG A 276 24.89 -2.19 -24.72
CA ARG A 276 24.56 -1.93 -26.13
C ARG A 276 23.07 -1.80 -26.46
N ALA A 277 22.20 -1.91 -25.44
CA ALA A 277 20.73 -1.81 -25.52
C ALA A 277 20.17 -0.49 -26.09
N GLY A 278 20.92 0.60 -25.98
CA GLY A 278 20.47 1.91 -26.41
C GLY A 278 19.66 2.59 -25.32
N LYS A 279 18.54 3.22 -25.70
CA LYS A 279 17.69 4.00 -24.79
C LYS A 279 16.73 3.17 -23.91
N LYS A 280 16.36 1.96 -24.35
CA LYS A 280 15.43 1.06 -23.64
C LYS A 280 15.87 0.70 -22.20
N LYS A 281 14.89 0.39 -21.34
CA LYS A 281 15.10 -0.09 -19.98
C LYS A 281 15.57 -1.55 -20.09
N VAL A 282 16.35 -2.00 -19.10
CA VAL A 282 16.93 -3.34 -19.11
C VAL A 282 16.70 -4.04 -17.77
N VAL A 283 16.29 -5.32 -17.83
CA VAL A 283 16.04 -6.19 -16.67
C VAL A 283 16.97 -7.38 -16.87
N MET A 284 17.76 -7.73 -15.84
CA MET A 284 18.75 -8.81 -15.97
C MET A 284 18.68 -9.79 -14.82
N GLU A 285 18.54 -11.08 -15.16
CA GLU A 285 18.57 -12.18 -14.21
C GLU A 285 19.79 -12.99 -14.61
N LEU A 286 20.89 -12.87 -13.85
CA LEU A 286 22.12 -13.57 -14.25
C LEU A 286 22.54 -14.60 -13.22
N GLY A 287 23.77 -15.09 -13.30
CA GLY A 287 24.27 -16.13 -12.41
C GLY A 287 24.41 -15.83 -10.93
N GLY A 288 24.95 -16.80 -10.20
CA GLY A 288 25.17 -16.70 -8.77
C GLY A 288 26.20 -17.68 -8.27
N ASN A 289 26.67 -17.46 -7.05
CA ASN A 289 27.62 -18.32 -6.37
C ASN A 289 27.11 -18.34 -4.93
N ALA A 290 25.91 -18.96 -4.79
CA ALA A 290 25.12 -19.01 -3.56
C ALA A 290 25.74 -19.79 -2.42
N PRO A 291 25.93 -19.10 -1.27
CA PRO A 291 26.44 -19.79 -0.07
C PRO A 291 25.30 -20.21 0.89
N CYS A 292 25.62 -21.08 1.84
CA CYS A 292 24.71 -21.51 2.91
C CYS A 292 25.48 -21.65 4.21
N ILE A 293 24.92 -21.11 5.30
CA ILE A 293 25.49 -21.21 6.65
C ILE A 293 24.70 -22.28 7.43
N VAL A 294 25.40 -23.25 8.02
CA VAL A 294 24.79 -24.24 8.89
C VAL A 294 25.34 -23.96 10.30
N ASP A 295 24.50 -23.31 11.12
CA ASP A 295 24.84 -22.95 12.50
C ASP A 295 24.05 -23.76 13.51
N ASP A 296 23.02 -24.50 13.02
CA ASP A 296 22.13 -25.39 13.78
C ASP A 296 21.47 -26.38 12.81
N TYR A 297 20.76 -27.39 13.35
CA TYR A 297 19.98 -28.35 12.57
C TYR A 297 18.52 -27.93 12.77
N VAL A 298 17.85 -27.44 11.71
CA VAL A 298 16.46 -26.99 11.84
C VAL A 298 15.49 -27.74 10.91
N PRO A 299 14.52 -28.55 11.44
CA PRO A 299 14.28 -28.88 12.85
C PRO A 299 15.21 -29.96 13.42
N ASP A 300 15.83 -30.77 12.54
CA ASP A 300 16.75 -31.84 12.91
C ASP A 300 17.80 -32.07 11.82
N LEU A 301 18.79 -32.95 12.10
CA LEU A 301 19.88 -33.25 11.18
C LEU A 301 19.39 -33.83 9.87
N ASP A 302 18.47 -34.81 9.93
CA ASP A 302 17.92 -35.45 8.74
C ASP A 302 17.32 -34.45 7.76
N TYR A 303 16.47 -33.52 8.27
CA TYR A 303 15.85 -32.51 7.43
C TYR A 303 16.86 -31.49 6.90
N THR A 304 17.87 -31.09 7.70
CA THR A 304 18.94 -30.17 7.28
C THR A 304 19.71 -30.73 6.08
N ILE A 305 20.23 -31.99 6.21
CA ILE A 305 20.96 -32.74 5.17
C ILE A 305 20.14 -32.81 3.88
N GLN A 306 18.84 -33.17 4.00
CA GLN A 306 17.86 -33.30 2.91
C GLN A 306 17.73 -31.97 2.14
N ARG A 307 17.68 -30.86 2.88
CA ARG A 307 17.57 -29.51 2.32
C ARG A 307 18.86 -29.05 1.68
N LEU A 308 20.01 -29.44 2.26
CA LEU A 308 21.36 -29.14 1.75
C LEU A 308 21.61 -29.94 0.48
N ILE A 309 21.03 -31.16 0.37
CA ILE A 309 21.12 -31.99 -0.82
C ILE A 309 20.29 -31.34 -1.96
N ASN A 310 19.04 -30.92 -1.68
CA ASN A 310 18.22 -30.23 -2.67
C ASN A 310 18.94 -28.99 -3.23
N GLY A 311 19.58 -28.21 -2.35
CA GLY A 311 20.31 -27.01 -2.74
C GLY A 311 21.56 -27.25 -3.56
N GLY A 312 22.40 -28.16 -3.08
CA GLY A 312 23.65 -28.52 -3.73
C GLY A 312 23.52 -29.20 -5.08
N PHE A 313 22.37 -29.86 -5.32
CA PHE A 313 22.08 -30.63 -6.53
C PHE A 313 20.69 -30.26 -7.10
N TYR A 314 20.43 -28.95 -7.15
CA TYR A 314 19.21 -28.32 -7.66
C TYR A 314 19.36 -28.27 -9.17
N GLN A 315 18.64 -29.16 -9.89
CA GLN A 315 18.67 -29.31 -11.36
C GLN A 315 20.09 -29.72 -11.82
N GLY A 316 20.77 -30.50 -11.00
CA GLY A 316 22.15 -30.91 -11.20
C GLY A 316 23.11 -29.74 -11.10
N GLY A 317 22.75 -28.76 -10.28
CA GLY A 317 23.53 -27.54 -10.08
C GLY A 317 23.37 -26.51 -11.18
N GLN A 318 22.63 -26.87 -12.26
CA GLN A 318 22.38 -26.01 -13.41
C GLN A 318 21.25 -25.03 -13.08
N SER A 319 21.50 -24.21 -12.05
CA SER A 319 20.59 -23.22 -11.50
C SER A 319 21.37 -21.99 -11.02
N CYS A 320 20.80 -20.80 -11.26
CA CYS A 320 21.36 -19.51 -10.84
C CYS A 320 21.40 -19.41 -9.30
N ILE A 321 20.59 -20.22 -8.58
CA ILE A 321 20.52 -20.25 -7.09
C ILE A 321 21.00 -21.61 -6.50
N HIS A 322 21.73 -22.43 -7.29
CA HIS A 322 22.37 -23.67 -6.85
C HIS A 322 23.26 -23.36 -5.64
N MET A 323 23.20 -24.17 -4.56
CA MET A 323 24.04 -23.93 -3.38
C MET A 323 25.43 -24.44 -3.71
N GLN A 324 26.31 -23.51 -4.08
CA GLN A 324 27.68 -23.83 -4.48
C GLN A 324 28.63 -23.93 -3.31
N ARG A 325 28.45 -23.08 -2.28
CA ARG A 325 29.32 -23.00 -1.12
C ARG A 325 28.56 -23.32 0.18
N LEU A 326 29.15 -24.20 1.00
CA LEU A 326 28.55 -24.62 2.25
C LEU A 326 29.50 -24.37 3.41
N TYR A 327 29.08 -23.51 4.36
CA TYR A 327 29.82 -23.11 5.55
C TYR A 327 29.15 -23.73 6.76
N VAL A 328 29.86 -24.63 7.46
CA VAL A 328 29.34 -25.35 8.62
C VAL A 328 30.12 -24.98 9.88
N HIS A 329 29.42 -24.75 11.01
CA HIS A 329 30.08 -24.41 12.26
C HIS A 329 30.92 -25.61 12.75
N GLU A 330 32.16 -25.30 13.20
CA GLU A 330 33.18 -26.21 13.74
C GLU A 330 32.60 -27.31 14.64
N ARG A 331 31.61 -26.98 15.49
CA ARG A 331 31.01 -27.97 16.40
C ARG A 331 30.15 -29.02 15.67
N LEU A 332 29.59 -28.65 14.50
CA LEU A 332 28.69 -29.49 13.69
C LEU A 332 29.36 -30.12 12.48
N TYR A 333 30.54 -29.59 12.09
CA TYR A 333 31.29 -29.93 10.89
C TYR A 333 31.39 -31.43 10.55
N ASP A 334 32.02 -32.25 11.43
CA ASP A 334 32.22 -33.68 11.16
C ASP A 334 30.93 -34.45 10.95
N GLU A 335 29.87 -34.14 11.73
CA GLU A 335 28.56 -34.76 11.63
C GLU A 335 27.88 -34.39 10.29
N VAL A 336 27.93 -33.09 9.88
CA VAL A 336 27.35 -32.61 8.63
C VAL A 336 28.10 -33.18 7.42
N LYS A 337 29.45 -33.12 7.43
CA LYS A 337 30.31 -33.65 6.37
C LYS A 337 29.98 -35.13 6.11
N GLU A 338 29.97 -35.96 7.17
CA GLU A 338 29.65 -37.39 7.10
C GLU A 338 28.27 -37.68 6.52
N GLY A 339 27.23 -37.03 7.04
CA GLY A 339 25.86 -37.21 6.60
C GLY A 339 25.59 -36.67 5.19
N PHE A 340 26.14 -35.49 4.87
CA PHE A 340 25.99 -34.86 3.55
C PHE A 340 26.69 -35.69 2.47
N VAL A 341 27.96 -36.09 2.70
CA VAL A 341 28.70 -36.92 1.73
C VAL A 341 28.00 -38.29 1.55
N ALA A 342 27.52 -38.91 2.64
CA ALA A 342 26.81 -40.20 2.57
C ALA A 342 25.54 -40.06 1.72
N ALA A 343 24.81 -38.94 1.86
CA ALA A 343 23.59 -38.69 1.10
C ALA A 343 23.90 -38.41 -0.39
N VAL A 344 25.03 -37.75 -0.67
CA VAL A 344 25.50 -37.43 -2.04
C VAL A 344 25.74 -38.76 -2.78
N LYS A 345 26.38 -39.72 -2.08
CA LYS A 345 26.73 -41.07 -2.56
C LYS A 345 25.51 -41.90 -2.95
N LYS A 346 24.33 -41.58 -2.37
CA LYS A 346 23.08 -42.28 -2.61
C LYS A 346 22.28 -41.72 -3.79
N LEU A 347 22.62 -40.49 -4.27
CA LEU A 347 21.90 -39.82 -5.36
C LEU A 347 21.98 -40.58 -6.69
N LYS A 348 20.82 -40.92 -7.29
CA LYS A 348 20.74 -41.67 -8.55
C LYS A 348 20.99 -40.76 -9.73
N MET A 349 22.02 -41.10 -10.50
CA MET A 349 22.44 -40.40 -11.71
C MET A 349 22.20 -41.33 -12.89
N GLY A 350 21.50 -40.82 -13.92
CA GLY A 350 21.23 -41.63 -15.10
C GLY A 350 20.19 -41.04 -16.03
N ASN A 351 19.45 -41.91 -16.73
CA ASN A 351 18.38 -41.60 -17.67
C ASN A 351 17.34 -40.68 -17.01
N PRO A 352 17.22 -39.41 -17.49
CA PRO A 352 16.29 -38.47 -16.82
C PRO A 352 14.81 -38.85 -16.96
N PHE A 353 14.48 -39.76 -17.91
CA PHE A 353 13.10 -40.23 -18.09
C PHE A 353 12.67 -41.23 -17.03
N GLU A 354 13.63 -41.76 -16.25
CA GLU A 354 13.35 -42.71 -15.17
C GLU A 354 12.83 -41.92 -13.97
N GLU A 355 11.77 -42.42 -13.33
CA GLU A 355 11.08 -41.79 -12.22
C GLU A 355 11.95 -41.59 -10.98
N ASP A 356 12.92 -42.49 -10.73
CA ASP A 356 13.79 -42.43 -9.56
C ASP A 356 15.15 -41.71 -9.82
N THR A 357 15.37 -41.14 -11.02
CA THR A 357 16.60 -40.41 -11.34
C THR A 357 16.58 -39.05 -10.64
N TYR A 358 17.61 -38.78 -9.83
CA TYR A 358 17.76 -37.52 -9.13
C TYR A 358 18.61 -36.57 -9.95
N LEU A 359 19.62 -37.10 -10.64
CA LEU A 359 20.60 -36.34 -11.40
C LEU A 359 20.72 -36.77 -12.86
N GLY A 360 20.33 -35.88 -13.77
CA GLY A 360 20.42 -36.11 -15.21
C GLY A 360 21.74 -35.64 -15.79
N PRO A 361 21.92 -35.63 -17.13
CA PRO A 361 23.20 -35.16 -17.68
C PRO A 361 23.26 -33.63 -17.72
N MET A 362 24.46 -33.07 -18.00
CA MET A 362 24.61 -31.62 -18.17
C MET A 362 24.07 -31.29 -19.58
N ILE A 363 23.84 -29.98 -19.88
CA ILE A 363 23.24 -29.55 -21.15
C ILE A 363 24.05 -30.00 -22.39
N SER A 364 25.39 -30.16 -22.25
CA SER A 364 26.29 -30.59 -23.30
C SER A 364 27.51 -31.26 -22.70
N GLU A 365 28.26 -32.01 -23.53
CA GLU A 365 29.50 -32.67 -23.12
C GLU A 365 30.59 -31.63 -22.80
N SER A 366 30.56 -30.48 -23.51
CA SER A 366 31.51 -29.38 -23.30
C SER A 366 31.28 -28.72 -21.92
N ALA A 367 30.00 -28.61 -21.50
CA ALA A 367 29.61 -28.08 -20.18
C ALA A 367 30.20 -28.99 -19.10
N ALA A 368 30.00 -30.33 -19.25
CA ALA A 368 30.51 -31.36 -18.34
C ALA A 368 32.05 -31.34 -18.27
N LYS A 369 32.74 -31.21 -19.45
CA LYS A 369 34.20 -31.12 -19.57
C LYS A 369 34.73 -29.88 -18.81
N GLY A 370 34.02 -28.76 -18.93
CA GLY A 370 34.34 -27.51 -18.25
C GLY A 370 34.30 -27.67 -16.75
N ILE A 371 33.23 -28.31 -16.22
CA ILE A 371 33.04 -28.62 -14.79
C ILE A 371 34.18 -29.55 -14.32
N GLU A 372 34.48 -30.61 -15.10
CA GLU A 372 35.54 -31.58 -14.82
C GLU A 372 36.90 -30.87 -14.65
N ASP A 373 37.21 -29.89 -15.53
CA ASP A 373 38.45 -29.11 -15.50
C ASP A 373 38.56 -28.32 -14.20
N TRP A 374 37.48 -27.61 -13.84
CA TRP A 374 37.41 -26.78 -12.63
C TRP A 374 37.52 -27.61 -11.36
N VAL A 375 37.04 -28.86 -11.38
CA VAL A 375 37.16 -29.80 -10.26
C VAL A 375 38.63 -30.20 -10.12
N LYS A 376 39.27 -30.61 -11.23
CA LYS A 376 40.69 -30.98 -11.28
C LYS A 376 41.57 -29.82 -10.84
N GLU A 377 41.23 -28.60 -11.30
CA GLU A 377 41.95 -27.37 -10.95
C GLU A 377 41.83 -27.05 -9.45
N ALA A 378 40.61 -27.21 -8.87
CA ALA A 378 40.33 -26.97 -7.45
C ALA A 378 41.18 -27.89 -6.57
N VAL A 379 41.26 -29.17 -6.97
CA VAL A 379 42.03 -30.23 -6.32
C VAL A 379 43.54 -29.94 -6.42
N ALA A 380 44.01 -29.49 -7.61
CA ALA A 380 45.42 -29.12 -7.87
C ALA A 380 45.87 -27.93 -7.04
N LYS A 381 44.94 -26.99 -6.77
CA LYS A 381 45.22 -25.79 -5.98
C LYS A 381 45.08 -26.02 -4.46
N GLY A 382 44.86 -27.26 -4.05
CA GLY A 382 44.77 -27.63 -2.63
C GLY A 382 43.44 -28.12 -2.10
N GLY A 383 42.44 -28.25 -2.97
CA GLY A 383 41.13 -28.75 -2.58
C GLY A 383 41.14 -30.26 -2.32
N LYS A 384 40.41 -30.70 -1.31
CA LYS A 384 40.33 -32.11 -0.95
C LYS A 384 39.00 -32.69 -1.43
N LEU A 385 39.05 -33.56 -2.46
CA LEU A 385 37.88 -34.20 -3.04
C LEU A 385 37.31 -35.22 -2.05
N LEU A 386 36.04 -35.04 -1.64
CA LEU A 386 35.35 -35.92 -0.68
C LEU A 386 34.58 -37.04 -1.36
N THR A 387 34.03 -36.73 -2.56
CA THR A 387 33.26 -37.67 -3.39
C THR A 387 33.09 -37.09 -4.79
N GLY A 388 32.84 -37.98 -5.76
CA GLY A 388 32.58 -37.63 -7.16
C GLY A 388 33.77 -37.10 -7.92
N GLY A 389 33.49 -36.13 -8.79
CA GLY A 389 34.51 -35.47 -9.61
C GLY A 389 34.80 -36.08 -10.96
N ASN A 390 34.22 -37.26 -11.25
CA ASN A 390 34.44 -37.96 -12.51
C ASN A 390 33.35 -37.64 -13.53
N ARG A 391 33.74 -37.65 -14.82
CA ARG A 391 32.87 -37.37 -15.96
C ARG A 391 32.62 -38.63 -16.79
N LYS A 392 31.41 -38.77 -17.33
CA LYS A 392 31.00 -39.86 -18.22
C LYS A 392 30.15 -39.18 -19.30
N GLY A 393 30.80 -38.74 -20.38
CA GLY A 393 30.16 -38.00 -21.46
C GLY A 393 29.67 -36.66 -20.96
N ALA A 394 28.35 -36.46 -20.98
CA ALA A 394 27.69 -35.25 -20.49
C ALA A 394 27.37 -35.31 -18.97
N PHE A 395 27.59 -36.47 -18.34
CA PHE A 395 27.34 -36.67 -16.92
C PHE A 395 28.55 -36.31 -16.05
N ILE A 396 28.28 -35.60 -14.94
CA ILE A 396 29.26 -35.24 -13.91
C ILE A 396 28.72 -35.84 -12.63
N GLU A 397 29.55 -36.61 -11.92
CA GLU A 397 29.17 -37.25 -10.64
C GLU A 397 28.88 -36.15 -9.62
N PRO A 398 27.88 -36.31 -8.70
CA PRO A 398 27.69 -35.28 -7.66
C PRO A 398 28.99 -35.18 -6.84
N THR A 399 29.56 -33.98 -6.79
CA THR A 399 30.87 -33.70 -6.22
C THR A 399 30.85 -32.80 -4.99
N VAL A 400 31.70 -33.13 -4.02
CA VAL A 400 31.94 -32.33 -2.81
C VAL A 400 33.45 -32.16 -2.67
N ILE A 401 33.91 -30.90 -2.61
CA ILE A 401 35.34 -30.58 -2.45
C ILE A 401 35.52 -29.68 -1.22
N GLU A 402 36.44 -30.07 -0.34
CA GLU A 402 36.75 -29.39 0.91
C GLU A 402 37.96 -28.45 0.78
N ASP A 403 37.86 -27.24 1.38
CA ASP A 403 38.89 -26.18 1.48
C ASP A 403 39.51 -25.77 0.12
N VAL A 404 38.64 -25.37 -0.83
CA VAL A 404 39.05 -24.90 -2.16
C VAL A 404 39.43 -23.40 -2.02
N PRO A 405 40.66 -23.00 -2.40
CA PRO A 405 41.03 -21.58 -2.25
C PRO A 405 40.35 -20.65 -3.28
N ILE A 406 40.29 -19.34 -2.95
CA ILE A 406 39.68 -18.29 -3.78
C ILE A 406 40.34 -18.19 -5.18
N GLU A 407 41.62 -18.62 -5.28
CA GLU A 407 42.45 -18.66 -6.49
C GLU A 407 41.81 -19.58 -7.56
N ALA A 408 41.17 -20.68 -7.11
CA ALA A 408 40.51 -21.66 -7.98
C ALA A 408 39.22 -21.10 -8.58
N ASN A 409 38.95 -21.43 -9.87
CA ASN A 409 37.77 -21.00 -10.61
C ASN A 409 36.47 -21.55 -10.00
N ALA A 410 36.53 -22.75 -9.41
CA ALA A 410 35.40 -23.42 -8.75
C ALA A 410 34.88 -22.58 -7.58
N ARG A 411 35.77 -21.87 -6.87
CA ARG A 411 35.41 -21.01 -5.75
C ARG A 411 35.05 -19.58 -6.22
N LYS A 412 35.84 -19.01 -7.13
CA LYS A 412 35.62 -17.64 -7.61
C LYS A 412 34.39 -17.49 -8.49
N GLU A 413 34.22 -18.39 -9.46
CA GLU A 413 33.14 -18.31 -10.44
C GLU A 413 31.98 -19.27 -10.22
N GLU A 414 30.84 -18.98 -10.89
CA GLU A 414 29.66 -19.84 -10.89
C GLU A 414 30.05 -21.14 -11.61
N ILE A 415 29.90 -22.30 -10.92
CA ILE A 415 30.23 -23.62 -11.47
C ILE A 415 29.14 -24.10 -12.45
N PHE A 416 27.85 -23.91 -12.08
CA PHE A 416 26.68 -24.33 -12.86
C PHE A 416 26.71 -25.85 -13.11
N GLY A 417 27.07 -26.62 -12.07
CA GLY A 417 27.18 -28.08 -12.10
C GLY A 417 26.97 -28.70 -10.74
N PRO A 418 26.95 -30.06 -10.63
CA PRO A 418 26.69 -30.67 -9.33
C PRO A 418 27.93 -30.72 -8.43
N VAL A 419 28.40 -29.54 -8.04
CA VAL A 419 29.62 -29.36 -7.22
C VAL A 419 29.29 -28.48 -6.03
N VAL A 420 29.68 -28.94 -4.82
CA VAL A 420 29.48 -28.23 -3.56
C VAL A 420 30.85 -28.06 -2.89
N LEU A 421 31.19 -26.81 -2.51
CA LEU A 421 32.45 -26.51 -1.83
C LEU A 421 32.19 -26.37 -0.35
N LEU A 422 32.72 -27.31 0.43
CA LEU A 422 32.55 -27.39 1.88
C LEU A 422 33.66 -26.66 2.61
N TYR A 423 33.26 -25.87 3.62
CA TYR A 423 34.14 -25.08 4.48
C TYR A 423 33.65 -25.13 5.92
N LYS A 424 34.58 -24.96 6.85
CA LYS A 424 34.35 -24.91 8.29
C LYS A 424 34.54 -23.47 8.73
N TYR A 425 33.80 -23.03 9.77
CA TYR A 425 33.98 -21.71 10.38
C TYR A 425 33.90 -21.81 11.90
N SER A 426 34.48 -20.83 12.58
CA SER A 426 34.48 -20.77 14.04
C SER A 426 33.67 -19.57 14.54
N ASP A 427 33.62 -18.49 13.73
CA ASP A 427 32.91 -17.25 14.05
C ASP A 427 31.82 -16.99 13.03
N PHE A 428 30.59 -16.77 13.52
CA PHE A 428 29.39 -16.52 12.71
C PHE A 428 29.49 -15.25 11.83
N LYS A 429 29.97 -14.13 12.42
CA LYS A 429 30.14 -12.85 11.72
C LYS A 429 31.10 -13.04 10.54
N GLU A 430 32.15 -13.87 10.74
CA GLU A 430 33.15 -14.20 9.72
C GLU A 430 32.54 -15.04 8.64
N ALA A 431 31.63 -15.98 8.99
CA ALA A 431 30.92 -16.81 8.01
C ALA A 431 30.07 -15.96 7.08
N VAL A 432 29.36 -14.94 7.63
CA VAL A 432 28.51 -13.99 6.88
C VAL A 432 29.39 -13.17 5.92
N LYS A 433 30.57 -12.72 6.41
CA LYS A 433 31.56 -11.98 5.63
C LYS A 433 32.07 -12.83 4.47
N GLU A 434 32.32 -14.14 4.71
CA GLU A 434 32.76 -15.07 3.68
C GLU A 434 31.68 -15.37 2.65
N CYS A 435 30.41 -15.41 3.09
CA CYS A 435 29.25 -15.58 2.21
C CYS A 435 29.22 -14.42 1.23
N ASN A 436 29.53 -13.19 1.71
CA ASN A 436 29.57 -11.95 0.94
C ASN A 436 30.82 -11.80 0.09
N ASN A 437 31.85 -12.63 0.34
CA ASN A 437 33.13 -12.63 -0.38
C ASN A 437 32.99 -13.27 -1.77
N THR A 438 32.26 -12.56 -2.65
CA THR A 438 31.97 -12.97 -4.02
C THR A 438 31.55 -11.74 -4.81
N HIS A 439 31.66 -11.79 -6.14
CA HIS A 439 31.22 -10.74 -7.03
C HIS A 439 29.77 -11.00 -7.51
N TYR A 440 29.11 -12.03 -6.93
CA TYR A 440 27.69 -12.37 -7.18
C TYR A 440 26.84 -11.97 -5.96
N GLY A 441 25.53 -11.91 -6.11
CA GLY A 441 24.65 -11.60 -4.98
C GLY A 441 23.20 -11.92 -5.18
N LEU A 442 22.89 -13.12 -5.69
CA LEU A 442 21.52 -13.59 -5.95
C LEU A 442 20.78 -13.99 -4.65
N GLN A 443 21.14 -15.15 -4.05
CA GLN A 443 20.54 -15.63 -2.81
C GLN A 443 21.55 -16.33 -1.87
N SER A 444 21.19 -16.40 -0.58
CA SER A 444 21.97 -17.04 0.46
C SER A 444 21.01 -17.81 1.37
N GLY A 445 21.55 -18.82 2.05
CA GLY A 445 20.81 -19.68 2.96
C GLY A 445 21.42 -19.63 4.35
N ILE A 446 20.58 -19.83 5.39
CA ILE A 446 21.04 -19.85 6.79
C ILE A 446 20.19 -20.78 7.66
N PHE A 447 20.84 -21.75 8.32
CA PHE A 447 20.18 -22.63 9.27
C PHE A 447 20.56 -22.14 10.65
N THR A 448 19.57 -21.62 11.39
CA THR A 448 19.79 -21.11 12.75
C THR A 448 18.53 -21.17 13.59
N LYS A 449 18.70 -21.38 14.89
CA LYS A 449 17.62 -21.36 15.90
C LYS A 449 17.67 -20.02 16.65
N ASP A 450 18.73 -19.22 16.38
CA ASP A 450 19.01 -17.94 17.03
C ASP A 450 18.32 -16.77 16.33
N LEU A 451 17.46 -16.07 17.07
CA LEU A 451 16.68 -14.94 16.58
C LEU A 451 17.58 -13.83 16.01
N ASN A 452 18.64 -13.46 16.76
CA ASN A 452 19.56 -12.39 16.36
C ASN A 452 20.45 -12.74 15.17
N LYS A 453 20.92 -14.00 15.08
CA LYS A 453 21.71 -14.50 13.96
C LYS A 453 20.91 -14.44 12.66
N ALA A 454 19.63 -14.85 12.72
CA ALA A 454 18.70 -14.82 11.59
C ALA A 454 18.54 -13.39 11.03
N PHE A 455 18.28 -12.42 11.91
CA PHE A 455 18.06 -11.05 11.47
C PHE A 455 19.37 -10.30 11.17
N TYR A 456 20.51 -10.75 11.73
CA TYR A 456 21.84 -10.23 11.41
C TYR A 456 22.15 -10.64 9.95
N ALA A 457 21.86 -11.90 9.61
CA ALA A 457 22.06 -12.44 8.26
C ALA A 457 21.17 -11.70 7.26
N PHE A 458 19.90 -11.45 7.61
CA PHE A 458 18.98 -10.70 6.74
C PHE A 458 19.55 -9.29 6.47
N GLU A 459 20.07 -8.64 7.51
CA GLU A 459 20.64 -7.30 7.41
C GLU A 459 21.99 -7.22 6.64
N HIS A 460 22.91 -8.18 6.88
CA HIS A 460 24.26 -8.08 6.33
C HIS A 460 24.58 -8.93 5.08
N MET A 461 23.74 -9.92 4.72
CA MET A 461 24.01 -10.70 3.51
C MET A 461 23.68 -9.86 2.26
N GLU A 462 24.67 -9.68 1.37
CA GLU A 462 24.59 -8.84 0.17
C GLU A 462 23.94 -9.59 -1.00
N VAL A 463 22.63 -9.87 -0.85
CA VAL A 463 21.84 -10.67 -1.81
C VAL A 463 20.45 -10.08 -1.99
N GLY A 464 19.70 -10.61 -2.97
CA GLY A 464 18.29 -10.27 -3.17
C GLY A 464 17.33 -11.06 -2.29
N GLY A 465 17.78 -12.22 -1.77
CA GLY A 465 16.96 -13.09 -0.94
C GLY A 465 17.72 -13.99 0.01
N VAL A 466 17.36 -13.90 1.30
CA VAL A 466 17.99 -14.68 2.37
C VAL A 466 17.01 -15.78 2.72
N ILE A 467 17.44 -17.03 2.57
CA ILE A 467 16.59 -18.17 2.90
C ILE A 467 16.88 -18.58 4.33
N LEU A 468 15.84 -18.52 5.17
CA LEU A 468 15.94 -18.87 6.57
C LEU A 468 15.40 -20.28 6.81
N ASN A 469 16.31 -21.14 7.27
CA ASN A 469 16.10 -22.55 7.62
C ASN A 469 15.68 -23.41 6.42
N ASP A 470 16.36 -23.12 5.30
CA ASP A 470 16.36 -23.82 4.02
C ASP A 470 17.61 -23.34 3.27
N SER A 471 18.06 -24.11 2.26
CA SER A 471 19.21 -23.81 1.43
C SER A 471 18.89 -22.58 0.53
N PRO A 472 19.90 -21.92 -0.11
CA PRO A 472 19.58 -20.78 -1.01
C PRO A 472 18.80 -21.13 -2.28
N ALA A 473 18.66 -22.44 -2.62
CA ALA A 473 17.97 -22.89 -3.84
C ALA A 473 16.43 -22.74 -3.83
N LEU A 474 15.87 -22.16 -2.79
CA LEU A 474 14.42 -21.96 -2.66
C LEU A 474 13.91 -20.70 -3.32
N ARG A 475 12.89 -20.85 -4.18
CA ARG A 475 12.18 -19.75 -4.84
C ARG A 475 10.65 -20.00 -4.95
N VAL A 476 9.85 -19.05 -4.47
CA VAL A 476 8.38 -19.04 -4.57
C VAL A 476 8.14 -18.11 -5.78
N ASP A 477 7.29 -18.51 -6.72
CA ASP A 477 7.07 -17.77 -7.96
C ASP A 477 6.40 -16.38 -7.81
N SER A 478 5.98 -16.02 -6.58
CA SER A 478 5.41 -14.70 -6.27
C SER A 478 6.41 -13.78 -5.54
N GLN A 479 7.53 -14.36 -5.01
CA GLN A 479 8.54 -13.60 -4.26
C GLN A 479 9.37 -12.65 -5.15
N PRO A 480 9.93 -11.54 -4.61
CA PRO A 480 10.84 -10.72 -5.43
C PRO A 480 12.15 -11.47 -5.61
N TYR A 481 12.48 -11.80 -6.85
CA TYR A 481 13.64 -12.63 -7.16
C TYR A 481 14.61 -11.89 -8.07
N GLY A 482 15.84 -11.82 -7.64
CA GLY A 482 16.90 -11.13 -8.36
C GLY A 482 18.10 -10.90 -7.48
N GLY A 483 19.09 -10.22 -8.02
CA GLY A 483 20.30 -10.03 -7.26
C GLY A 483 20.95 -8.68 -7.25
N LEU A 484 22.05 -8.64 -6.49
CA LEU A 484 22.96 -7.52 -6.34
C LEU A 484 24.24 -7.92 -7.05
N LYS A 485 25.17 -6.97 -7.17
CA LYS A 485 26.47 -7.18 -7.80
C LYS A 485 26.33 -7.73 -9.26
N ASP A 486 27.09 -8.78 -9.64
CA ASP A 486 27.08 -9.33 -11.00
C ASP A 486 25.91 -10.24 -11.30
N SER A 487 25.05 -10.48 -10.29
CA SER A 487 23.88 -11.34 -10.40
C SER A 487 22.72 -10.73 -11.22
N GLY A 488 22.78 -9.43 -11.47
CA GLY A 488 21.81 -8.75 -12.32
C GLY A 488 21.26 -7.45 -11.78
N ILE A 489 20.20 -6.94 -12.44
CA ILE A 489 19.49 -5.72 -12.05
C ILE A 489 17.99 -5.96 -12.08
N GLN A 490 17.27 -5.41 -11.06
CA GLN A 490 15.80 -5.50 -10.88
C GLN A 490 15.34 -6.87 -10.33
N ARG A 491 14.02 -7.07 -10.25
CA ARG A 491 13.41 -8.28 -9.73
C ARG A 491 12.36 -8.88 -10.65
N GLU A 492 12.31 -10.20 -10.67
CA GLU A 492 11.29 -11.03 -11.30
C GLU A 492 10.46 -11.54 -10.13
N GLY A 493 9.41 -12.28 -10.43
CA GLY A 493 8.39 -12.63 -9.45
C GLY A 493 7.30 -11.75 -9.99
N VAL A 494 6.18 -12.36 -10.37
CA VAL A 494 5.12 -11.77 -11.19
C VAL A 494 4.87 -10.27 -10.93
N LYS A 495 4.39 -9.88 -9.74
CA LYS A 495 4.05 -8.48 -9.48
C LYS A 495 5.26 -7.53 -9.62
N TYR A 496 6.48 -8.02 -9.33
CA TYR A 496 7.73 -7.23 -9.45
C TYR A 496 8.16 -7.08 -10.90
N ALA A 497 8.01 -8.14 -11.73
CA ALA A 497 8.31 -8.08 -13.15
C ALA A 497 7.30 -7.16 -13.85
N MET A 498 6.04 -7.15 -13.39
CA MET A 498 4.98 -6.27 -13.91
C MET A 498 5.37 -4.78 -13.70
N ASP A 499 6.02 -4.46 -12.56
CA ASP A 499 6.47 -3.10 -12.25
C ASP A 499 7.40 -2.57 -13.33
N ASP A 500 8.37 -3.40 -13.79
CA ASP A 500 9.34 -3.03 -14.84
C ASP A 500 8.66 -2.84 -16.20
N MET A 501 7.50 -3.47 -16.42
CA MET A 501 6.73 -3.38 -17.66
C MET A 501 5.65 -2.28 -17.58
N LEU A 502 5.73 -1.44 -16.55
CA LEU A 502 4.78 -0.37 -16.33
C LEU A 502 5.47 0.97 -16.20
N GLU A 503 4.81 2.03 -16.67
CA GLU A 503 5.26 3.41 -16.57
C GLU A 503 4.28 4.24 -15.78
N THR A 504 4.81 5.02 -14.84
CA THR A 504 4.04 5.88 -13.96
C THR A 504 3.62 7.15 -14.73
N LYS A 505 2.36 7.56 -14.54
CA LYS A 505 1.81 8.80 -15.10
C LYS A 505 0.96 9.43 -14.02
N VAL A 506 1.14 10.74 -13.81
CA VAL A 506 0.33 11.48 -12.84
C VAL A 506 -0.54 12.52 -13.56
N LEU A 507 -1.83 12.60 -13.18
CA LEU A 507 -2.75 13.62 -13.64
C LEU A 507 -2.77 14.64 -12.50
N VAL A 508 -2.09 15.80 -12.67
CA VAL A 508 -2.04 16.85 -11.66
C VAL A 508 -3.22 17.74 -11.92
N MET A 509 -4.14 17.83 -10.96
CA MET A 509 -5.42 18.51 -11.10
C MET A 509 -5.50 19.76 -10.26
N ARG A 510 -5.70 20.92 -10.93
CA ARG A 510 -5.84 22.22 -10.28
C ARG A 510 -7.31 22.60 -10.09
N ASN A 511 -7.73 22.74 -8.81
CA ASN A 511 -9.07 23.11 -8.36
C ASN A 511 -10.19 22.33 -9.09
N VAL A 512 -9.99 21.01 -9.26
CA VAL A 512 -10.99 20.14 -9.91
C VAL A 512 -12.11 19.83 -8.89
N GLY A 513 -13.33 20.19 -9.27
CA GLY A 513 -14.49 20.03 -8.42
C GLY A 513 -15.02 21.37 -7.91
N THR A 514 -14.37 22.47 -8.33
CA THR A 514 -14.78 23.84 -8.01
C THR A 514 -15.71 24.29 -9.14
N LEU A 515 -16.92 24.67 -8.79
CA LEU A 515 -17.93 25.10 -9.74
C LEU A 515 -17.92 26.64 -9.92
N THR B 36 35.84 42.22 -6.13
CA THR B 36 36.70 41.14 -5.63
C THR B 36 35.92 39.82 -5.59
N PRO B 37 36.37 38.76 -6.31
CA PRO B 37 35.63 37.49 -6.28
C PRO B 37 35.75 36.77 -4.94
N LYS B 38 34.65 36.18 -4.46
CA LYS B 38 34.65 35.42 -3.21
C LYS B 38 35.28 34.03 -3.48
N LYS B 39 36.22 33.63 -2.64
CA LYS B 39 36.90 32.35 -2.74
C LYS B 39 36.10 31.27 -2.02
N TYR B 40 35.78 30.19 -2.72
CA TYR B 40 34.98 29.10 -2.16
C TYR B 40 35.83 27.85 -1.92
N ASN B 41 35.34 26.95 -1.07
CA ASN B 41 35.93 25.64 -0.79
C ASN B 41 35.05 24.59 -1.46
N ILE B 42 35.63 23.43 -1.78
CA ILE B 42 34.87 22.30 -2.31
C ILE B 42 34.84 21.26 -1.19
N PHE B 43 34.10 20.16 -1.38
CA PHE B 43 33.89 19.20 -0.31
C PHE B 43 34.41 17.85 -0.72
N LEU B 44 35.42 17.38 -0.02
CA LEU B 44 36.05 16.10 -0.23
C LEU B 44 35.92 15.30 1.03
N ALA B 45 35.20 14.15 0.96
CA ALA B 45 34.96 13.23 2.06
C ALA B 45 34.47 13.99 3.32
N SER B 46 33.41 14.83 3.13
CA SER B 46 32.72 15.66 4.13
C SER B 46 33.46 16.92 4.59
N LYS B 47 34.71 17.13 4.12
CA LYS B 47 35.58 18.21 4.56
C LYS B 47 35.84 19.32 3.51
N PRO B 48 35.85 20.61 3.92
CA PRO B 48 36.15 21.68 2.95
C PRO B 48 37.64 21.67 2.56
N VAL B 49 37.90 21.60 1.24
CA VAL B 49 39.27 21.59 0.69
C VAL B 49 39.48 22.75 -0.28
N ASP B 50 40.74 23.20 -0.41
CA ASP B 50 41.14 24.29 -1.31
C ASP B 50 42.51 23.97 -1.95
N GLY B 51 43.59 24.13 -1.17
CA GLY B 51 44.96 23.84 -1.58
C GLY B 51 45.45 24.57 -2.81
N ASP B 52 46.27 23.87 -3.63
CA ASP B 52 46.85 24.39 -4.87
C ASP B 52 46.07 23.98 -6.13
N ARG B 53 44.79 23.61 -5.97
CA ARG B 53 43.89 23.23 -7.06
C ARG B 53 43.66 24.40 -8.03
N LYS B 54 43.49 24.08 -9.33
CA LYS B 54 43.14 25.06 -10.38
C LYS B 54 41.81 25.82 -9.97
N TRP B 55 41.76 27.14 -10.17
CA TRP B 55 40.56 27.91 -9.88
C TRP B 55 39.61 27.94 -11.05
N LEU B 56 38.33 27.83 -10.73
CA LEU B 56 37.23 27.87 -11.68
C LEU B 56 36.49 29.19 -11.41
N ASP B 57 36.34 30.06 -12.44
CA ASP B 57 35.63 31.33 -12.34
C ASP B 57 34.14 31.09 -12.47
N VAL B 58 33.35 31.71 -11.58
CA VAL B 58 31.89 31.68 -11.63
C VAL B 58 31.49 33.14 -11.85
N THR B 59 30.81 33.43 -12.97
CA THR B 59 30.41 34.80 -13.29
C THR B 59 29.00 35.16 -12.88
N ASN B 60 28.78 36.45 -12.61
CA ASN B 60 27.47 37.04 -12.34
C ASN B 60 26.84 37.04 -13.74
N LYS B 61 25.74 36.32 -13.93
CA LYS B 61 25.16 36.16 -15.27
C LYS B 61 24.48 37.42 -15.84
N TYR B 62 24.38 38.49 -15.04
CA TYR B 62 23.84 39.75 -15.54
C TYR B 62 24.95 40.71 -15.96
N THR B 63 25.95 40.93 -15.08
CA THR B 63 27.07 41.86 -15.28
C THR B 63 28.24 41.26 -16.02
N ASN B 64 28.41 39.92 -15.95
CA ASN B 64 29.49 39.12 -16.56
C ASN B 64 30.81 39.21 -15.77
N ASP B 65 30.78 39.83 -14.57
CA ASP B 65 31.96 39.94 -13.71
C ASP B 65 32.20 38.60 -13.02
N VAL B 66 33.47 38.26 -12.74
CA VAL B 66 33.81 37.04 -12.00
C VAL B 66 33.43 37.32 -10.55
N ALA B 67 32.38 36.65 -10.09
CA ALA B 67 31.90 36.87 -8.73
C ALA B 67 32.50 35.87 -7.74
N ALA B 68 32.96 34.70 -8.24
CA ALA B 68 33.52 33.64 -7.39
C ALA B 68 34.65 32.85 -8.02
N LYS B 69 35.55 32.35 -7.14
CA LYS B 69 36.68 31.48 -7.47
C LYS B 69 36.40 30.16 -6.76
N VAL B 70 36.33 29.07 -7.53
CA VAL B 70 35.98 27.75 -7.01
C VAL B 70 37.10 26.74 -7.35
N PRO B 71 37.66 26.02 -6.36
CA PRO B 71 38.67 25.01 -6.69
C PRO B 71 38.09 23.93 -7.59
N GLN B 72 38.89 23.43 -8.53
CA GLN B 72 38.48 22.34 -9.41
C GLN B 72 39.18 21.06 -8.89
N ALA B 73 38.38 20.01 -8.65
CA ALA B 73 38.91 18.74 -8.13
C ALA B 73 39.81 18.07 -9.17
N THR B 74 40.85 17.39 -8.71
CA THR B 74 41.78 16.63 -9.56
C THR B 74 41.23 15.18 -9.68
N HIS B 75 41.87 14.33 -10.50
CA HIS B 75 41.52 12.93 -10.65
C HIS B 75 41.68 12.20 -9.31
N LYS B 76 42.77 12.54 -8.57
CA LYS B 76 43.12 11.97 -7.27
C LYS B 76 42.04 12.28 -6.23
N ASP B 77 41.42 13.49 -6.29
CA ASP B 77 40.32 13.94 -5.42
C ASP B 77 39.07 13.12 -5.67
N ILE B 78 38.71 12.89 -6.96
CA ILE B 78 37.54 12.11 -7.35
C ILE B 78 37.68 10.68 -6.85
N ASP B 79 38.87 10.09 -7.05
CA ASP B 79 39.23 8.75 -6.61
C ASP B 79 39.08 8.61 -5.09
N ASP B 80 39.59 9.60 -4.32
CA ASP B 80 39.52 9.66 -2.85
C ASP B 80 38.10 9.80 -2.35
N ALA B 81 37.30 10.65 -3.02
CA ALA B 81 35.88 10.92 -2.74
C ALA B 81 35.06 9.63 -2.87
N ILE B 82 35.27 8.87 -3.95
CA ILE B 82 34.59 7.60 -4.22
C ILE B 82 35.00 6.54 -3.17
N ASP B 83 36.30 6.46 -2.82
CA ASP B 83 36.80 5.54 -1.79
C ASP B 83 36.18 5.84 -0.43
N ALA B 84 36.02 7.13 -0.09
CA ALA B 84 35.41 7.60 1.16
C ALA B 84 33.91 7.25 1.17
N ALA B 85 33.22 7.37 0.01
CA ALA B 85 31.80 7.02 -0.13
C ALA B 85 31.63 5.51 0.09
N VAL B 86 32.52 4.66 -0.49
CA VAL B 86 32.49 3.20 -0.31
C VAL B 86 32.70 2.88 1.19
N ALA B 87 33.70 3.51 1.82
CA ALA B 87 34.04 3.32 3.23
C ALA B 87 32.97 3.82 4.19
N ALA B 88 32.18 4.85 3.79
CA ALA B 88 31.09 5.42 4.61
C ALA B 88 29.78 4.67 4.45
N ALA B 89 29.61 3.86 3.37
CA ALA B 89 28.37 3.11 3.08
C ALA B 89 27.87 2.26 4.27
N PRO B 90 28.70 1.46 5.00
CA PRO B 90 28.17 0.73 6.17
C PRO B 90 27.62 1.62 7.29
N ALA B 91 28.32 2.71 7.65
CA ALA B 91 27.87 3.65 8.69
C ALA B 91 26.59 4.37 8.26
N MET B 92 26.48 4.66 6.96
CA MET B 92 25.33 5.32 6.37
C MET B 92 24.09 4.40 6.47
N ALA B 93 24.28 3.09 6.20
CA ALA B 93 23.26 2.04 6.27
C ALA B 93 22.88 1.70 7.74
N ALA B 94 23.78 1.93 8.70
CA ALA B 94 23.57 1.65 10.14
C ALA B 94 22.91 2.81 10.92
N MET B 95 22.69 3.97 10.26
CA MET B 95 22.05 5.14 10.89
C MET B 95 20.60 4.77 11.22
N GLY B 96 20.11 5.29 12.35
CA GLY B 96 18.72 5.12 12.75
C GLY B 96 17.87 6.01 11.86
N ALA B 97 16.61 5.64 11.61
CA ALA B 97 15.73 6.45 10.74
C ALA B 97 15.62 7.90 11.24
N TYR B 98 15.55 8.07 12.58
CA TYR B 98 15.50 9.37 13.24
C TYR B 98 16.79 10.20 13.00
N GLU B 99 17.94 9.53 12.82
CA GLU B 99 19.22 10.20 12.56
C GLU B 99 19.23 10.80 11.17
N ARG B 100 18.65 10.06 10.19
CA ARG B 100 18.53 10.50 8.80
C ARG B 100 17.61 11.72 8.76
N LYS B 101 16.50 11.66 9.52
CA LYS B 101 15.52 12.74 9.67
C LYS B 101 16.18 13.97 10.28
N ALA B 102 17.01 13.77 11.33
CA ALA B 102 17.75 14.82 12.04
C ALA B 102 18.61 15.62 11.07
N VAL B 103 19.33 14.91 10.16
CA VAL B 103 20.20 15.52 9.15
C VAL B 103 19.34 16.43 8.26
N LEU B 104 18.26 15.89 7.69
CA LEU B 104 17.37 16.58 6.78
C LEU B 104 16.66 17.77 7.42
N GLU B 105 16.26 17.64 8.70
CA GLU B 105 15.62 18.69 9.45
C GLU B 105 16.60 19.84 9.73
N LYS B 106 17.90 19.50 9.94
CA LYS B 106 18.96 20.50 10.14
C LYS B 106 19.21 21.29 8.84
N VAL B 107 19.10 20.63 7.68
CA VAL B 107 19.24 21.28 6.35
C VAL B 107 18.13 22.32 6.18
N VAL B 108 16.87 21.93 6.46
CA VAL B 108 15.68 22.77 6.39
C VAL B 108 15.86 24.02 7.26
N ALA B 109 16.34 23.84 8.50
CA ALA B 109 16.57 24.93 9.47
C ALA B 109 17.60 25.91 8.93
N GLU B 110 18.72 25.40 8.36
CA GLU B 110 19.79 26.19 7.80
C GLU B 110 19.40 26.94 6.52
N LEU B 111 18.61 26.28 5.65
CA LEU B 111 18.08 26.89 4.42
C LEU B 111 17.13 28.05 4.76
N LYS B 112 16.32 27.91 5.82
CA LYS B 112 15.40 28.94 6.29
C LYS B 112 16.17 30.14 6.84
N ASN B 113 17.25 29.85 7.59
CA ASN B 113 18.15 30.80 8.23
C ASN B 113 18.87 31.67 7.22
N ARG B 114 19.41 31.04 6.15
CA ARG B 114 20.22 31.68 5.11
C ARG B 114 19.41 31.95 3.82
N PHE B 115 18.07 31.95 3.91
CA PHE B 115 17.13 32.12 2.79
C PHE B 115 17.51 33.19 1.75
N GLU B 116 17.58 34.48 2.17
CA GLU B 116 17.88 35.60 1.27
C GLU B 116 19.29 35.51 0.69
N GLU B 117 20.28 35.12 1.53
CA GLU B 117 21.67 34.94 1.12
C GLU B 117 21.74 33.93 -0.04
N ILE B 118 21.03 32.77 0.11
CA ILE B 118 20.99 31.69 -0.89
C ILE B 118 20.27 32.16 -2.16
N ALA B 119 19.10 32.82 -2.02
CA ALA B 119 18.28 33.35 -3.14
C ALA B 119 19.08 34.35 -3.98
N GLN B 120 19.85 35.23 -3.31
CA GLN B 120 20.71 36.22 -3.94
C GLN B 120 21.82 35.56 -4.77
N THR B 121 22.51 34.55 -4.19
CA THR B 121 23.58 33.77 -4.82
C THR B 121 23.08 33.04 -6.05
N LEU B 122 21.83 32.53 -5.96
CA LEU B 122 21.13 31.77 -6.98
C LEU B 122 20.89 32.69 -8.19
N THR B 123 20.34 33.91 -7.96
CA THR B 123 20.14 34.88 -9.05
C THR B 123 21.48 35.24 -9.69
N MET B 124 22.49 35.47 -8.88
CA MET B 124 23.81 35.85 -9.34
C MET B 124 24.46 34.82 -10.27
N GLU B 125 24.48 33.52 -9.88
CA GLU B 125 25.12 32.50 -10.70
C GLU B 125 24.25 31.94 -11.82
N SER B 126 22.91 32.06 -11.72
CA SER B 126 22.03 31.49 -12.74
C SER B 126 21.40 32.54 -13.66
N GLY B 127 21.29 33.79 -13.18
CA GLY B 127 20.67 34.88 -13.91
C GLY B 127 19.15 34.90 -13.82
N LYS B 128 18.55 33.98 -13.02
CA LYS B 128 17.10 33.95 -12.87
C LYS B 128 16.61 35.10 -11.96
N PRO B 129 15.45 35.74 -12.28
CA PRO B 129 14.95 36.83 -11.43
C PRO B 129 14.90 36.44 -9.95
N ILE B 130 15.20 37.41 -9.06
CA ILE B 130 15.23 37.23 -7.60
C ILE B 130 13.90 36.58 -7.08
N LYS B 131 12.73 36.90 -7.70
CA LYS B 131 11.43 36.31 -7.34
C LYS B 131 11.42 34.79 -7.59
N ASP B 132 12.00 34.36 -8.73
CA ASP B 132 12.12 32.95 -9.12
C ASP B 132 13.16 32.23 -8.26
N ALA B 133 14.25 32.94 -7.89
CA ALA B 133 15.29 32.38 -7.03
C ALA B 133 14.73 32.11 -5.62
N ARG B 134 13.87 33.02 -5.09
CA ARG B 134 13.19 32.85 -3.80
C ARG B 134 12.21 31.66 -3.86
N GLY B 135 11.50 31.55 -4.99
CA GLY B 135 10.61 30.43 -5.26
C GLY B 135 11.34 29.10 -5.26
N GLU B 136 12.58 29.07 -5.80
CA GLU B 136 13.42 27.87 -5.84
C GLU B 136 13.90 27.44 -4.44
N VAL B 137 14.29 28.41 -3.57
CA VAL B 137 14.75 28.14 -2.19
C VAL B 137 13.59 27.57 -1.39
N THR B 138 12.40 28.17 -1.57
CA THR B 138 11.15 27.77 -0.94
C THR B 138 10.86 26.30 -1.29
N ARG B 139 10.99 25.93 -2.58
CA ARG B 139 10.78 24.56 -3.09
C ARG B 139 11.84 23.57 -2.61
N THR B 140 13.10 24.05 -2.40
CA THR B 140 14.22 23.27 -1.86
C THR B 140 13.94 22.93 -0.41
N ILE B 141 13.41 23.89 0.38
CA ILE B 141 12.99 23.67 1.77
C ILE B 141 11.89 22.59 1.77
N ASP B 142 10.93 22.66 0.82
CA ASP B 142 9.86 21.66 0.67
C ASP B 142 10.42 20.28 0.38
N THR B 143 11.39 20.20 -0.56
CA THR B 143 12.05 18.96 -0.97
C THR B 143 12.72 18.26 0.22
N PHE B 144 13.55 19.02 0.98
CA PHE B 144 14.25 18.50 2.16
C PHE B 144 13.29 18.12 3.30
N GLN B 145 12.17 18.85 3.42
CA GLN B 145 11.12 18.58 4.41
C GLN B 145 10.36 17.30 4.06
N VAL B 146 9.96 17.12 2.77
CA VAL B 146 9.32 15.89 2.29
C VAL B 146 10.26 14.69 2.57
N ALA B 147 11.58 14.87 2.33
CA ALA B 147 12.59 13.83 2.56
C ALA B 147 12.73 13.45 4.03
N ALA B 148 12.70 14.46 4.94
CA ALA B 148 12.77 14.26 6.40
C ALA B 148 11.62 13.38 6.87
N GLU B 149 10.40 13.64 6.35
CA GLU B 149 9.20 12.86 6.69
C GLU B 149 9.21 11.47 6.10
N GLU B 150 9.77 11.32 4.90
CA GLU B 150 9.87 10.03 4.22
C GLU B 150 10.93 9.11 4.83
N SER B 151 11.97 9.70 5.45
CA SER B 151 13.09 8.96 6.06
C SER B 151 12.65 8.02 7.21
N VAL B 152 11.53 8.35 7.88
CA VAL B 152 10.93 7.60 9.00
C VAL B 152 9.72 6.75 8.52
N ARG B 153 9.54 6.63 7.20
CA ARG B 153 8.42 5.91 6.57
C ARG B 153 8.85 4.90 5.53
N ILE B 154 10.04 4.31 5.66
CA ILE B 154 10.45 3.31 4.66
C ILE B 154 9.84 1.98 5.11
N TYR B 155 8.61 1.69 4.64
CA TYR B 155 7.89 0.50 5.03
C TYR B 155 8.32 -0.71 4.24
N GLY B 156 8.25 -1.85 4.89
CA GLY B 156 8.49 -3.15 4.31
C GLY B 156 7.18 -3.90 4.20
N GLU B 157 7.24 -5.12 3.72
CA GLU B 157 6.05 -5.95 3.57
C GLU B 157 6.22 -7.27 4.28
N HIS B 158 5.14 -7.78 4.87
CA HIS B 158 5.09 -9.14 5.39
C HIS B 158 4.24 -9.86 4.35
N ILE B 159 4.82 -10.84 3.65
CA ILE B 159 4.08 -11.52 2.59
C ILE B 159 3.87 -13.01 2.87
N PRO B 160 2.63 -13.51 2.65
CA PRO B 160 2.41 -14.96 2.73
C PRO B 160 3.11 -15.61 1.52
N LEU B 161 3.80 -16.74 1.71
CA LEU B 161 4.43 -17.34 0.55
C LEU B 161 3.86 -18.73 0.23
N ASP B 162 2.91 -19.20 1.03
CA ASP B 162 2.20 -20.47 0.86
C ASP B 162 1.01 -20.27 -0.10
N ILE B 163 1.34 -19.86 -1.34
CA ILE B 163 0.38 -19.59 -2.42
C ILE B 163 -0.16 -20.88 -3.05
N SER B 164 0.55 -21.99 -2.86
CA SER B 164 0.22 -23.32 -3.37
C SER B 164 0.78 -24.37 -2.41
N ALA B 165 0.29 -25.61 -2.52
CA ALA B 165 0.66 -26.73 -1.63
C ALA B 165 2.15 -26.96 -1.48
N ARG B 166 2.92 -26.85 -2.59
CA ARG B 166 4.37 -27.04 -2.60
C ARG B 166 5.09 -26.02 -1.71
N ASN B 167 4.48 -24.83 -1.56
CA ASN B 167 4.99 -23.71 -0.79
C ASN B 167 4.48 -23.64 0.67
N LYS B 168 3.88 -24.74 1.17
CA LYS B 168 3.37 -24.86 2.55
C LYS B 168 4.46 -24.45 3.57
N GLY B 169 4.04 -23.70 4.60
CA GLY B 169 4.91 -23.26 5.69
C GLY B 169 5.89 -22.15 5.36
N LEU B 170 5.66 -21.43 4.25
CA LEU B 170 6.52 -20.34 3.85
C LEU B 170 5.87 -18.99 4.00
N GLN B 171 6.65 -18.02 4.49
CA GLN B 171 6.27 -16.62 4.66
C GLN B 171 7.52 -15.79 4.37
N GLY B 172 7.33 -14.53 4.05
CA GLY B 172 8.45 -13.65 3.75
C GLY B 172 8.35 -12.28 4.36
N ILE B 173 9.50 -11.67 4.63
CA ILE B 173 9.63 -10.29 5.10
C ILE B 173 10.39 -9.59 4.00
N VAL B 174 9.75 -8.65 3.31
CA VAL B 174 10.37 -7.88 2.22
C VAL B 174 10.77 -6.53 2.81
N LYS B 175 12.07 -6.21 2.76
CA LYS B 175 12.61 -4.97 3.32
C LYS B 175 13.49 -4.30 2.27
N LYS B 176 13.56 -2.97 2.31
CA LYS B 176 14.36 -2.17 1.37
C LYS B 176 15.64 -1.70 2.02
N PHE B 177 16.76 -1.80 1.28
CA PHE B 177 18.10 -1.45 1.75
C PHE B 177 18.75 -0.41 0.84
N PRO B 178 19.63 0.47 1.39
CA PRO B 178 20.30 1.46 0.51
C PRO B 178 21.10 0.74 -0.59
N ILE B 179 20.98 1.26 -1.83
CA ILE B 179 21.70 0.73 -3.01
C ILE B 179 23.25 0.80 -2.83
N GLY B 180 23.74 1.83 -2.14
CA GLY B 180 25.15 2.07 -1.93
C GLY B 180 25.58 3.43 -2.48
N PRO B 181 26.89 3.63 -2.80
CA PRO B 181 27.35 4.95 -3.28
C PRO B 181 26.68 5.43 -4.57
N VAL B 182 26.18 6.68 -4.54
CA VAL B 182 25.42 7.31 -5.63
C VAL B 182 26.19 8.41 -6.31
N SER B 183 26.27 8.35 -7.64
CA SER B 183 26.94 9.33 -8.48
C SER B 183 25.88 10.37 -8.90
N MET B 184 26.09 11.63 -8.52
CA MET B 184 25.12 12.67 -8.87
C MET B 184 25.70 13.69 -9.83
N VAL B 185 25.00 13.98 -10.95
CA VAL B 185 25.41 14.96 -11.97
C VAL B 185 24.19 15.88 -12.14
N SER B 186 24.32 17.12 -11.64
CA SER B 186 23.24 18.11 -11.57
C SER B 186 23.32 19.22 -12.64
N PRO B 187 22.17 19.92 -12.94
CA PRO B 187 22.19 20.96 -14.00
C PRO B 187 22.43 22.40 -13.51
N TRP B 188 22.35 23.37 -14.45
CA TRP B 188 22.56 24.80 -14.17
C TRP B 188 21.27 25.60 -14.11
N ASN B 189 20.15 25.07 -14.64
CA ASN B 189 18.86 25.79 -14.69
C ASN B 189 18.18 25.89 -13.31
N PHE B 190 18.35 24.85 -12.45
CA PHE B 190 17.88 24.87 -11.06
C PHE B 190 19.06 24.39 -10.23
N PRO B 191 20.06 25.29 -10.01
CA PRO B 191 21.29 24.88 -9.29
C PRO B 191 21.07 24.36 -7.87
N LEU B 192 19.93 24.69 -7.25
CA LEU B 192 19.65 24.26 -5.89
C LEU B 192 18.59 23.17 -5.83
N ASN B 193 17.41 23.43 -6.41
CA ASN B 193 16.31 22.47 -6.31
C ASN B 193 16.61 21.13 -6.99
N LEU B 194 17.24 21.16 -8.18
CA LEU B 194 17.53 19.93 -8.90
C LEU B 194 18.73 19.17 -8.26
N VAL B 195 19.45 19.83 -7.34
CA VAL B 195 20.49 19.18 -6.53
C VAL B 195 19.74 18.50 -5.36
N ALA B 196 18.82 19.25 -4.70
CA ALA B 196 17.99 18.79 -3.57
C ALA B 196 17.24 17.49 -3.91
N HIS B 197 16.65 17.41 -5.12
CA HIS B 197 15.90 16.24 -5.59
C HIS B 197 16.77 14.96 -5.69
N LYS B 198 18.13 15.08 -5.60
CA LYS B 198 19.05 13.93 -5.63
C LYS B 198 19.64 13.70 -4.23
N VAL B 199 20.13 14.78 -3.60
CA VAL B 199 20.76 14.81 -2.28
C VAL B 199 19.78 14.43 -1.14
N ALA B 200 18.60 15.06 -1.10
CA ALA B 200 17.60 14.77 -0.04
C ALA B 200 17.16 13.28 -0.05
N PRO B 201 16.75 12.65 -1.20
CA PRO B 201 16.42 11.21 -1.17
C PRO B 201 17.57 10.30 -0.72
N ALA B 202 18.82 10.61 -1.14
CA ALA B 202 20.02 9.85 -0.77
C ALA B 202 20.24 9.81 0.74
N ILE B 203 20.10 10.97 1.41
CA ILE B 203 20.20 11.10 2.87
C ILE B 203 19.00 10.41 3.56
N ALA B 204 17.78 10.59 3.03
CA ALA B 204 16.55 9.94 3.55
C ALA B 204 16.65 8.41 3.59
N VAL B 205 17.36 7.83 2.61
CA VAL B 205 17.56 6.38 2.47
C VAL B 205 18.78 5.88 3.25
N GLY B 206 19.85 6.68 3.26
CA GLY B 206 21.10 6.33 3.88
C GLY B 206 22.14 5.87 2.87
N CYS B 207 22.26 6.61 1.74
CA CYS B 207 23.22 6.38 0.65
C CYS B 207 24.32 7.43 0.67
N PRO B 208 25.62 7.04 0.69
CA PRO B 208 26.68 8.05 0.53
C PRO B 208 26.69 8.53 -0.93
N PHE B 209 27.16 9.73 -1.19
CA PHE B 209 27.13 10.23 -2.56
C PHE B 209 28.30 11.10 -2.97
N VAL B 210 28.58 11.14 -4.30
CA VAL B 210 29.58 12.04 -4.88
C VAL B 210 28.84 12.91 -5.90
N LEU B 211 28.75 14.22 -5.62
CA LEU B 211 28.03 15.10 -6.53
C LEU B 211 28.99 15.99 -7.35
N LYS B 212 28.77 15.96 -8.70
CA LYS B 212 29.46 16.78 -9.69
C LYS B 212 28.47 17.91 -10.03
N PRO B 213 28.58 19.11 -9.42
CA PRO B 213 27.64 20.19 -9.80
C PRO B 213 28.00 20.78 -11.15
N ALA B 214 27.07 21.50 -11.79
CA ALA B 214 27.36 22.17 -13.08
C ALA B 214 28.41 23.26 -12.81
N SER B 215 29.43 23.33 -13.67
CA SER B 215 30.57 24.25 -13.55
C SER B 215 30.18 25.71 -13.70
N ARG B 216 29.05 26.00 -14.40
CA ARG B 216 28.54 27.38 -14.55
C ARG B 216 27.82 27.88 -13.28
N THR B 217 27.22 26.94 -12.51
CA THR B 217 26.44 27.25 -11.30
C THR B 217 26.76 26.29 -10.11
N PRO B 218 28.00 26.23 -9.56
CA PRO B 218 28.27 25.27 -8.47
C PRO B 218 28.03 25.81 -7.05
N LEU B 219 27.76 27.11 -6.92
CA LEU B 219 27.68 27.81 -5.65
C LEU B 219 26.55 27.32 -4.78
N SER B 220 25.39 27.05 -5.37
CA SER B 220 24.23 26.53 -4.65
C SER B 220 24.53 25.19 -3.98
N ALA B 221 25.20 24.26 -4.72
CA ALA B 221 25.59 22.93 -4.24
C ALA B 221 26.60 23.04 -3.12
N LEU B 222 27.52 24.03 -3.23
CA LEU B 222 28.56 24.28 -2.25
C LEU B 222 27.97 24.82 -0.95
N ILE B 223 26.85 25.56 -1.03
CA ILE B 223 26.15 26.06 0.15
C ILE B 223 25.56 24.86 0.89
N LEU B 224 24.99 23.88 0.15
CA LEU B 224 24.50 22.62 0.73
C LEU B 224 25.65 21.84 1.37
N GLY B 225 26.82 21.89 0.75
CA GLY B 225 28.05 21.27 1.26
C GLY B 225 28.47 21.90 2.58
N GLU B 226 28.36 23.26 2.70
CA GLU B 226 28.70 24.01 3.93
C GLU B 226 27.76 23.58 5.05
N ILE B 227 26.44 23.47 4.73
CA ILE B 227 25.39 23.03 5.66
C ILE B 227 25.68 21.60 6.14
N LEU B 228 25.78 20.64 5.18
CA LEU B 228 26.04 19.23 5.48
C LEU B 228 27.30 18.99 6.27
N HIS B 229 28.37 19.75 5.96
CA HIS B 229 29.65 19.66 6.63
C HIS B 229 29.53 19.87 8.15
N LYS B 230 28.58 20.72 8.60
CA LYS B 230 28.37 21.02 10.01
C LYS B 230 27.44 20.04 10.75
N ILE B 231 26.81 19.09 10.04
CA ILE B 231 25.89 18.11 10.65
C ILE B 231 26.66 16.87 11.16
N GLU B 232 26.73 16.75 12.50
CA GLU B 232 27.43 15.69 13.25
C GLU B 232 26.90 14.28 13.00
N GLU B 233 25.56 14.11 12.85
CA GLU B 233 24.87 12.83 12.61
C GLU B 233 25.33 12.13 11.35
N LEU B 234 25.68 12.92 10.31
CA LEU B 234 26.13 12.45 9.00
C LEU B 234 27.55 11.86 9.07
N PRO B 235 27.75 10.54 8.79
CA PRO B 235 29.11 9.95 8.90
C PRO B 235 30.18 10.61 8.04
N LEU B 236 31.46 10.49 8.45
CA LEU B 236 32.58 11.04 7.70
C LEU B 236 32.73 10.29 6.36
N GLY B 237 32.79 11.06 5.27
CA GLY B 237 32.93 10.54 3.92
C GLY B 237 31.61 10.31 3.21
N ALA B 238 30.49 10.62 3.88
CA ALA B 238 29.13 10.47 3.35
C ALA B 238 28.88 11.32 2.11
N PHE B 239 29.55 12.47 1.99
CA PHE B 239 29.34 13.33 0.83
C PHE B 239 30.64 14.01 0.35
N SER B 240 30.66 14.33 -0.94
CA SER B 240 31.73 15.06 -1.60
C SER B 240 31.02 15.89 -2.65
N ILE B 241 31.44 17.15 -2.84
CA ILE B 241 30.85 18.03 -3.85
C ILE B 241 32.02 18.57 -4.64
N LEU B 242 32.14 18.12 -5.88
CA LEU B 242 33.31 18.37 -6.71
C LEU B 242 33.06 18.86 -8.14
N PRO B 243 33.32 20.17 -8.42
CA PRO B 243 33.37 20.62 -9.82
C PRO B 243 34.58 19.90 -10.46
N VAL B 244 34.38 19.35 -11.64
CA VAL B 244 35.37 18.51 -12.31
C VAL B 244 35.63 18.95 -13.76
N SER B 245 36.90 18.76 -14.21
CA SER B 245 37.40 19.00 -15.57
C SER B 245 36.72 18.06 -16.59
N ARG B 246 36.75 18.42 -17.89
CA ARG B 246 36.17 17.59 -18.96
C ARG B 246 36.92 16.24 -19.06
N GLU B 247 38.24 16.24 -18.82
CA GLU B 247 39.11 15.06 -18.90
C GLU B 247 38.88 14.04 -17.79
N ASP B 248 38.24 14.46 -16.69
CA ASP B 248 37.95 13.63 -15.53
C ASP B 248 36.45 13.37 -15.32
N ALA B 249 35.55 14.18 -15.94
CA ALA B 249 34.08 14.11 -15.82
C ALA B 249 33.48 12.70 -16.02
N ASP B 250 34.13 11.90 -16.87
CA ASP B 250 33.73 10.53 -17.21
C ASP B 250 33.74 9.55 -16.05
N MET B 251 34.50 9.83 -14.96
CA MET B 251 34.53 8.97 -13.77
C MET B 251 33.15 8.80 -13.14
N PHE B 252 32.30 9.85 -13.21
CA PHE B 252 30.94 9.86 -12.69
C PHE B 252 30.02 8.91 -13.46
N THR B 253 30.40 8.56 -14.68
CA THR B 253 29.66 7.66 -15.54
C THR B 253 30.13 6.20 -15.40
N VAL B 254 31.45 5.97 -15.56
CA VAL B 254 32.06 4.65 -15.69
C VAL B 254 32.50 3.98 -14.37
N ASP B 255 32.81 4.73 -13.30
CA ASP B 255 33.32 4.11 -12.07
C ASP B 255 32.43 3.01 -11.50
N GLU B 256 33.01 1.82 -11.36
CA GLU B 256 32.37 0.59 -10.89
C GLU B 256 31.98 0.64 -9.40
N ARG B 257 32.62 1.52 -8.61
CA ARG B 257 32.33 1.67 -7.17
C ARG B 257 30.95 2.31 -6.90
N PHE B 258 30.42 3.08 -7.87
CA PHE B 258 29.09 3.67 -7.77
C PHE B 258 28.05 2.60 -8.15
N LYS B 259 26.95 2.55 -7.40
CA LYS B 259 25.87 1.60 -7.63
C LYS B 259 24.73 2.22 -8.45
N LEU B 260 24.68 3.55 -8.52
CA LEU B 260 23.66 4.29 -9.26
C LEU B 260 24.23 5.60 -9.83
N LEU B 261 23.85 5.91 -11.08
CA LEU B 261 24.14 7.18 -11.74
C LEU B 261 22.82 7.91 -11.83
N THR B 262 22.76 9.11 -11.27
CA THR B 262 21.56 9.93 -11.41
C THR B 262 21.97 11.24 -12.03
N PHE B 263 21.44 11.49 -13.22
CA PHE B 263 21.77 12.64 -14.06
C PHE B 263 20.56 13.45 -14.43
N THR B 264 20.71 14.78 -14.39
CA THR B 264 19.74 15.75 -14.87
C THR B 264 20.50 16.69 -15.78
N GLY B 265 20.07 16.78 -17.02
CA GLY B 265 20.69 17.65 -18.01
C GLY B 265 20.31 17.34 -19.44
N SER B 266 21.26 17.54 -20.35
CA SER B 266 21.15 17.35 -21.79
C SER B 266 20.95 15.89 -22.19
N GLY B 267 19.96 15.66 -23.03
CA GLY B 267 19.58 14.37 -23.59
C GLY B 267 20.74 13.64 -24.28
N PRO B 268 21.41 14.23 -25.30
CA PRO B 268 22.54 13.55 -25.95
C PRO B 268 23.67 13.12 -25.00
N ILE B 269 23.94 13.93 -23.96
CA ILE B 269 24.94 13.64 -22.93
C ILE B 269 24.43 12.48 -22.05
N GLY B 270 23.20 12.60 -21.58
CA GLY B 270 22.54 11.59 -20.74
C GLY B 270 22.48 10.22 -21.38
N TRP B 271 21.97 10.13 -22.62
CA TRP B 271 21.87 8.85 -23.33
C TRP B 271 23.24 8.20 -23.56
N ASP B 272 24.26 9.01 -23.83
CA ASP B 272 25.64 8.54 -24.00
C ASP B 272 26.21 8.00 -22.65
N MET B 273 25.87 8.66 -21.53
CA MET B 273 26.27 8.25 -20.18
C MET B 273 25.62 6.89 -19.83
N LYS B 274 24.32 6.73 -20.16
CA LYS B 274 23.57 5.48 -19.97
C LYS B 274 24.28 4.32 -20.71
N ALA B 275 24.70 4.54 -21.96
CA ALA B 275 25.38 3.58 -22.83
C ALA B 275 26.75 3.15 -22.30
N ARG B 276 27.46 4.06 -21.61
CA ARG B 276 28.81 3.81 -21.11
C ARG B 276 28.91 3.60 -19.58
N ALA B 277 27.77 3.60 -18.87
CA ALA B 277 27.68 3.45 -17.42
C ALA B 277 28.20 2.14 -16.83
N GLY B 278 28.19 1.07 -17.61
CA GLY B 278 28.61 -0.22 -17.08
C GLY B 278 27.46 -0.92 -16.39
N LYS B 279 27.73 -1.56 -15.25
CA LYS B 279 26.77 -2.37 -14.50
C LYS B 279 25.75 -1.61 -13.65
N LYS B 280 26.06 -0.34 -13.29
CA LYS B 280 25.22 0.47 -12.42
C LYS B 280 23.85 0.80 -12.97
N LYS B 281 22.89 1.02 -12.05
CA LYS B 281 21.56 1.50 -12.39
C LYS B 281 21.70 2.97 -12.82
N VAL B 282 20.83 3.41 -13.71
CA VAL B 282 20.90 4.76 -14.27
C VAL B 282 19.51 5.41 -14.14
N VAL B 283 19.48 6.67 -13.69
CA VAL B 283 18.29 7.52 -13.54
C VAL B 283 18.57 8.74 -14.42
N MET B 284 17.64 9.09 -15.31
CA MET B 284 17.85 10.21 -16.24
C MET B 284 16.67 11.16 -16.27
N GLU B 285 16.94 12.44 -16.01
CA GLU B 285 15.96 13.52 -16.11
C GLU B 285 16.47 14.41 -17.23
N LEU B 286 15.85 14.31 -18.41
CA LEU B 286 16.37 15.03 -19.59
C LEU B 286 15.41 16.09 -20.10
N GLY B 287 15.69 16.64 -21.28
CA GLY B 287 14.89 17.72 -21.84
C GLY B 287 13.44 17.39 -22.14
N GLY B 288 12.76 18.37 -22.73
CA GLY B 288 11.36 18.25 -23.11
C GLY B 288 10.99 19.26 -24.18
N ASN B 289 9.78 19.13 -24.70
CA ASN B 289 9.19 20.03 -25.69
C ASN B 289 7.70 19.96 -25.37
N ALA B 290 7.36 20.53 -24.19
CA ALA B 290 6.05 20.49 -23.56
C ALA B 290 4.97 21.25 -24.29
N PRO B 291 3.88 20.54 -24.64
CA PRO B 291 2.73 21.20 -25.28
C PRO B 291 1.62 21.53 -24.25
N CYS B 292 0.68 22.39 -24.65
CA CYS B 292 -0.50 22.72 -23.85
C CYS B 292 -1.69 22.87 -24.76
N ILE B 293 -2.83 22.24 -24.37
CA ILE B 293 -4.10 22.32 -25.10
C ILE B 293 -5.00 23.30 -24.38
N VAL B 294 -5.53 24.28 -25.10
CA VAL B 294 -6.52 25.23 -24.56
C VAL B 294 -7.83 24.94 -25.29
N ASP B 295 -8.73 24.20 -24.63
CA ASP B 295 -10.04 23.80 -25.14
C ASP B 295 -11.18 24.54 -24.46
N ASP B 296 -10.88 25.24 -23.35
CA ASP B 296 -11.77 26.06 -22.52
C ASP B 296 -10.93 27.06 -21.70
N TYR B 297 -11.61 28.01 -21.02
CA TYR B 297 -10.97 28.97 -20.12
C TYR B 297 -11.31 28.47 -18.73
N VAL B 298 -10.31 27.98 -17.96
CA VAL B 298 -10.61 27.44 -16.62
C VAL B 298 -9.84 28.18 -15.49
N PRO B 299 -10.52 28.92 -14.57
CA PRO B 299 -11.97 29.19 -14.50
C PRO B 299 -12.44 30.32 -15.45
N ASP B 300 -11.51 31.18 -15.89
CA ASP B 300 -11.78 32.29 -16.80
C ASP B 300 -10.57 32.59 -17.69
N LEU B 301 -10.74 33.50 -18.67
CA LEU B 301 -9.70 33.87 -19.62
C LEU B 301 -8.50 34.48 -18.94
N ASP B 302 -8.73 35.43 -18.00
CA ASP B 302 -7.65 36.10 -17.26
C ASP B 302 -6.72 35.10 -16.55
N TYR B 303 -7.28 34.12 -15.82
CA TYR B 303 -6.49 33.09 -15.14
C TYR B 303 -5.80 32.15 -16.14
N THR B 304 -6.48 31.82 -17.28
CA THR B 304 -5.92 30.99 -18.34
C THR B 304 -4.67 31.66 -18.94
N ILE B 305 -4.78 32.95 -19.36
CA ILE B 305 -3.67 33.73 -19.91
C ILE B 305 -2.48 33.76 -18.91
N GLN B 306 -2.77 34.00 -17.65
CA GLN B 306 -1.80 34.06 -16.56
C GLN B 306 -0.99 32.76 -16.42
N ARG B 307 -1.66 31.60 -16.53
CA ARG B 307 -1.02 30.28 -16.43
C ARG B 307 -0.22 29.96 -17.68
N LEU B 308 -0.71 30.43 -18.82
CA LEU B 308 -0.01 30.25 -20.09
C LEU B 308 1.24 31.12 -20.11
N ILE B 309 1.18 32.37 -19.61
CA ILE B 309 2.33 33.28 -19.52
C ILE B 309 3.38 32.66 -18.57
N ASN B 310 2.94 32.12 -17.42
CA ASN B 310 3.80 31.44 -16.43
C ASN B 310 4.53 30.26 -17.05
N GLY B 311 3.82 29.44 -17.84
CA GLY B 311 4.38 28.27 -18.50
C GLY B 311 5.32 28.59 -19.66
N GLY B 312 4.91 29.52 -20.52
CA GLY B 312 5.70 29.89 -21.69
C GLY B 312 6.99 30.64 -21.40
N PHE B 313 7.08 31.30 -20.23
CA PHE B 313 8.22 32.13 -19.85
C PHE B 313 8.76 31.76 -18.44
N TYR B 314 8.51 30.49 -18.05
CA TYR B 314 8.95 29.81 -16.83
C TYR B 314 10.48 29.75 -16.80
N GLN B 315 11.10 30.58 -15.94
CA GLN B 315 12.56 30.70 -15.75
C GLN B 315 13.21 31.17 -17.07
N GLY B 316 12.46 31.96 -17.83
CA GLY B 316 12.86 32.45 -19.14
C GLY B 316 12.89 31.33 -20.16
N GLY B 317 12.07 30.29 -19.94
CA GLY B 317 12.01 29.12 -20.80
C GLY B 317 13.13 28.12 -20.56
N GLN B 318 14.08 28.46 -19.68
CA GLN B 318 15.22 27.62 -19.35
C GLN B 318 14.79 26.56 -18.32
N SER B 319 13.84 25.72 -18.75
CA SER B 319 13.21 24.66 -17.97
C SER B 319 12.88 23.47 -18.86
N CYS B 320 13.02 22.26 -18.31
CA CYS B 320 12.69 21.02 -19.04
C CYS B 320 11.19 20.83 -19.22
N ILE B 321 10.38 21.63 -18.46
CA ILE B 321 8.92 21.59 -18.56
C ILE B 321 8.34 22.96 -19.04
N HIS B 322 9.18 23.85 -19.61
CA HIS B 322 8.78 25.12 -20.20
C HIS B 322 7.68 24.81 -21.27
N MET B 323 6.59 25.59 -21.29
CA MET B 323 5.52 25.39 -22.29
C MET B 323 6.03 25.99 -23.59
N GLN B 324 6.50 25.12 -24.51
CA GLN B 324 7.10 25.50 -25.80
C GLN B 324 6.06 25.55 -26.93
N ARG B 325 5.03 24.69 -26.83
CA ARG B 325 3.99 24.58 -27.85
C ARG B 325 2.60 24.82 -27.26
N LEU B 326 1.80 25.67 -27.92
CA LEU B 326 0.47 26.07 -27.49
C LEU B 326 -0.58 25.82 -28.56
N TYR B 327 -1.47 24.84 -28.29
CA TYR B 327 -2.55 24.42 -29.18
C TYR B 327 -3.85 24.99 -28.64
N VAL B 328 -4.50 25.90 -29.40
CA VAL B 328 -5.74 26.56 -28.98
C VAL B 328 -6.88 26.19 -29.96
N HIS B 329 -8.08 25.85 -29.43
CA HIS B 329 -9.21 25.50 -30.29
C HIS B 329 -9.60 26.73 -31.12
N GLU B 330 -9.93 26.52 -32.39
CA GLU B 330 -10.29 27.54 -33.36
C GLU B 330 -11.31 28.55 -32.86
N ARG B 331 -12.29 28.12 -32.04
CA ARG B 331 -13.33 28.99 -31.51
C ARG B 331 -12.80 30.02 -30.49
N LEU B 332 -11.67 29.70 -29.83
CA LEU B 332 -11.02 30.52 -28.79
C LEU B 332 -9.74 31.19 -29.29
N TYR B 333 -9.20 30.73 -30.45
CA TYR B 333 -7.91 31.13 -31.02
C TYR B 333 -7.61 32.65 -31.01
N ASP B 334 -8.42 33.47 -31.71
CA ASP B 334 -8.19 34.92 -31.81
C ASP B 334 -8.18 35.62 -30.44
N GLU B 335 -9.07 35.21 -29.54
CA GLU B 335 -9.17 35.78 -28.19
C GLU B 335 -7.93 35.44 -27.35
N VAL B 336 -7.46 34.16 -27.42
CA VAL B 336 -6.28 33.68 -26.68
C VAL B 336 -5.00 34.33 -27.22
N LYS B 337 -4.82 34.33 -28.57
CA LYS B 337 -3.69 34.93 -29.25
C LYS B 337 -3.53 36.40 -28.84
N GLU B 338 -4.62 37.18 -28.94
CA GLU B 338 -4.64 38.59 -28.58
C GLU B 338 -4.27 38.87 -27.13
N GLY B 339 -4.88 38.16 -26.20
CA GLY B 339 -4.63 38.32 -24.77
C GLY B 339 -3.25 37.86 -24.35
N PHE B 340 -2.81 36.71 -24.87
CA PHE B 340 -1.50 36.14 -24.58
C PHE B 340 -0.38 37.04 -25.12
N VAL B 341 -0.46 37.48 -26.40
CA VAL B 341 0.55 38.37 -26.98
C VAL B 341 0.59 39.72 -26.23
N ALA B 342 -0.59 40.29 -25.86
CA ALA B 342 -0.67 41.54 -25.10
C ALA B 342 0.01 41.41 -23.73
N ALA B 343 -0.19 40.25 -23.06
CA ALA B 343 0.44 39.97 -21.76
C ALA B 343 1.96 39.74 -21.90
N VAL B 344 2.42 39.15 -23.05
CA VAL B 344 3.84 38.91 -23.35
C VAL B 344 4.56 40.25 -23.41
N LYS B 345 3.92 41.20 -24.12
CA LYS B 345 4.39 42.55 -24.35
C LYS B 345 4.59 43.36 -23.06
N LYS B 346 3.87 42.97 -21.97
CA LYS B 346 3.91 43.65 -20.68
C LYS B 346 5.00 43.12 -19.73
N LEU B 347 5.60 41.97 -20.04
CA LEU B 347 6.60 41.36 -19.20
C LEU B 347 7.90 42.17 -19.13
N LYS B 348 8.37 42.43 -17.90
CA LYS B 348 9.58 43.20 -17.67
C LYS B 348 10.81 42.32 -17.80
N MET B 349 11.69 42.69 -18.73
CA MET B 349 12.95 42.01 -19.01
C MET B 349 14.09 42.95 -18.57
N GLY B 350 15.02 42.44 -17.77
CA GLY B 350 16.15 43.25 -17.31
C GLY B 350 16.95 42.63 -16.18
N ASN B 351 17.51 43.49 -15.31
CA ASN B 351 18.34 43.14 -14.16
C ASN B 351 17.59 42.14 -13.27
N PRO B 352 18.09 40.87 -13.15
CA PRO B 352 17.35 39.87 -12.36
C PRO B 352 17.31 40.15 -10.86
N PHE B 353 18.17 41.06 -10.36
CA PHE B 353 18.19 41.47 -8.95
C PHE B 353 17.03 42.42 -8.60
N GLU B 354 16.38 43.00 -9.62
CA GLU B 354 15.22 43.87 -9.45
C GLU B 354 14.00 43.03 -9.12
N GLU B 355 13.23 43.49 -8.13
CA GLU B 355 12.04 42.79 -7.63
C GLU B 355 10.94 42.65 -8.66
N ASP B 356 10.81 43.62 -9.59
CA ASP B 356 9.75 43.62 -10.60
C ASP B 356 10.18 43.00 -11.94
N THR B 357 11.42 42.48 -12.01
CA THR B 357 11.92 41.83 -13.21
C THR B 357 11.30 40.43 -13.35
N TYR B 358 10.64 40.18 -14.51
CA TYR B 358 9.98 38.90 -14.80
C TYR B 358 10.92 38.00 -15.57
N LEU B 359 11.67 38.57 -16.53
CA LEU B 359 12.56 37.85 -17.41
C LEU B 359 14.02 38.33 -17.29
N GLY B 360 14.89 37.42 -16.87
CA GLY B 360 16.33 37.69 -16.73
C GLY B 360 17.10 37.29 -17.99
N PRO B 361 18.45 37.35 -18.00
CA PRO B 361 19.18 36.95 -19.20
C PRO B 361 19.28 35.43 -19.33
N MET B 362 19.73 34.94 -20.50
CA MET B 362 19.99 33.51 -20.68
C MET B 362 21.33 33.18 -19.99
N ILE B 363 21.63 31.89 -19.78
CA ILE B 363 22.83 31.43 -19.06
C ILE B 363 24.14 32.00 -19.68
N SER B 364 24.18 32.21 -21.00
CA SER B 364 25.35 32.73 -21.73
C SER B 364 24.89 33.45 -22.98
N GLU B 365 25.76 34.27 -23.56
CA GLU B 365 25.49 35.00 -24.80
C GLU B 365 25.36 34.01 -25.97
N SER B 366 26.09 32.88 -25.92
CA SER B 366 26.05 31.83 -26.95
C SER B 366 24.69 31.12 -26.94
N ALA B 367 24.11 30.92 -25.73
CA ALA B 367 22.77 30.31 -25.55
C ALA B 367 21.74 31.23 -26.20
N ALA B 368 21.81 32.56 -25.92
CA ALA B 368 20.93 33.59 -26.49
C ALA B 368 21.06 33.66 -28.03
N LYS B 369 22.31 33.59 -28.56
CA LYS B 369 22.63 33.58 -30.00
C LYS B 369 22.00 32.37 -30.68
N GLY B 370 22.09 31.20 -30.02
CA GLY B 370 21.49 29.94 -30.47
C GLY B 370 19.99 30.04 -30.61
N ILE B 371 19.31 30.62 -29.59
CA ILE B 371 17.85 30.88 -29.57
C ILE B 371 17.48 31.85 -30.70
N GLU B 372 18.26 32.94 -30.85
CA GLU B 372 18.08 33.95 -31.89
C GLU B 372 18.10 33.31 -33.29
N ASP B 373 19.06 32.37 -33.54
CA ASP B 373 19.23 31.64 -34.80
C ASP B 373 17.99 30.80 -35.11
N TRP B 374 17.51 30.04 -34.10
CA TRP B 374 16.34 29.17 -34.22
C TRP B 374 15.06 29.95 -34.46
N VAL B 375 14.97 31.19 -33.92
CA VAL B 375 13.84 32.09 -34.15
C VAL B 375 13.88 32.56 -35.63
N LYS B 376 15.05 33.03 -36.10
CA LYS B 376 15.27 33.46 -37.49
C LYS B 376 14.98 32.32 -38.47
N GLU B 377 15.43 31.09 -38.13
CA GLU B 377 15.22 29.89 -38.92
C GLU B 377 13.72 29.52 -38.98
N ALA B 378 13.00 29.60 -37.83
CA ALA B 378 11.57 29.30 -37.74
C ALA B 378 10.76 30.23 -38.63
N VAL B 379 11.11 31.53 -38.62
CA VAL B 379 10.51 32.59 -39.42
C VAL B 379 10.78 32.34 -40.91
N ALA B 380 12.04 31.99 -41.26
CA ALA B 380 12.48 31.69 -42.64
C ALA B 380 11.74 30.48 -43.23
N LYS B 381 11.42 29.49 -42.38
CA LYS B 381 10.71 28.27 -42.80
C LYS B 381 9.18 28.43 -42.82
N GLY B 382 8.69 29.66 -42.60
CA GLY B 382 7.26 29.96 -42.67
C GLY B 382 6.56 30.38 -41.39
N GLY B 383 7.30 30.50 -40.29
CA GLY B 383 6.74 30.94 -39.01
C GLY B 383 6.42 32.42 -39.00
N LYS B 384 5.31 32.80 -38.37
CA LYS B 384 4.87 34.19 -38.30
C LYS B 384 5.16 34.72 -36.90
N LEU B 385 6.14 35.62 -36.80
CA LEU B 385 6.55 36.24 -35.55
C LEU B 385 5.45 37.22 -35.07
N LEU B 386 4.88 36.95 -33.88
CA LEU B 386 3.81 37.78 -33.30
C LEU B 386 4.34 38.85 -32.40
N THR B 387 5.48 38.57 -31.72
CA THR B 387 6.17 39.48 -30.81
C THR B 387 7.58 38.96 -30.49
N GLY B 388 8.47 39.86 -30.08
CA GLY B 388 9.85 39.56 -29.68
C GLY B 388 10.77 39.13 -30.79
N GLY B 389 11.64 38.18 -30.47
CA GLY B 389 12.60 37.59 -31.40
C GLY B 389 13.96 38.26 -31.49
N ASN B 390 14.13 39.42 -30.83
CA ASN B 390 15.38 40.17 -30.84
C ASN B 390 16.27 39.86 -29.65
N ARG B 391 17.58 39.94 -29.85
CA ARG B 391 18.62 39.65 -28.85
C ARG B 391 19.37 40.93 -28.46
N LYS B 392 19.76 41.02 -27.17
CA LYS B 392 20.54 42.10 -26.57
C LYS B 392 21.54 41.42 -25.62
N GLY B 393 22.70 41.04 -26.15
CA GLY B 393 23.71 40.30 -25.41
C GLY B 393 23.21 38.92 -25.06
N ALA B 394 23.06 38.66 -23.75
CA ALA B 394 22.54 37.38 -23.23
C ALA B 394 21.00 37.37 -23.13
N PHE B 395 20.35 38.52 -23.38
CA PHE B 395 18.90 38.66 -23.32
C PHE B 395 18.22 38.35 -24.64
N ILE B 396 17.14 37.56 -24.58
CA ILE B 396 16.27 37.27 -25.71
C ILE B 396 14.90 37.76 -25.27
N GLU B 397 14.23 38.58 -26.14
CA GLU B 397 12.89 39.13 -25.89
C GLU B 397 11.89 37.99 -25.79
N PRO B 398 10.84 38.08 -24.92
CA PRO B 398 9.83 37.00 -24.89
C PRO B 398 9.18 36.93 -26.28
N THR B 399 9.25 35.75 -26.90
CA THR B 399 8.86 35.52 -28.29
C THR B 399 7.67 34.60 -28.47
N VAL B 400 6.75 34.95 -29.40
CA VAL B 400 5.60 34.14 -29.80
C VAL B 400 5.63 34.00 -31.34
N ILE B 401 5.78 32.77 -31.81
CA ILE B 401 5.80 32.49 -33.25
C ILE B 401 4.64 31.56 -33.59
N GLU B 402 3.87 31.95 -34.59
CA GLU B 402 2.69 31.23 -35.07
C GLU B 402 3.02 30.36 -36.30
N ASP B 403 2.47 29.15 -36.34
CA ASP B 403 2.56 28.15 -37.43
C ASP B 403 4.00 27.81 -37.88
N VAL B 404 4.84 27.40 -36.93
CA VAL B 404 6.22 26.98 -37.17
C VAL B 404 6.20 25.52 -37.64
N PRO B 405 6.73 25.18 -38.83
CA PRO B 405 6.68 23.77 -39.29
C PRO B 405 7.66 22.85 -38.55
N ILE B 406 7.38 21.53 -38.58
CA ILE B 406 8.18 20.46 -37.94
C ILE B 406 9.64 20.46 -38.43
N GLU B 407 9.88 20.95 -39.66
CA GLU B 407 11.17 21.08 -40.33
C GLU B 407 12.12 21.98 -39.52
N ALA B 408 11.55 23.04 -38.90
CA ALA B 408 12.31 24.01 -38.09
C ALA B 408 12.77 23.41 -36.77
N ASN B 409 14.00 23.75 -36.33
CA ASN B 409 14.60 23.30 -35.07
C ASN B 409 13.80 23.77 -33.85
N ALA B 410 13.18 24.97 -33.93
CA ALA B 410 12.36 25.57 -32.88
C ALA B 410 11.16 24.69 -32.55
N ARG B 411 10.60 23.99 -33.54
CA ARG B 411 9.47 23.07 -33.34
C ARG B 411 9.94 21.65 -32.98
N LYS B 412 10.95 21.12 -33.69
CA LYS B 412 11.44 19.77 -33.47
C LYS B 412 12.16 19.60 -32.13
N GLU B 413 13.08 20.52 -31.81
CA GLU B 413 13.93 20.40 -30.64
C GLU B 413 13.55 21.31 -29.49
N GLU B 414 14.05 20.96 -28.29
CA GLU B 414 13.88 21.74 -27.07
C GLU B 414 14.55 23.12 -27.30
N ILE B 415 13.79 24.23 -27.19
CA ILE B 415 14.33 25.57 -27.40
C ILE B 415 15.13 26.06 -26.17
N PHE B 416 14.61 25.82 -24.94
CA PHE B 416 15.20 26.22 -23.65
C PHE B 416 15.42 27.74 -23.61
N GLY B 417 14.42 28.46 -24.09
CA GLY B 417 14.43 29.91 -24.16
C GLY B 417 13.04 30.51 -24.08
N PRO B 418 12.88 31.84 -24.02
CA PRO B 418 11.52 32.40 -23.87
C PRO B 418 10.78 32.50 -25.20
N VAL B 419 10.51 31.33 -25.80
CA VAL B 419 9.85 31.17 -27.09
C VAL B 419 8.67 30.23 -26.96
N VAL B 420 7.52 30.64 -27.48
CA VAL B 420 6.30 29.84 -27.48
C VAL B 420 5.85 29.75 -28.94
N LEU B 421 5.47 28.56 -29.35
CA LEU B 421 4.98 28.30 -30.69
C LEU B 421 3.50 28.09 -30.56
N LEU B 422 2.73 28.95 -31.24
CA LEU B 422 1.27 28.96 -31.23
C LEU B 422 0.67 28.25 -32.44
N TYR B 423 -0.33 27.40 -32.20
CA TYR B 423 -1.02 26.64 -33.23
C TYR B 423 -2.51 26.60 -32.94
N LYS B 424 -3.31 26.47 -34.00
CA LYS B 424 -4.77 26.36 -33.94
C LYS B 424 -5.15 24.90 -34.26
N TYR B 425 -6.27 24.41 -33.69
CA TYR B 425 -6.82 23.08 -33.99
C TYR B 425 -8.34 23.14 -34.04
N SER B 426 -8.94 22.18 -34.75
CA SER B 426 -10.39 22.07 -34.88
C SER B 426 -10.92 20.83 -34.18
N ASP B 427 -10.09 19.77 -34.11
CA ASP B 427 -10.41 18.48 -33.49
C ASP B 427 -9.50 18.21 -32.31
N PHE B 428 -10.10 17.90 -31.15
CA PHE B 428 -9.42 17.61 -29.90
C PHE B 428 -8.51 16.38 -29.95
N LYS B 429 -9.00 15.26 -30.54
CA LYS B 429 -8.21 14.02 -30.69
C LYS B 429 -6.94 14.29 -31.50
N GLU B 430 -7.06 15.17 -32.52
CA GLU B 430 -5.94 15.58 -33.39
C GLU B 430 -4.96 16.45 -32.62
N ALA B 431 -5.46 17.31 -31.70
CA ALA B 431 -4.61 18.15 -30.86
C ALA B 431 -3.74 17.30 -29.93
N VAL B 432 -4.32 16.21 -29.35
CA VAL B 432 -3.65 15.25 -28.47
C VAL B 432 -2.56 14.52 -29.26
N LYS B 433 -2.89 14.12 -30.51
CA LYS B 433 -1.96 13.45 -31.44
C LYS B 433 -0.77 14.38 -31.74
N GLU B 434 -1.04 15.69 -31.97
CA GLU B 434 0.00 16.66 -32.25
C GLU B 434 0.87 16.96 -31.01
N CYS B 435 0.25 16.92 -29.81
CA CYS B 435 0.96 17.06 -28.54
C CYS B 435 1.97 15.92 -28.39
N ASN B 436 1.61 14.71 -28.90
CA ASN B 436 2.42 13.48 -28.88
C ASN B 436 3.45 13.43 -30.00
N ASN B 437 3.31 14.32 -31.01
CA ASN B 437 4.19 14.38 -32.18
C ASN B 437 5.53 15.06 -31.84
N THR B 438 6.32 14.38 -31.02
CA THR B 438 7.63 14.82 -30.52
C THR B 438 8.39 13.58 -30.03
N HIS B 439 9.73 13.64 -30.03
CA HIS B 439 10.55 12.55 -29.53
C HIS B 439 10.76 12.67 -28.03
N TYR B 440 10.29 13.78 -27.46
CA TYR B 440 10.29 14.10 -26.04
C TYR B 440 8.98 13.60 -25.42
N GLY B 441 8.90 13.57 -24.10
CA GLY B 441 7.70 13.11 -23.42
C GLY B 441 7.73 13.31 -21.92
N LEU B 442 8.00 14.54 -21.48
CA LEU B 442 8.12 14.89 -20.07
C LEU B 442 6.75 15.20 -19.44
N GLN B 443 6.15 16.36 -19.80
CA GLN B 443 4.87 16.80 -19.30
C GLN B 443 4.05 17.47 -20.41
N SER B 444 2.73 17.55 -20.19
CA SER B 444 1.76 18.18 -21.07
C SER B 444 0.73 18.88 -20.19
N GLY B 445 0.09 19.91 -20.73
CA GLY B 445 -0.96 20.66 -20.07
C GLY B 445 -2.25 20.62 -20.85
N ILE B 446 -3.39 20.81 -20.16
CA ILE B 446 -4.70 20.78 -20.80
C ILE B 446 -5.73 21.59 -20.02
N PHE B 447 -6.37 22.55 -20.70
CA PHE B 447 -7.44 23.37 -20.14
C PHE B 447 -8.74 22.85 -20.72
N THR B 448 -9.57 22.24 -19.89
CA THR B 448 -10.87 21.68 -20.29
C THR B 448 -11.86 21.65 -19.12
N LYS B 449 -13.14 21.81 -19.44
CA LYS B 449 -14.28 21.71 -18.50
C LYS B 449 -14.97 20.36 -18.74
N ASP B 450 -14.54 19.63 -19.79
CA ASP B 450 -15.09 18.34 -20.20
C ASP B 450 -14.44 17.16 -19.47
N LEU B 451 -15.25 16.42 -18.71
CA LEU B 451 -14.82 15.25 -17.94
C LEU B 451 -14.09 14.21 -18.81
N ASN B 452 -14.67 13.86 -19.98
CA ASN B 452 -14.11 12.86 -20.90
C ASN B 452 -12.85 13.31 -21.58
N LYS B 453 -12.75 14.59 -21.97
CA LYS B 453 -11.54 15.16 -22.59
C LYS B 453 -10.35 15.11 -21.63
N ALA B 454 -10.60 15.45 -20.36
CA ALA B 454 -9.60 15.40 -19.29
C ALA B 454 -9.02 13.98 -19.14
N PHE B 455 -9.88 12.95 -19.04
CA PHE B 455 -9.43 11.57 -18.85
C PHE B 455 -8.94 10.93 -20.14
N TYR B 456 -9.37 11.43 -21.32
CA TYR B 456 -8.86 10.97 -22.61
C TYR B 456 -7.38 11.45 -22.71
N ALA B 457 -7.13 12.71 -22.32
CA ALA B 457 -5.79 13.29 -22.32
C ALA B 457 -4.87 12.53 -21.35
N PHE B 458 -5.37 12.20 -20.15
CA PHE B 458 -4.61 11.44 -19.17
C PHE B 458 -4.21 10.08 -19.75
N GLU B 459 -5.15 9.43 -20.44
CA GLU B 459 -4.92 8.13 -21.05
C GLU B 459 -3.98 8.12 -22.28
N HIS B 460 -4.13 9.12 -23.19
CA HIS B 460 -3.41 9.11 -24.45
C HIS B 460 -2.19 10.00 -24.57
N MET B 461 -1.98 10.97 -23.66
CA MET B 461 -0.77 11.80 -23.75
C MET B 461 0.45 10.98 -23.33
N GLU B 462 1.47 10.90 -24.22
CA GLU B 462 2.70 10.10 -24.04
C GLU B 462 3.74 10.86 -23.23
N VAL B 463 3.43 11.07 -21.95
CA VAL B 463 4.23 11.87 -21.00
C VAL B 463 4.22 11.21 -19.61
N GLY B 464 5.06 11.71 -18.71
CA GLY B 464 5.09 11.28 -17.32
C GLY B 464 4.08 12.02 -16.45
N GLY B 465 3.69 13.21 -16.88
CA GLY B 465 2.74 14.03 -16.14
C GLY B 465 1.81 14.81 -17.04
N VAL B 466 0.49 14.75 -16.75
CA VAL B 466 -0.53 15.52 -17.49
C VAL B 466 -1.03 16.54 -16.49
N ILE B 467 -0.90 17.83 -16.81
CA ILE B 467 -1.37 18.93 -15.94
C ILE B 467 -2.73 19.38 -16.43
N LEU B 468 -3.74 19.17 -15.58
CA LEU B 468 -5.11 19.51 -15.86
C LEU B 468 -5.47 20.85 -15.24
N ASN B 469 -5.75 21.83 -16.14
CA ASN B 469 -6.20 23.19 -15.89
C ASN B 469 -5.09 24.07 -15.30
N ASP B 470 -3.92 23.85 -15.84
CA ASP B 470 -2.70 24.63 -15.65
C ASP B 470 -1.80 24.20 -16.79
N SER B 471 -0.80 25.02 -17.08
CA SER B 471 0.17 24.75 -18.15
C SER B 471 1.10 23.56 -17.75
N PRO B 472 1.89 23.00 -18.70
CA PRO B 472 2.78 21.87 -18.33
C PRO B 472 3.94 22.23 -17.39
N ALA B 473 4.21 23.52 -17.14
CA ALA B 473 5.35 23.93 -16.32
C ALA B 473 5.14 23.80 -14.80
N LEU B 474 4.03 23.17 -14.38
CA LEU B 474 3.74 22.95 -12.96
C LEU B 474 4.36 21.62 -12.47
N ARG B 475 5.05 21.68 -11.31
CA ARG B 475 5.62 20.53 -10.62
C ARG B 475 5.54 20.69 -9.10
N VAL B 476 4.99 19.67 -8.41
CA VAL B 476 4.92 19.62 -6.95
C VAL B 476 6.10 18.71 -6.59
N ASP B 477 6.92 19.11 -5.63
CA ASP B 477 8.16 18.39 -5.28
C ASP B 477 7.95 16.97 -4.70
N SER B 478 6.71 16.57 -4.44
CA SER B 478 6.38 15.23 -3.93
C SER B 478 5.80 14.32 -5.05
N GLN B 479 5.41 14.92 -6.19
CA GLN B 479 4.81 14.22 -7.34
C GLN B 479 5.84 13.36 -8.11
N PRO B 480 5.41 12.26 -8.80
CA PRO B 480 6.37 11.50 -9.63
C PRO B 480 6.69 12.33 -10.87
N TYR B 481 7.95 12.71 -11.01
CA TYR B 481 8.41 13.59 -12.09
C TYR B 481 9.43 12.92 -12.98
N GLY B 482 9.14 12.89 -14.26
CA GLY B 482 10.00 12.26 -15.25
C GLY B 482 9.29 12.09 -16.57
N GLY B 483 10.00 11.48 -17.52
CA GLY B 483 9.41 11.34 -18.83
C GLY B 483 9.52 10.01 -19.52
N LEU B 484 8.92 9.97 -20.71
CA LEU B 484 8.92 8.86 -21.66
C LEU B 484 9.77 9.32 -22.83
N LYS B 485 10.02 8.42 -23.78
CA LYS B 485 10.80 8.66 -24.99
C LYS B 485 12.19 9.25 -24.67
N ASP B 486 12.60 10.38 -25.31
CA ASP B 486 13.93 10.99 -25.10
C ASP B 486 14.03 11.83 -23.84
N SER B 487 12.94 11.98 -23.08
CA SER B 487 12.93 12.81 -21.88
C SER B 487 13.56 12.13 -20.67
N GLY B 488 13.91 10.85 -20.79
CA GLY B 488 14.63 10.18 -19.72
C GLY B 488 14.07 8.85 -19.31
N ILE B 489 14.62 8.30 -18.20
CA ILE B 489 14.19 7.05 -17.59
C ILE B 489 14.01 7.23 -16.08
N GLN B 490 12.93 6.63 -15.51
CA GLN B 490 12.56 6.66 -14.09
C GLN B 490 11.92 7.99 -13.64
N ARG B 491 11.66 8.12 -12.33
CA ARG B 491 11.02 9.29 -11.72
C ARG B 491 11.78 9.85 -10.54
N GLU B 492 11.74 11.17 -10.43
CA GLU B 492 12.21 11.97 -9.30
C GLU B 492 10.94 12.42 -8.60
N GLY B 493 11.08 13.13 -7.50
CA GLY B 493 9.97 13.41 -6.59
C GLY B 493 10.41 12.50 -5.47
N VAL B 494 10.62 13.08 -4.28
CA VAL B 494 11.30 12.46 -3.14
C VAL B 494 11.05 10.96 -2.97
N LYS B 495 9.82 10.52 -2.67
CA LYS B 495 9.57 9.10 -2.44
C LYS B 495 9.88 8.21 -3.65
N TYR B 496 9.73 8.73 -4.89
CA TYR B 496 10.05 8.00 -6.14
C TYR B 496 11.54 7.90 -6.38
N ALA B 497 12.30 8.99 -6.08
CA ALA B 497 13.75 8.98 -6.21
C ALA B 497 14.35 8.05 -5.17
N MET B 498 13.72 7.96 -3.99
CA MET B 498 14.14 7.06 -2.90
C MET B 498 14.06 5.60 -3.35
N ASP B 499 13.02 5.25 -4.13
CA ASP B 499 12.83 3.92 -4.68
C ASP B 499 14.02 3.47 -5.48
N ASP B 500 14.57 4.35 -6.36
CA ASP B 500 15.74 4.05 -7.19
C ASP B 500 17.01 3.89 -6.35
N MET B 501 17.06 4.49 -5.14
CA MET B 501 18.21 4.40 -4.23
C MET B 501 18.05 3.26 -3.22
N LEU B 502 17.05 2.39 -3.45
CA LEU B 502 16.76 1.27 -2.56
C LEU B 502 16.75 -0.03 -3.32
N GLU B 503 17.20 -1.09 -2.65
CA GLU B 503 17.21 -2.46 -3.16
C GLU B 503 16.33 -3.34 -2.30
N THR B 504 15.53 -4.16 -2.94
CA THR B 504 14.60 -5.10 -2.31
C THR B 504 15.36 -6.33 -1.84
N LYS B 505 15.06 -6.79 -0.62
CA LYS B 505 15.60 -8.02 -0.04
C LYS B 505 14.47 -8.72 0.67
N VAL B 506 14.31 -10.02 0.41
CA VAL B 506 13.29 -10.85 1.05
C VAL B 506 13.95 -11.88 1.97
N LEU B 507 13.43 -12.01 3.19
CA LEU B 507 13.83 -13.06 4.13
C LEU B 507 12.73 -14.13 3.96
N VAL B 508 13.02 -15.23 3.24
CA VAL B 508 12.06 -16.32 3.02
C VAL B 508 12.22 -17.25 4.22
N MET B 509 11.15 -17.39 5.01
CA MET B 509 11.15 -18.13 6.27
C MET B 509 10.38 -19.42 6.19
N ARG B 510 11.08 -20.56 6.42
CA ARG B 510 10.49 -21.88 6.41
C ARG B 510 10.15 -22.34 7.82
N ASN B 511 8.84 -22.56 8.06
CA ASN B 511 8.25 -23.01 9.32
C ASN B 511 8.78 -22.25 10.56
N VAL B 512 8.89 -20.93 10.45
CA VAL B 512 9.36 -20.09 11.56
C VAL B 512 8.18 -19.88 12.54
N GLY B 513 8.38 -20.29 13.78
CA GLY B 513 7.36 -20.22 14.81
C GLY B 513 6.86 -21.60 15.21
N THR B 514 7.42 -22.65 14.57
CA THR B 514 7.12 -24.05 14.87
C THR B 514 8.13 -24.49 15.92
N LEU B 515 7.63 -24.97 17.06
CA LEU B 515 8.45 -25.42 18.17
C LEU B 515 8.76 -26.92 18.09
N VAL C 35 -45.85 -29.76 -6.91
CA VAL C 35 -46.88 -30.42 -6.11
C VAL C 35 -46.32 -30.81 -4.71
N THR C 36 -45.39 -31.79 -4.66
CA THR C 36 -44.78 -32.27 -3.42
C THR C 36 -43.59 -31.35 -3.08
N PRO C 37 -43.54 -30.75 -1.87
CA PRO C 37 -42.40 -29.86 -1.52
C PRO C 37 -41.11 -30.65 -1.33
N LYS C 38 -39.98 -30.11 -1.84
CA LYS C 38 -38.67 -30.72 -1.70
C LYS C 38 -38.15 -30.50 -0.27
N LYS C 39 -37.73 -31.58 0.41
CA LYS C 39 -37.19 -31.53 1.76
C LYS C 39 -35.69 -31.24 1.69
N TYR C 40 -35.25 -30.21 2.41
CA TYR C 40 -33.84 -29.81 2.43
C TYR C 40 -33.23 -30.16 3.77
N ASN C 41 -31.90 -30.20 3.83
CA ASN C 41 -31.15 -30.40 5.08
C ASN C 41 -30.57 -29.05 5.47
N ILE C 42 -30.33 -28.88 6.77
CA ILE C 42 -29.66 -27.69 7.31
C ILE C 42 -28.27 -28.14 7.71
N PHE C 43 -27.36 -27.20 7.99
CA PHE C 43 -25.98 -27.56 8.28
C PHE C 43 -25.59 -27.19 9.67
N LEU C 44 -25.32 -28.21 10.49
CA LEU C 44 -24.91 -28.10 11.88
C LEU C 44 -23.51 -28.65 12.01
N ALA C 45 -22.54 -27.78 12.38
CA ALA C 45 -21.13 -28.11 12.56
C ALA C 45 -20.60 -28.90 11.35
N SER C 46 -20.83 -28.33 10.13
CA SER C 46 -20.42 -28.82 8.80
C SER C 46 -21.22 -30.02 8.25
N LYS C 47 -22.16 -30.56 9.04
CA LYS C 47 -22.92 -31.76 8.70
C LYS C 47 -24.40 -31.55 8.37
N PRO C 48 -24.96 -32.27 7.35
CA PRO C 48 -26.39 -32.10 7.04
C PRO C 48 -27.26 -32.75 8.11
N VAL C 49 -28.18 -31.96 8.68
CA VAL C 49 -29.09 -32.46 9.70
C VAL C 49 -30.56 -32.25 9.27
N ASP C 50 -31.44 -33.13 9.75
CA ASP C 50 -32.88 -33.10 9.47
C ASP C 50 -33.66 -33.48 10.74
N GLY C 51 -33.69 -34.77 11.06
CA GLY C 51 -34.33 -35.34 12.25
C GLY C 51 -35.81 -35.03 12.41
N ASP C 52 -36.20 -34.81 13.67
CA ASP C 52 -37.56 -34.52 14.15
C ASP C 52 -37.83 -33.02 14.30
N ARG C 53 -37.00 -32.17 13.67
CA ARG C 53 -37.11 -30.72 13.72
C ARG C 53 -38.38 -30.21 13.02
N LYS C 54 -38.94 -29.10 13.53
CA LYS C 54 -40.10 -28.40 12.98
C LYS C 54 -39.81 -28.00 11.53
N TRP C 55 -40.82 -28.06 10.67
CA TRP C 55 -40.68 -27.70 9.27
C TRP C 55 -41.03 -26.25 8.97
N LEU C 56 -40.17 -25.57 8.20
CA LEU C 56 -40.36 -24.19 7.76
C LEU C 56 -40.73 -24.30 6.28
N ASP C 57 -41.84 -23.71 5.90
CA ASP C 57 -42.32 -23.73 4.53
C ASP C 57 -41.64 -22.64 3.74
N VAL C 58 -41.18 -22.97 2.54
CA VAL C 58 -40.58 -22.01 1.60
C VAL C 58 -41.50 -22.02 0.39
N THR C 59 -42.12 -20.86 0.09
CA THR C 59 -43.08 -20.76 -1.01
C THR C 59 -42.49 -20.25 -2.31
N ASN C 60 -43.08 -20.67 -3.43
CA ASN C 60 -42.78 -20.19 -4.78
C ASN C 60 -43.43 -18.80 -4.75
N LYS C 61 -42.64 -17.73 -4.89
CA LYS C 61 -43.17 -16.36 -4.75
C LYS C 61 -44.09 -15.91 -5.88
N TYR C 62 -44.22 -16.70 -6.95
CA TYR C 62 -45.14 -16.38 -8.04
C TYR C 62 -46.50 -17.08 -7.84
N THR C 63 -46.48 -18.40 -7.61
CA THR C 63 -47.67 -19.24 -7.45
C THR C 63 -48.22 -19.28 -6.03
N ASN C 64 -47.35 -19.06 -5.02
CA ASN C 64 -47.63 -19.11 -3.58
C ASN C 64 -47.71 -20.54 -3.02
N ASP C 65 -47.34 -21.55 -3.83
CA ASP C 65 -47.33 -22.94 -3.41
C ASP C 65 -46.11 -23.21 -2.55
N VAL C 66 -46.21 -24.13 -1.56
CA VAL C 66 -45.09 -24.53 -0.71
C VAL C 66 -44.21 -25.40 -1.61
N ALA C 67 -43.06 -24.86 -2.00
CA ALA C 67 -42.17 -25.58 -2.90
C ALA C 67 -41.10 -26.37 -2.16
N ALA C 68 -40.83 -26.01 -0.91
CA ALA C 68 -39.80 -26.64 -0.09
C ALA C 68 -40.15 -26.60 1.38
N LYS C 69 -39.63 -27.59 2.11
CA LYS C 69 -39.78 -27.70 3.56
C LYS C 69 -38.37 -27.83 4.13
N VAL C 70 -38.01 -26.93 5.04
CA VAL C 70 -36.67 -26.83 5.61
C VAL C 70 -36.72 -27.12 7.15
N PRO C 71 -35.78 -27.94 7.73
CA PRO C 71 -35.81 -28.15 9.18
C PRO C 71 -35.36 -26.89 9.92
N GLN C 72 -36.15 -26.48 10.89
CA GLN C 72 -35.84 -25.29 11.68
C GLN C 72 -34.97 -25.72 12.88
N ALA C 73 -33.81 -25.06 13.04
CA ALA C 73 -32.90 -25.39 14.14
C ALA C 73 -33.50 -25.02 15.48
N THR C 74 -33.23 -25.86 16.52
CA THR C 74 -33.67 -25.64 17.90
C THR C 74 -32.63 -24.77 18.62
N HIS C 75 -32.90 -24.37 19.87
CA HIS C 75 -32.01 -23.61 20.73
C HIS C 75 -30.71 -24.38 20.97
N LYS C 76 -30.82 -25.70 21.21
CA LYS C 76 -29.69 -26.61 21.44
C LYS C 76 -28.81 -26.72 20.20
N ASP C 77 -29.43 -26.76 18.99
CA ASP C 77 -28.70 -26.77 17.72
C ASP C 77 -27.83 -25.53 17.58
N ILE C 78 -28.41 -24.34 17.86
CA ILE C 78 -27.70 -23.06 17.76
C ILE C 78 -26.55 -23.03 18.77
N ASP C 79 -26.78 -23.56 19.98
CA ASP C 79 -25.75 -23.63 21.01
C ASP C 79 -24.58 -24.55 20.60
N ASP C 80 -24.90 -25.70 19.98
CA ASP C 80 -23.95 -26.68 19.47
C ASP C 80 -23.13 -26.13 18.32
N ALA C 81 -23.80 -25.41 17.39
CA ALA C 81 -23.21 -24.73 16.22
C ALA C 81 -22.14 -23.71 16.65
N ILE C 82 -22.49 -22.86 17.64
CA ILE C 82 -21.59 -21.85 18.17
C ILE C 82 -20.39 -22.50 18.88
N ASP C 83 -20.62 -23.57 19.67
CA ASP C 83 -19.56 -24.31 20.35
C ASP C 83 -18.58 -24.94 19.35
N ALA C 84 -19.11 -25.48 18.23
CA ALA C 84 -18.33 -26.07 17.15
C ALA C 84 -17.51 -25.01 16.44
N ALA C 85 -18.08 -23.80 16.23
CA ALA C 85 -17.39 -22.67 15.59
C ALA C 85 -16.22 -22.23 16.48
N VAL C 86 -16.42 -22.14 17.80
CA VAL C 86 -15.36 -21.79 18.76
C VAL C 86 -14.25 -22.86 18.70
N ALA C 87 -14.63 -24.16 18.72
CA ALA C 87 -13.71 -25.29 18.67
C ALA C 87 -12.95 -25.41 17.34
N ALA C 88 -13.56 -24.95 16.22
CA ALA C 88 -12.94 -24.97 14.89
C ALA C 88 -12.05 -23.76 14.60
N ALA C 89 -12.17 -22.67 15.40
CA ALA C 89 -11.39 -21.44 15.21
C ALA C 89 -9.86 -21.67 15.13
N PRO C 90 -9.20 -22.47 16.04
CA PRO C 90 -7.75 -22.72 15.88
C PRO C 90 -7.37 -23.42 14.57
N ALA C 91 -8.12 -24.46 14.16
CA ALA C 91 -7.83 -25.18 12.90
C ALA C 91 -8.05 -24.28 11.69
N MET C 92 -9.05 -23.38 11.75
CA MET C 92 -9.35 -22.41 10.69
C MET C 92 -8.16 -21.45 10.54
N ALA C 93 -7.66 -20.95 11.68
CA ALA C 93 -6.54 -20.02 11.76
C ALA C 93 -5.19 -20.67 11.37
N ALA C 94 -5.05 -22.01 11.50
CA ALA C 94 -3.86 -22.78 11.15
C ALA C 94 -3.81 -23.25 9.67
N MET C 95 -4.92 -23.07 8.90
CA MET C 95 -4.99 -23.44 7.48
C MET C 95 -3.98 -22.61 6.71
N GLY C 96 -3.37 -23.21 5.70
CA GLY C 96 -2.44 -22.50 4.81
C GLY C 96 -3.28 -21.62 3.88
N ALA C 97 -2.73 -20.50 3.43
CA ALA C 97 -3.44 -19.58 2.53
C ALA C 97 -3.99 -20.30 1.29
N TYR C 98 -3.18 -21.23 0.73
CA TYR C 98 -3.53 -22.06 -0.43
C TYR C 98 -4.72 -23.00 -0.12
N GLU C 99 -4.90 -23.41 1.16
CA GLU C 99 -5.99 -24.27 1.58
C GLU C 99 -7.30 -23.48 1.59
N ARG C 100 -7.25 -22.23 2.09
CA ARG C 100 -8.41 -21.33 2.10
C ARG C 100 -8.80 -21.01 0.64
N LYS C 101 -7.78 -20.83 -0.24
CA LYS C 101 -7.96 -20.58 -1.68
C LYS C 101 -8.66 -21.75 -2.35
N ALA C 102 -8.19 -22.99 -2.09
CA ALA C 102 -8.75 -24.23 -2.63
C ALA C 102 -10.24 -24.36 -2.27
N VAL C 103 -10.63 -24.02 -1.01
CA VAL C 103 -12.04 -24.07 -0.58
C VAL C 103 -12.87 -23.18 -1.52
N LEU C 104 -12.45 -21.92 -1.66
CA LEU C 104 -13.12 -20.91 -2.46
C LEU C 104 -13.18 -21.24 -3.93
N GLU C 105 -12.10 -21.84 -4.47
CA GLU C 105 -12.03 -22.25 -5.87
C GLU C 105 -12.97 -23.43 -6.12
N LYS C 106 -13.15 -24.32 -5.13
CA LYS C 106 -14.08 -25.45 -5.21
C LYS C 106 -15.53 -24.96 -5.23
N VAL C 107 -15.82 -23.85 -4.49
CA VAL C 107 -17.16 -23.23 -4.47
C VAL C 107 -17.50 -22.71 -5.87
N VAL C 108 -16.56 -21.95 -6.48
CA VAL C 108 -16.65 -21.39 -7.83
C VAL C 108 -16.95 -22.49 -8.87
N ALA C 109 -16.22 -23.62 -8.78
CA ALA C 109 -16.38 -24.76 -9.68
C ALA C 109 -17.78 -25.37 -9.57
N GLU C 110 -18.25 -25.54 -8.34
CA GLU C 110 -19.58 -26.08 -8.05
C GLU C 110 -20.72 -25.15 -8.46
N LEU C 111 -20.54 -23.84 -8.33
CA LEU C 111 -21.53 -22.83 -8.74
C LEU C 111 -21.68 -22.81 -10.23
N LYS C 112 -20.56 -22.95 -10.95
CA LYS C 112 -20.54 -22.99 -12.41
C LYS C 112 -21.27 -24.24 -12.89
N ASN C 113 -21.02 -25.38 -12.22
CA ASN C 113 -21.59 -26.70 -12.49
C ASN C 113 -23.10 -26.73 -12.34
N ARG C 114 -23.61 -26.14 -11.23
CA ARG C 114 -25.02 -26.13 -10.86
C ARG C 114 -25.71 -24.79 -11.21
N PHE C 115 -25.12 -24.00 -12.13
CA PHE C 115 -25.58 -22.65 -12.53
C PHE C 115 -27.11 -22.48 -12.71
N GLU C 116 -27.71 -23.20 -13.69
CA GLU C 116 -29.14 -23.11 -14.00
C GLU C 116 -30.02 -23.59 -12.86
N GLU C 117 -29.63 -24.69 -12.19
CA GLU C 117 -30.32 -25.25 -11.02
C GLU C 117 -30.42 -24.17 -9.91
N ILE C 118 -29.29 -23.47 -9.64
CA ILE C 118 -29.20 -22.42 -8.63
C ILE C 118 -30.06 -21.19 -9.02
N ALA C 119 -29.95 -20.74 -10.29
CA ALA C 119 -30.71 -19.62 -10.85
C ALA C 119 -32.24 -19.85 -10.77
N GLN C 120 -32.69 -21.09 -11.07
CA GLN C 120 -34.12 -21.48 -11.00
C GLN C 120 -34.63 -21.49 -9.56
N THR C 121 -33.81 -22.01 -8.61
CA THR C 121 -34.13 -22.05 -7.17
C THR C 121 -34.27 -20.64 -6.61
N LEU C 122 -33.42 -19.73 -7.10
CA LEU C 122 -33.37 -18.33 -6.73
C LEU C 122 -34.65 -17.60 -7.17
N THR C 123 -35.03 -17.72 -8.46
CA THR C 123 -36.27 -17.13 -9.02
C THR C 123 -37.50 -17.64 -8.25
N MET C 124 -37.51 -18.93 -7.93
CA MET C 124 -38.60 -19.57 -7.21
C MET C 124 -38.79 -19.03 -5.79
N GLU C 125 -37.73 -18.95 -4.98
CA GLU C 125 -37.84 -18.48 -3.60
C GLU C 125 -37.83 -16.96 -3.44
N SER C 126 -37.31 -16.20 -4.43
CA SER C 126 -37.26 -14.75 -4.30
C SER C 126 -38.29 -14.02 -5.15
N GLY C 127 -38.71 -14.65 -6.24
CA GLY C 127 -39.65 -14.05 -7.18
C GLY C 127 -38.98 -13.13 -8.20
N LYS C 128 -37.63 -13.03 -8.18
CA LYS C 128 -36.93 -12.18 -9.14
C LYS C 128 -36.89 -12.85 -10.53
N PRO C 129 -37.05 -12.06 -11.63
CA PRO C 129 -37.01 -12.66 -12.98
C PRO C 129 -35.77 -13.56 -13.19
N ILE C 130 -35.91 -14.65 -13.97
CA ILE C 130 -34.82 -15.61 -14.25
C ILE C 130 -33.54 -14.91 -14.78
N LYS C 131 -33.69 -13.83 -15.60
CA LYS C 131 -32.56 -13.06 -16.12
C LYS C 131 -31.75 -12.44 -14.97
N ASP C 132 -32.46 -11.90 -13.95
CA ASP C 132 -31.85 -11.30 -12.76
C ASP C 132 -31.25 -12.36 -11.85
N ALA C 133 -31.91 -13.52 -11.74
CA ALA C 133 -31.43 -14.65 -10.95
C ALA C 133 -30.12 -15.19 -11.53
N ARG C 134 -30.01 -15.27 -12.88
CA ARG C 134 -28.77 -15.70 -13.58
C ARG C 134 -27.65 -14.66 -13.36
N GLY C 135 -28.03 -13.39 -13.38
CA GLY C 135 -27.12 -12.28 -13.10
C GLY C 135 -26.55 -12.37 -11.70
N GLU C 136 -27.38 -12.80 -10.73
CA GLU C 136 -26.99 -12.97 -9.32
C GLU C 136 -26.01 -14.14 -9.13
N VAL C 137 -26.24 -15.28 -9.84
CA VAL C 137 -25.35 -16.45 -9.78
C VAL C 137 -23.98 -16.08 -10.39
N THR C 138 -23.97 -15.31 -11.49
CA THR C 138 -22.74 -14.80 -12.12
C THR C 138 -21.95 -13.95 -11.13
N ARG C 139 -22.63 -13.00 -10.45
CA ARG C 139 -22.01 -12.10 -9.47
C ARG C 139 -21.47 -12.85 -8.24
N THR C 140 -22.14 -13.96 -7.84
CA THR C 140 -21.75 -14.83 -6.72
C THR C 140 -20.46 -15.57 -7.06
N ILE C 141 -20.34 -16.06 -8.31
CA ILE C 141 -19.12 -16.69 -8.83
C ILE C 141 -17.99 -15.64 -8.74
N ASP C 142 -18.26 -14.38 -9.18
CA ASP C 142 -17.29 -13.28 -9.10
C ASP C 142 -16.84 -13.01 -7.66
N THR C 143 -17.78 -12.97 -6.71
CA THR C 143 -17.53 -12.74 -5.29
C THR C 143 -16.59 -13.80 -4.72
N PHE C 144 -16.90 -15.10 -4.93
CA PHE C 144 -16.08 -16.22 -4.46
C PHE C 144 -14.72 -16.28 -5.14
N GLN C 145 -14.65 -15.87 -6.42
CA GLN C 145 -13.41 -15.80 -7.18
C GLN C 145 -12.51 -14.67 -6.66
N VAL C 146 -13.07 -13.45 -6.40
CA VAL C 146 -12.34 -12.33 -5.80
C VAL C 146 -11.78 -12.78 -4.42
N ALA C 147 -12.59 -13.53 -3.64
CA ALA C 147 -12.19 -14.02 -2.31
C ALA C 147 -11.05 -15.02 -2.39
N ALA C 148 -11.09 -15.95 -3.37
CA ALA C 148 -10.04 -16.94 -3.61
C ALA C 148 -8.69 -16.24 -3.86
N GLU C 149 -8.70 -15.18 -4.68
CA GLU C 149 -7.50 -14.41 -5.01
C GLU C 149 -6.99 -13.58 -3.83
N GLU C 150 -7.91 -13.06 -3.01
CA GLU C 150 -7.58 -12.26 -1.84
C GLU C 150 -7.03 -13.09 -0.68
N SER C 151 -7.43 -14.37 -0.60
CA SER C 151 -7.01 -15.31 0.46
C SER C 151 -5.50 -15.54 0.53
N VAL C 152 -4.81 -15.40 -0.63
CA VAL C 152 -3.36 -15.57 -0.81
C VAL C 152 -2.62 -14.21 -0.85
N ARG C 153 -3.33 -13.12 -0.49
CA ARG C 153 -2.84 -11.74 -0.51
C ARG C 153 -3.07 -10.98 0.77
N ILE C 154 -3.08 -11.66 1.92
CA ILE C 154 -3.26 -10.91 3.18
C ILE C 154 -1.88 -10.41 3.61
N TYR C 155 -1.52 -9.22 3.13
CA TYR C 155 -0.21 -8.62 3.40
C TYR C 155 -0.14 -7.96 4.75
N GLY C 156 1.05 -8.03 5.33
CA GLY C 156 1.37 -7.37 6.58
C GLY C 156 2.36 -6.26 6.29
N GLU C 157 2.79 -5.58 7.33
CA GLU C 157 3.72 -4.47 7.18
C GLU C 157 4.96 -4.68 8.02
N HIS C 158 6.10 -4.22 7.51
CA HIS C 158 7.31 -4.12 8.29
C HIS C 158 7.43 -2.61 8.54
N ILE C 159 7.41 -2.21 9.83
CA ILE C 159 7.43 -0.79 10.16
C ILE C 159 8.68 -0.36 10.95
N PRO C 160 9.36 0.73 10.53
CA PRO C 160 10.45 1.25 11.38
C PRO C 160 9.80 1.89 12.63
N LEU C 161 10.35 1.65 13.82
CA LEU C 161 9.74 2.27 15.00
C LEU C 161 10.69 3.28 15.69
N ASP C 162 11.90 3.44 15.15
CA ASP C 162 12.90 4.41 15.61
C ASP C 162 12.62 5.79 14.96
N ILE C 163 11.43 6.33 15.26
CA ILE C 163 10.93 7.61 14.74
C ILE C 163 11.58 8.80 15.45
N SER C 164 12.15 8.57 16.65
CA SER C 164 12.82 9.55 17.50
C SER C 164 13.88 8.83 18.32
N ALA C 165 14.83 9.60 18.90
CA ALA C 165 15.95 9.10 19.69
C ALA C 165 15.57 8.12 20.80
N ARG C 166 14.46 8.39 21.53
CA ARG C 166 13.98 7.55 22.62
C ARG C 166 13.60 6.16 22.14
N ASN C 167 13.20 6.05 20.86
CA ASN C 167 12.77 4.82 20.19
C ASN C 167 13.87 4.11 19.40
N LYS C 168 15.15 4.45 19.64
CA LYS C 168 16.30 3.84 19.01
C LYS C 168 16.26 2.29 19.13
N GLY C 169 16.61 1.60 18.04
CA GLY C 169 16.70 0.15 17.99
C GLY C 169 15.38 -0.58 17.95
N LEU C 170 14.28 0.13 17.59
CA LEU C 170 12.95 -0.48 17.53
C LEU C 170 12.43 -0.58 16.11
N GLN C 171 11.80 -1.71 15.81
CA GLN C 171 11.16 -2.02 14.52
C GLN C 171 9.92 -2.88 14.84
N GLY C 172 8.99 -2.92 13.93
CA GLY C 172 7.78 -3.71 14.12
C GLY C 172 7.35 -4.52 12.92
N ILE C 173 6.67 -5.64 13.18
CA ILE C 173 6.05 -6.47 12.15
C ILE C 173 4.58 -6.42 12.47
N VAL C 174 3.78 -5.83 11.58
CA VAL C 174 2.33 -5.72 11.74
C VAL C 174 1.70 -6.83 10.88
N LYS C 175 0.93 -7.71 11.51
CA LYS C 175 0.29 -8.85 10.83
C LYS C 175 -1.17 -8.91 11.23
N LYS C 176 -2.04 -9.38 10.32
CA LYS C 176 -3.48 -9.49 10.55
C LYS C 176 -3.88 -10.93 10.85
N PHE C 177 -4.75 -11.12 11.86
CA PHE C 177 -5.20 -12.42 12.33
C PHE C 177 -6.73 -12.53 12.27
N PRO C 178 -7.29 -13.75 12.05
CA PRO C 178 -8.76 -13.89 12.05
C PRO C 178 -9.37 -13.41 13.39
N ILE C 179 -10.47 -12.63 13.31
CA ILE C 179 -11.20 -12.09 14.47
C ILE C 179 -11.78 -13.23 15.35
N GLY C 180 -12.15 -14.35 14.73
CA GLY C 180 -12.75 -15.50 15.42
C GLY C 180 -14.12 -15.83 14.89
N PRO C 181 -14.99 -16.54 15.67
CA PRO C 181 -16.33 -16.91 15.16
C PRO C 181 -17.21 -15.72 14.78
N VAL C 182 -17.85 -15.80 13.59
CA VAL C 182 -18.68 -14.74 13.03
C VAL C 182 -20.16 -15.16 12.98
N SER C 183 -21.05 -14.22 13.36
CA SER C 183 -22.49 -14.36 13.30
C SER C 183 -22.92 -13.63 12.04
N MET C 184 -23.61 -14.35 11.15
CA MET C 184 -24.08 -13.82 9.87
C MET C 184 -25.59 -13.86 9.79
N VAL C 185 -26.18 -12.72 9.44
CA VAL C 185 -27.62 -12.57 9.31
C VAL C 185 -27.81 -11.93 7.93
N SER C 186 -28.28 -12.74 6.98
CA SER C 186 -28.42 -12.37 5.57
C SER C 186 -29.87 -12.00 5.13
N PRO C 187 -30.03 -11.26 4.00
CA PRO C 187 -31.38 -10.84 3.58
C PRO C 187 -32.08 -11.77 2.57
N TRP C 188 -33.28 -11.36 2.12
CA TRP C 188 -34.09 -12.09 1.15
C TRP C 188 -34.05 -11.52 -0.26
N ASN C 189 -33.59 -10.25 -0.43
CA ASN C 189 -33.56 -9.61 -1.76
C ASN C 189 -32.45 -10.16 -2.68
N PHE C 190 -31.29 -10.57 -2.11
CA PHE C 190 -30.21 -11.24 -2.83
C PHE C 190 -29.85 -12.46 -1.97
N PRO C 191 -30.69 -13.54 -2.03
CA PRO C 191 -30.47 -14.71 -1.16
C PRO C 191 -29.12 -15.41 -1.33
N LEU C 192 -28.45 -15.22 -2.47
CA LEU C 192 -27.20 -15.87 -2.75
C LEU C 192 -26.02 -14.90 -2.68
N ASN C 193 -26.03 -13.83 -3.49
CA ASN C 193 -24.89 -12.90 -3.49
C ASN C 193 -24.65 -12.21 -2.14
N LEU C 194 -25.70 -11.80 -1.43
CA LEU C 194 -25.52 -11.12 -0.14
C LEU C 194 -25.15 -12.12 0.97
N VAL C 195 -25.23 -13.44 0.69
CA VAL C 195 -24.73 -14.48 1.58
C VAL C 195 -23.22 -14.61 1.26
N ALA C 196 -22.89 -14.70 -0.06
CA ALA C 196 -21.51 -14.78 -0.59
C ALA C 196 -20.63 -13.65 -0.05
N HIS C 197 -21.18 -12.42 0.02
CA HIS C 197 -20.46 -11.24 0.52
C HIS C 197 -20.13 -11.29 2.01
N LYS C 198 -20.56 -12.35 2.72
CA LYS C 198 -20.25 -12.56 4.14
C LYS C 198 -19.41 -13.84 4.30
N VAL C 199 -19.86 -14.91 3.64
CA VAL C 199 -19.27 -16.25 3.67
C VAL C 199 -17.89 -16.29 2.99
N ALA C 200 -17.77 -15.74 1.74
CA ALA C 200 -16.50 -15.75 1.00
C ALA C 200 -15.39 -14.99 1.78
N PRO C 201 -15.59 -13.75 2.31
CA PRO C 201 -14.52 -13.10 3.11
C PRO C 201 -14.11 -13.90 4.35
N ALA C 202 -15.07 -14.51 5.06
CA ALA C 202 -14.83 -15.31 6.28
C ALA C 202 -13.92 -16.51 6.00
N ILE C 203 -14.16 -17.24 4.89
CA ILE C 203 -13.32 -18.37 4.46
C ILE C 203 -11.94 -17.85 3.97
N ALA C 204 -11.91 -16.76 3.19
CA ALA C 204 -10.67 -16.13 2.71
C ALA C 204 -9.71 -15.74 3.86
N VAL C 205 -10.26 -15.35 5.01
CA VAL C 205 -9.52 -14.94 6.22
C VAL C 205 -9.20 -16.15 7.14
N GLY C 206 -10.14 -17.08 7.25
CA GLY C 206 -10.02 -18.23 8.12
C GLY C 206 -10.81 -18.05 9.40
N CYS C 207 -12.06 -17.55 9.28
CA CYS C 207 -13.01 -17.33 10.38
C CYS C 207 -14.11 -18.37 10.34
N PRO C 208 -14.36 -19.16 11.41
CA PRO C 208 -15.54 -20.05 11.40
C PRO C 208 -16.81 -19.19 11.51
N PHE C 209 -17.95 -19.69 11.01
CA PHE C 209 -19.16 -18.87 11.04
C PHE C 209 -20.45 -19.64 11.27
N VAL C 210 -21.47 -18.94 11.77
CA VAL C 210 -22.82 -19.46 11.97
C VAL C 210 -23.74 -18.51 11.22
N LEU C 211 -24.34 -19.00 10.14
CA LEU C 211 -25.20 -18.17 9.27
C LEU C 211 -26.68 -18.44 9.51
N LYS C 212 -27.42 -17.36 9.79
CA LYS C 212 -28.86 -17.38 9.91
C LYS C 212 -29.38 -16.83 8.57
N PRO C 213 -29.79 -17.68 7.60
CA PRO C 213 -30.33 -17.13 6.36
C PRO C 213 -31.75 -16.60 6.57
N ALA C 214 -32.26 -15.73 5.67
CA ALA C 214 -33.63 -15.21 5.78
C ALA C 214 -34.59 -16.39 5.62
N SER C 215 -35.62 -16.45 6.49
CA SER C 215 -36.60 -17.52 6.54
C SER C 215 -37.47 -17.62 5.30
N ARG C 216 -37.64 -16.51 4.57
CA ARG C 216 -38.41 -16.48 3.32
C ARG C 216 -37.61 -17.03 2.13
N THR C 217 -36.27 -16.90 2.19
CA THR C 217 -35.36 -17.34 1.10
C THR C 217 -34.12 -18.11 1.65
N PRO C 218 -34.24 -19.28 2.31
CA PRO C 218 -33.02 -19.95 2.81
C PRO C 218 -32.33 -20.96 1.89
N LEU C 219 -32.96 -21.35 0.77
CA LEU C 219 -32.47 -22.41 -0.12
C LEU C 219 -31.14 -22.09 -0.78
N SER C 220 -30.93 -20.81 -1.17
CA SER C 220 -29.66 -20.38 -1.78
C SER C 220 -28.51 -20.62 -0.80
N ALA C 221 -28.72 -20.28 0.48
CA ALA C 221 -27.76 -20.46 1.58
C ALA C 221 -27.51 -21.93 1.86
N LEU C 222 -28.57 -22.75 1.80
CA LEU C 222 -28.47 -24.19 2.04
C LEU C 222 -27.75 -24.91 0.90
N ILE C 223 -27.91 -24.40 -0.37
CA ILE C 223 -27.21 -24.90 -1.55
C ILE C 223 -25.70 -24.69 -1.35
N LEU C 224 -25.28 -23.51 -0.81
CA LEU C 224 -23.86 -23.23 -0.49
C LEU C 224 -23.36 -24.21 0.57
N GLY C 225 -24.21 -24.50 1.55
CA GLY C 225 -23.95 -25.43 2.63
C GLY C 225 -23.64 -26.81 2.13
N GLU C 226 -24.39 -27.27 1.08
CA GLU C 226 -24.20 -28.58 0.44
C GLU C 226 -22.82 -28.61 -0.18
N ILE C 227 -22.49 -27.56 -1.00
CA ILE C 227 -21.20 -27.33 -1.66
C ILE C 227 -20.05 -27.40 -0.62
N LEU C 228 -20.11 -26.57 0.42
CA LEU C 228 -19.15 -26.47 1.53
C LEU C 228 -18.95 -27.77 2.29
N HIS C 229 -20.04 -28.51 2.56
CA HIS C 229 -20.05 -29.78 3.28
C HIS C 229 -19.14 -30.83 2.62
N LYS C 230 -19.02 -30.81 1.28
CA LYS C 230 -18.19 -31.75 0.51
C LYS C 230 -16.71 -31.35 0.40
N ILE C 231 -16.32 -30.15 0.86
CA ILE C 231 -14.93 -29.65 0.79
C ILE C 231 -14.11 -30.11 2.01
N GLU C 232 -13.18 -31.05 1.76
CA GLU C 232 -12.28 -31.70 2.72
C GLU C 232 -11.34 -30.73 3.46
N GLU C 233 -10.81 -29.70 2.76
CA GLU C 233 -9.87 -28.69 3.28
C GLU C 233 -10.45 -27.89 4.45
N LEU C 234 -11.77 -27.67 4.43
CA LEU C 234 -12.49 -26.91 5.44
C LEU C 234 -12.64 -27.73 6.75
N PRO C 235 -12.08 -27.27 7.90
CA PRO C 235 -12.18 -28.06 9.16
C PRO C 235 -13.61 -28.35 9.63
N LEU C 236 -13.77 -29.44 10.42
CA LEU C 236 -15.07 -29.81 10.98
C LEU C 236 -15.54 -28.76 11.98
N GLY C 237 -16.77 -28.29 11.80
CA GLY C 237 -17.37 -27.27 12.66
C GLY C 237 -17.16 -25.85 12.18
N ALA C 238 -16.45 -25.66 11.04
CA ALA C 238 -16.16 -24.36 10.44
C ALA C 238 -17.43 -23.59 10.04
N PHE C 239 -18.50 -24.31 9.67
CA PHE C 239 -19.71 -23.64 9.27
C PHE C 239 -20.97 -24.32 9.76
N SER C 240 -22.01 -23.50 9.91
CA SER C 240 -23.38 -23.89 10.24
C SER C 240 -24.30 -22.91 9.53
N ILE C 241 -25.29 -23.44 8.80
CA ILE C 241 -26.30 -22.62 8.10
C ILE C 241 -27.63 -23.05 8.68
N LEU C 242 -28.13 -22.23 9.63
CA LEU C 242 -29.33 -22.51 10.42
C LEU C 242 -30.53 -21.56 10.27
N PRO C 243 -31.62 -21.99 9.58
CA PRO C 243 -32.86 -21.19 9.61
C PRO C 243 -33.40 -21.34 11.02
N VAL C 244 -33.71 -20.20 11.64
CA VAL C 244 -34.05 -20.10 13.06
C VAL C 244 -35.39 -19.37 13.25
N SER C 245 -36.22 -19.86 14.19
CA SER C 245 -37.50 -19.27 14.60
C SER C 245 -37.29 -17.91 15.30
N ARG C 246 -38.34 -17.07 15.37
CA ARG C 246 -38.29 -15.75 16.02
C ARG C 246 -37.85 -15.87 17.49
N GLU C 247 -38.29 -16.95 18.17
CA GLU C 247 -37.98 -17.21 19.58
C GLU C 247 -36.49 -17.48 19.88
N ASP C 248 -35.72 -17.90 18.84
CA ASP C 248 -34.30 -18.24 18.97
C ASP C 248 -33.37 -17.29 18.22
N ALA C 249 -33.91 -16.43 17.34
CA ALA C 249 -33.16 -15.50 16.49
C ALA C 249 -32.19 -14.54 17.23
N ASP C 250 -32.50 -14.22 18.49
CA ASP C 250 -31.72 -13.29 19.31
C ASP C 250 -30.33 -13.77 19.67
N MET C 251 -30.07 -15.10 19.59
CA MET C 251 -28.75 -15.67 19.88
C MET C 251 -27.66 -15.12 18.97
N PHE C 252 -28.03 -14.83 17.70
CA PHE C 252 -27.15 -14.27 16.69
C PHE C 252 -26.70 -12.85 17.01
N THR C 253 -27.47 -12.16 17.88
CA THR C 253 -27.21 -10.80 18.30
C THR C 253 -26.39 -10.74 19.58
N VAL C 254 -26.84 -11.44 20.62
CA VAL C 254 -26.30 -11.33 21.98
C VAL C 254 -25.19 -12.33 22.36
N ASP C 255 -25.08 -13.51 21.71
CA ASP C 255 -24.07 -14.51 22.13
C ASP C 255 -22.63 -13.96 22.17
N GLU C 256 -22.01 -14.08 23.35
CA GLU C 256 -20.65 -13.61 23.64
C GLU C 256 -19.57 -14.42 22.96
N ARG C 257 -19.87 -15.65 22.50
CA ARG C 257 -18.89 -16.50 21.81
C ARG C 257 -18.54 -15.97 20.39
N PHE C 258 -19.45 -15.17 19.78
CA PHE C 258 -19.20 -14.56 18.48
C PHE C 258 -18.36 -13.29 18.70
N LYS C 259 -17.39 -13.07 17.82
CA LYS C 259 -16.50 -11.91 17.89
C LYS C 259 -16.96 -10.79 16.95
N LEU C 260 -17.82 -11.14 15.99
CA LEU C 260 -18.36 -10.22 15.00
C LEU C 260 -19.77 -10.63 14.62
N LEU C 261 -20.65 -9.63 14.51
CA LEU C 261 -21.98 -9.75 13.98
C LEU C 261 -21.97 -8.95 12.67
N THR C 262 -22.26 -9.63 11.54
CA THR C 262 -22.42 -8.98 10.23
C THR C 262 -23.88 -9.17 9.80
N PHE C 263 -24.60 -8.07 9.60
CA PHE C 263 -26.03 -8.06 9.23
C PHE C 263 -26.30 -7.24 7.98
N THR C 264 -27.18 -7.77 7.14
CA THR C 264 -27.70 -7.10 5.96
C THR C 264 -29.21 -7.24 6.03
N GLY C 265 -29.90 -6.11 6.06
CA GLY C 265 -31.35 -6.08 6.12
C GLY C 265 -31.95 -4.75 6.51
N SER C 266 -33.06 -4.80 7.24
CA SER C 266 -33.83 -3.64 7.71
C SER C 266 -33.06 -2.82 8.74
N GLY C 267 -33.03 -1.52 8.50
CA GLY C 267 -32.39 -0.51 9.34
C GLY C 267 -32.83 -0.56 10.78
N PRO C 268 -34.15 -0.43 11.10
CA PRO C 268 -34.58 -0.48 12.52
C PRO C 268 -34.18 -1.74 13.27
N ILE C 269 -34.18 -2.89 12.58
CA ILE C 269 -33.76 -4.19 13.13
C ILE C 269 -32.24 -4.17 13.35
N GLY C 270 -31.49 -3.76 12.33
CA GLY C 270 -30.04 -3.63 12.36
C GLY C 270 -29.52 -2.76 13.48
N TRP C 271 -30.00 -1.52 13.55
CA TRP C 271 -29.60 -0.58 14.62
C TRP C 271 -29.90 -1.13 16.01
N ASP C 272 -31.04 -1.83 16.18
CA ASP C 272 -31.42 -2.48 17.45
C ASP C 272 -30.44 -3.63 17.79
N MET C 273 -30.01 -4.40 16.77
CA MET C 273 -29.02 -5.49 16.93
C MET C 273 -27.66 -4.92 17.37
N LYS C 274 -27.24 -3.80 16.77
CA LYS C 274 -25.99 -3.10 17.11
C LYS C 274 -26.01 -2.69 18.59
N ALA C 275 -27.15 -2.14 19.07
CA ALA C 275 -27.39 -1.66 20.43
C ALA C 275 -27.34 -2.77 21.46
N ARG C 276 -27.79 -4.00 21.08
CA ARG C 276 -27.88 -5.15 21.97
C ARG C 276 -26.81 -6.24 21.77
N ALA C 277 -25.89 -6.04 20.81
CA ALA C 277 -24.80 -6.95 20.45
C ALA C 277 -23.79 -7.28 21.58
N GLY C 278 -23.62 -6.37 22.54
CA GLY C 278 -22.66 -6.55 23.62
C GLY C 278 -21.28 -6.10 23.19
N LYS C 279 -20.24 -6.90 23.49
CA LYS C 279 -18.83 -6.56 23.25
C LYS C 279 -18.32 -6.77 21.83
N LYS C 280 -18.98 -7.63 21.03
CA LYS C 280 -18.56 -7.91 19.65
C LYS C 280 -18.59 -6.69 18.74
N LYS C 281 -17.81 -6.74 17.64
CA LYS C 281 -17.78 -5.75 16.57
C LYS C 281 -19.02 -5.98 15.72
N VAL C 282 -19.53 -4.94 15.08
CA VAL C 282 -20.76 -5.01 14.28
C VAL C 282 -20.55 -4.37 12.93
N VAL C 283 -21.02 -5.03 11.87
CA VAL C 283 -20.98 -4.55 10.49
C VAL C 283 -22.42 -4.56 10.04
N MET C 284 -22.87 -3.45 9.43
CA MET C 284 -24.26 -3.30 9.03
C MET C 284 -24.42 -2.78 7.61
N GLU C 285 -25.20 -3.49 6.82
CA GLU C 285 -25.57 -3.11 5.46
C GLU C 285 -27.07 -2.92 5.50
N LEU C 286 -27.51 -1.65 5.53
CA LEU C 286 -28.94 -1.38 5.72
C LEU C 286 -29.53 -0.73 4.46
N GLY C 287 -30.73 -0.17 4.55
CA GLY C 287 -31.40 0.39 3.38
C GLY C 287 -30.82 1.66 2.77
N GLY C 288 -31.59 2.24 1.85
CA GLY C 288 -31.25 3.47 1.16
C GLY C 288 -32.44 4.17 0.55
N ASN C 289 -32.20 5.38 0.04
CA ASN C 289 -33.19 6.20 -0.67
C ASN C 289 -32.36 6.94 -1.69
N ALA C 290 -31.82 6.15 -2.63
CA ALA C 290 -30.86 6.58 -3.63
C ALA C 290 -31.37 7.58 -4.68
N PRO C 291 -30.70 8.73 -4.76
CA PRO C 291 -31.06 9.71 -5.79
C PRO C 291 -30.16 9.62 -7.04
N CYS C 292 -30.59 10.29 -8.13
CA CYS C 292 -29.82 10.39 -9.37
C CYS C 292 -30.02 11.78 -9.95
N ILE C 293 -28.92 12.42 -10.38
CA ILE C 293 -28.93 13.71 -11.04
C ILE C 293 -28.74 13.49 -12.55
N VAL C 294 -29.62 14.04 -13.37
CA VAL C 294 -29.48 14.02 -14.82
C VAL C 294 -29.22 15.46 -15.24
N ASP C 295 -27.94 15.79 -15.50
CA ASP C 295 -27.50 17.12 -15.91
C ASP C 295 -27.06 17.13 -17.36
N ASP C 296 -26.98 15.94 -17.99
CA ASP C 296 -26.55 15.68 -19.37
C ASP C 296 -26.96 14.27 -19.77
N TYR C 297 -26.91 13.96 -21.07
CA TYR C 297 -27.19 12.62 -21.59
C TYR C 297 -25.82 12.01 -21.88
N VAL C 298 -25.44 10.93 -21.16
CA VAL C 298 -24.10 10.35 -21.34
C VAL C 298 -24.12 8.84 -21.69
N PRO C 299 -23.73 8.43 -22.93
CA PRO C 299 -23.29 9.26 -24.09
C PRO C 299 -24.43 9.90 -24.88
N ASP C 300 -25.64 9.36 -24.75
CA ASP C 300 -26.83 9.84 -25.45
C ASP C 300 -28.10 9.59 -24.62
N LEU C 301 -29.24 10.15 -25.08
CA LEU C 301 -30.56 10.03 -24.45
C LEU C 301 -31.01 8.58 -24.29
N ASP C 302 -30.82 7.75 -25.33
CA ASP C 302 -31.22 6.35 -25.31
C ASP C 302 -30.50 5.54 -24.23
N TYR C 303 -29.17 5.68 -24.13
CA TYR C 303 -28.38 5.01 -23.11
C TYR C 303 -28.69 5.52 -21.71
N THR C 304 -28.88 6.87 -21.55
CA THR C 304 -29.26 7.51 -20.30
C THR C 304 -30.62 6.92 -19.78
N ILE C 305 -31.66 6.88 -20.63
CA ILE C 305 -32.99 6.32 -20.27
C ILE C 305 -32.86 4.85 -19.83
N GLN C 306 -32.14 4.03 -20.62
CA GLN C 306 -31.86 2.62 -20.38
C GLN C 306 -31.28 2.37 -18.98
N ARG C 307 -30.31 3.21 -18.56
CA ARG C 307 -29.63 3.11 -17.27
C ARG C 307 -30.53 3.57 -16.15
N LEU C 308 -31.34 4.60 -16.42
CA LEU C 308 -32.30 5.15 -15.47
C LEU C 308 -33.36 4.09 -15.20
N ILE C 309 -33.85 3.41 -16.26
CA ILE C 309 -34.84 2.32 -16.20
C ILE C 309 -34.28 1.18 -15.35
N ASN C 310 -33.01 0.80 -15.60
CA ASN C 310 -32.29 -0.23 -14.87
C ASN C 310 -32.22 0.10 -13.40
N GLY C 311 -31.95 1.36 -13.05
CA GLY C 311 -31.86 1.84 -11.68
C GLY C 311 -33.19 1.93 -10.95
N GLY C 312 -34.18 2.51 -11.61
CA GLY C 312 -35.51 2.68 -11.03
C GLY C 312 -36.30 1.39 -10.80
N PHE C 313 -35.99 0.33 -11.58
CA PHE C 313 -36.73 -0.93 -11.55
C PHE C 313 -35.78 -2.14 -11.33
N TYR C 314 -34.62 -1.86 -10.70
CA TYR C 314 -33.55 -2.80 -10.30
C TYR C 314 -34.12 -3.77 -9.26
N GLN C 315 -34.34 -5.04 -9.67
CA GLN C 315 -34.88 -6.15 -8.84
C GLN C 315 -36.29 -5.78 -8.39
N GLY C 316 -36.99 -5.03 -9.25
CA GLY C 316 -38.33 -4.51 -8.97
C GLY C 316 -38.30 -3.51 -7.85
N GLY C 317 -37.17 -2.80 -7.72
CA GLY C 317 -36.95 -1.82 -6.67
C GLY C 317 -36.61 -2.42 -5.32
N GLN C 318 -36.64 -3.76 -5.21
CA GLN C 318 -36.33 -4.49 -3.98
C GLN C 318 -34.80 -4.62 -3.83
N SER C 319 -34.14 -3.45 -3.75
CA SER C 319 -32.70 -3.29 -3.63
C SER C 319 -32.38 -2.09 -2.75
N CYS C 320 -31.36 -2.22 -1.91
CA CYS C 320 -30.92 -1.15 -1.04
C CYS C 320 -30.35 0.03 -1.86
N ILE C 321 -29.94 -0.19 -3.14
CA ILE C 321 -29.41 0.85 -4.04
C ILE C 321 -30.36 1.17 -5.23
N HIS C 322 -31.64 0.78 -5.10
CA HIS C 322 -32.69 1.06 -6.11
C HIS C 322 -32.75 2.60 -6.29
N MET C 323 -32.83 3.10 -7.56
CA MET C 323 -32.97 4.55 -7.79
C MET C 323 -34.42 4.97 -7.54
N GLN C 324 -34.66 5.53 -6.34
CA GLN C 324 -35.97 5.97 -5.87
C GLN C 324 -36.29 7.42 -6.25
N ARG C 325 -35.26 8.28 -6.32
CA ARG C 325 -35.43 9.72 -6.61
C ARG C 325 -34.63 10.12 -7.85
N LEU C 326 -35.30 10.83 -8.78
CA LEU C 326 -34.70 11.27 -10.04
C LEU C 326 -34.84 12.78 -10.16
N TYR C 327 -33.69 13.47 -10.22
CA TYR C 327 -33.59 14.93 -10.35
C TYR C 327 -33.07 15.22 -11.75
N VAL C 328 -33.90 15.88 -12.57
CA VAL C 328 -33.55 16.20 -13.96
C VAL C 328 -33.48 17.71 -14.15
N HIS C 329 -32.46 18.19 -14.86
CA HIS C 329 -32.31 19.61 -15.14
C HIS C 329 -33.52 20.09 -15.97
N GLU C 330 -34.05 21.29 -15.63
CA GLU C 330 -35.18 21.90 -16.31
C GLU C 330 -35.08 21.92 -17.82
N ARG C 331 -33.88 22.11 -18.39
CA ARG C 331 -33.68 22.14 -19.84
C ARG C 331 -33.90 20.76 -20.50
N LEU C 332 -33.70 19.68 -19.73
CA LEU C 332 -33.81 18.28 -20.18
C LEU C 332 -35.10 17.60 -19.72
N TYR C 333 -35.76 18.17 -18.71
CA TYR C 333 -36.92 17.62 -18.01
C TYR C 333 -38.00 16.98 -18.89
N ASP C 334 -38.65 17.75 -19.80
CA ASP C 334 -39.75 17.24 -20.64
C ASP C 334 -39.33 16.07 -21.54
N GLU C 335 -38.10 16.13 -22.10
CA GLU C 335 -37.56 15.08 -22.96
C GLU C 335 -37.31 13.79 -22.15
N VAL C 336 -36.71 13.91 -20.93
CA VAL C 336 -36.42 12.78 -20.04
C VAL C 336 -37.72 12.15 -19.51
N LYS C 337 -38.66 12.98 -19.00
CA LYS C 337 -39.96 12.54 -18.50
C LYS C 337 -40.69 11.71 -19.56
N GLU C 338 -40.83 12.25 -20.79
CA GLU C 338 -41.49 11.58 -21.90
C GLU C 338 -40.84 10.22 -22.27
N GLY C 339 -39.52 10.19 -22.45
CA GLY C 339 -38.78 8.99 -22.80
C GLY C 339 -38.75 7.95 -21.69
N PHE C 340 -38.54 8.38 -20.44
CA PHE C 340 -38.51 7.50 -19.28
C PHE C 340 -39.88 6.87 -19.03
N VAL C 341 -40.97 7.67 -19.05
CA VAL C 341 -42.33 7.15 -18.84
C VAL C 341 -42.70 6.18 -19.99
N ALA C 342 -42.35 6.52 -21.25
CA ALA C 342 -42.62 5.64 -22.40
C ALA C 342 -41.90 4.29 -22.25
N ALA C 343 -40.64 4.32 -21.76
CA ALA C 343 -39.83 3.13 -21.56
C ALA C 343 -40.37 2.30 -20.41
N VAL C 344 -40.90 2.96 -19.34
CA VAL C 344 -41.52 2.28 -18.19
C VAL C 344 -42.75 1.47 -18.68
N LYS C 345 -43.60 2.11 -19.51
CA LYS C 345 -44.83 1.55 -20.07
C LYS C 345 -44.61 0.27 -20.89
N LYS C 346 -43.38 0.07 -21.38
CA LYS C 346 -42.97 -1.08 -22.19
C LYS C 346 -42.47 -2.27 -21.33
N LEU C 347 -42.16 -2.05 -20.03
CA LEU C 347 -41.63 -3.08 -19.13
C LEU C 347 -42.60 -4.26 -18.92
N LYS C 348 -42.14 -5.50 -19.19
CA LYS C 348 -42.96 -6.69 -19.01
C LYS C 348 -42.98 -7.13 -17.56
N MET C 349 -44.18 -7.19 -16.98
CA MET C 349 -44.44 -7.62 -15.62
C MET C 349 -45.20 -8.94 -15.68
N GLY C 350 -44.74 -9.96 -14.96
CA GLY C 350 -45.41 -11.25 -14.94
C GLY C 350 -44.62 -12.37 -14.31
N ASN C 351 -44.83 -13.60 -14.83
CA ASN C 351 -44.19 -14.86 -14.40
C ASN C 351 -42.67 -14.69 -14.43
N PRO C 352 -41.98 -14.73 -13.26
CA PRO C 352 -40.53 -14.52 -13.26
C PRO C 352 -39.73 -15.61 -13.94
N PHE C 353 -40.34 -16.80 -14.18
CA PHE C 353 -39.70 -17.92 -14.88
C PHE C 353 -39.61 -17.69 -16.40
N GLU C 354 -40.39 -16.73 -16.93
CA GLU C 354 -40.39 -16.37 -18.34
C GLU C 354 -39.13 -15.55 -18.63
N GLU C 355 -38.46 -15.87 -19.74
CA GLU C 355 -37.22 -15.24 -20.19
C GLU C 355 -37.33 -13.75 -20.47
N ASP C 356 -38.51 -13.30 -20.94
CA ASP C 356 -38.73 -11.90 -21.31
C ASP C 356 -39.36 -11.03 -20.20
N THR C 357 -39.59 -11.61 -18.99
CA THR C 357 -40.13 -10.90 -17.84
C THR C 357 -39.07 -9.95 -17.24
N TYR C 358 -39.39 -8.65 -17.17
CA TYR C 358 -38.50 -7.65 -16.60
C TYR C 358 -38.80 -7.47 -15.13
N LEU C 359 -40.10 -7.48 -14.76
CA LEU C 359 -40.58 -7.27 -13.41
C LEU C 359 -41.37 -8.47 -12.90
N GLY C 360 -40.90 -9.03 -11.79
CA GLY C 360 -41.54 -10.13 -11.08
C GLY C 360 -42.42 -9.61 -9.94
N PRO C 361 -43.01 -10.49 -9.11
CA PRO C 361 -43.83 -9.99 -8.00
C PRO C 361 -42.97 -9.51 -6.82
N MET C 362 -43.59 -8.82 -5.84
CA MET C 362 -42.89 -8.43 -4.62
C MET C 362 -42.77 -9.68 -3.73
N ILE C 363 -41.93 -9.63 -2.67
CA ILE C 363 -41.66 -10.80 -1.81
C ILE C 363 -42.95 -11.37 -1.14
N SER C 364 -43.95 -10.51 -0.88
CA SER C 364 -45.22 -10.90 -0.27
C SER C 364 -46.30 -9.92 -0.69
N GLU C 365 -47.57 -10.31 -0.50
CA GLU C 365 -48.73 -9.50 -0.82
C GLU C 365 -48.79 -8.29 0.13
N SER C 366 -48.31 -8.46 1.38
CA SER C 366 -48.27 -7.40 2.38
C SER C 366 -47.26 -6.31 1.99
N ALA C 367 -46.11 -6.72 1.40
CA ALA C 367 -45.07 -5.83 0.88
C ALA C 367 -45.68 -4.95 -0.22
N ALA C 368 -46.40 -5.60 -1.18
CA ALA C 368 -47.08 -4.94 -2.31
C ALA C 368 -48.17 -3.97 -1.81
N LYS C 369 -48.97 -4.39 -0.81
CA LYS C 369 -50.03 -3.58 -0.17
C LYS C 369 -49.43 -2.32 0.46
N GLY C 370 -48.27 -2.47 1.13
CA GLY C 370 -47.53 -1.39 1.76
C GLY C 370 -47.11 -0.34 0.75
N ILE C 371 -46.54 -0.80 -0.40
CA ILE C 371 -46.11 0.06 -1.51
C ILE C 371 -47.33 0.78 -2.11
N GLU C 372 -48.44 0.05 -2.32
CA GLU C 372 -49.70 0.58 -2.85
C GLU C 372 -50.22 1.75 -1.97
N ASP C 373 -50.16 1.58 -0.62
CA ASP C 373 -50.59 2.59 0.35
C ASP C 373 -49.77 3.87 0.21
N TRP C 374 -48.44 3.71 0.15
CA TRP C 374 -47.50 4.83 0.05
C TRP C 374 -47.62 5.58 -1.26
N VAL C 375 -48.03 4.88 -2.35
CA VAL C 375 -48.29 5.48 -3.65
C VAL C 375 -49.57 6.34 -3.54
N LYS C 376 -50.66 5.76 -2.98
CA LYS C 376 -51.94 6.45 -2.75
C LYS C 376 -51.74 7.67 -1.85
N GLU C 377 -50.92 7.54 -0.80
CA GLU C 377 -50.60 8.61 0.14
C GLU C 377 -49.82 9.73 -0.55
N ALA C 378 -48.82 9.38 -1.40
CA ALA C 378 -47.99 10.33 -2.15
C ALA C 378 -48.85 11.20 -3.07
N VAL C 379 -49.84 10.57 -3.77
CA VAL C 379 -50.78 11.16 -4.72
C VAL C 379 -51.84 12.03 -3.98
N ALA C 380 -52.20 11.63 -2.74
CA ALA C 380 -53.12 12.39 -1.87
C ALA C 380 -52.44 13.65 -1.32
N LYS C 381 -51.12 13.59 -1.06
CA LYS C 381 -50.35 14.72 -0.52
C LYS C 381 -49.85 15.69 -1.62
N GLY C 382 -50.30 15.49 -2.86
CA GLY C 382 -49.96 16.37 -3.97
C GLY C 382 -49.07 15.81 -5.09
N GLY C 383 -48.73 14.52 -5.01
CA GLY C 383 -47.94 13.86 -6.04
C GLY C 383 -48.75 13.61 -7.31
N LYS C 384 -48.13 13.77 -8.47
CA LYS C 384 -48.80 13.57 -9.75
C LYS C 384 -48.35 12.23 -10.35
N LEU C 385 -49.26 11.24 -10.36
CA LEU C 385 -49.00 9.91 -10.90
C LEU C 385 -48.94 9.99 -12.42
N LEU C 386 -47.81 9.59 -12.98
CA LEU C 386 -47.53 9.60 -14.42
C LEU C 386 -47.82 8.24 -15.01
N THR C 387 -47.58 7.17 -14.23
CA THR C 387 -47.84 5.79 -14.67
C THR C 387 -47.83 4.82 -13.51
N GLY C 388 -48.53 3.69 -13.71
CA GLY C 388 -48.61 2.61 -12.75
C GLY C 388 -49.40 2.92 -11.51
N GLY C 389 -48.90 2.44 -10.39
CA GLY C 389 -49.52 2.65 -9.08
C GLY C 389 -50.53 1.62 -8.63
N ASN C 390 -50.92 0.69 -9.52
CA ASN C 390 -51.91 -0.33 -9.20
C ASN C 390 -51.28 -1.64 -8.76
N ARG C 391 -52.00 -2.37 -7.91
CA ARG C 391 -51.58 -3.65 -7.34
C ARG C 391 -52.45 -4.81 -7.86
N LYS C 392 -51.82 -5.98 -8.06
CA LYS C 392 -52.46 -7.23 -8.48
C LYS C 392 -51.81 -8.33 -7.64
N GLY C 393 -52.37 -8.59 -6.46
CA GLY C 393 -51.84 -9.55 -5.51
C GLY C 393 -50.51 -9.05 -4.98
N ALA C 394 -49.43 -9.79 -5.26
CA ALA C 394 -48.06 -9.44 -4.86
C ALA C 394 -47.38 -8.52 -5.91
N PHE C 395 -48.02 -8.27 -7.06
CA PHE C 395 -47.48 -7.42 -8.12
C PHE C 395 -47.84 -5.95 -7.96
N ILE C 396 -46.85 -5.07 -8.17
CA ILE C 396 -47.01 -3.61 -8.17
C ILE C 396 -46.55 -3.17 -9.56
N GLU C 397 -47.39 -2.41 -10.28
CA GLU C 397 -47.05 -1.88 -11.61
C GLU C 397 -45.83 -0.94 -11.49
N PRO C 398 -44.91 -0.90 -12.49
CA PRO C 398 -43.81 0.07 -12.42
C PRO C 398 -44.42 1.48 -12.37
N THR C 399 -44.08 2.23 -11.32
CA THR C 399 -44.67 3.53 -11.00
C THR C 399 -43.70 4.70 -11.07
N VAL C 400 -44.19 5.82 -11.63
CA VAL C 400 -43.50 7.11 -11.71
C VAL C 400 -44.45 8.17 -11.15
N ILE C 401 -44.02 8.86 -10.08
CA ILE C 401 -44.80 9.93 -9.42
C ILE C 401 -43.96 11.21 -9.42
N GLU C 402 -44.56 12.31 -9.89
CA GLU C 402 -43.95 13.62 -10.02
C GLU C 402 -44.30 14.54 -8.85
N ASP C 403 -43.30 15.29 -8.33
CA ASP C 403 -43.41 16.31 -7.26
C ASP C 403 -44.08 15.81 -5.96
N VAL C 404 -43.60 14.66 -5.45
CA VAL C 404 -44.07 14.09 -4.19
C VAL C 404 -43.40 14.91 -3.04
N PRO C 405 -44.15 15.47 -2.07
CA PRO C 405 -43.51 16.24 -0.99
C PRO C 405 -42.80 15.38 0.07
N ILE C 406 -41.87 15.99 0.82
CA ILE C 406 -41.08 15.35 1.88
C ILE C 406 -41.97 14.74 3.00
N GLU C 407 -43.19 15.31 3.17
CA GLU C 407 -44.24 14.90 4.11
C GLU C 407 -44.68 13.46 3.86
N ALA C 408 -44.72 13.04 2.57
CA ALA C 408 -45.11 11.71 2.15
C ALA C 408 -44.04 10.68 2.49
N ASN C 409 -44.48 9.47 2.92
CA ASN C 409 -43.61 8.34 3.26
C ASN C 409 -42.80 7.85 2.07
N ALA C 410 -43.37 7.94 0.85
CA ALA C 410 -42.72 7.54 -0.41
C ALA C 410 -41.44 8.34 -0.65
N ARG C 411 -41.41 9.62 -0.23
CA ARG C 411 -40.26 10.48 -0.38
C ARG C 411 -39.29 10.36 0.82
N LYS C 412 -39.82 10.35 2.03
CA LYS C 412 -39.02 10.28 3.25
C LYS C 412 -38.33 8.91 3.45
N GLU C 413 -39.06 7.81 3.21
CA GLU C 413 -38.56 6.46 3.51
C GLU C 413 -38.22 5.60 2.31
N GLU C 414 -37.47 4.52 2.57
CA GLU C 414 -37.11 3.51 1.58
C GLU C 414 -38.40 2.81 1.14
N ILE C 415 -38.80 3.00 -0.13
CA ILE C 415 -40.02 2.38 -0.71
C ILE C 415 -39.79 0.86 -0.88
N PHE C 416 -38.63 0.46 -1.46
CA PHE C 416 -38.23 -0.92 -1.70
C PHE C 416 -39.25 -1.60 -2.64
N GLY C 417 -39.65 -0.86 -3.68
CA GLY C 417 -40.62 -1.29 -4.68
C GLY C 417 -40.39 -0.61 -6.01
N PRO C 418 -41.13 -0.96 -7.09
CA PRO C 418 -40.85 -0.35 -8.40
C PRO C 418 -41.47 1.04 -8.56
N VAL C 419 -41.01 1.99 -7.71
CA VAL C 419 -41.50 3.36 -7.66
C VAL C 419 -40.33 4.33 -7.84
N VAL C 420 -40.50 5.30 -8.76
CA VAL C 420 -39.51 6.36 -9.01
C VAL C 420 -40.19 7.71 -8.79
N LEU C 421 -39.56 8.59 -8.01
CA LEU C 421 -40.06 9.94 -7.76
C LEU C 421 -39.28 10.92 -8.62
N LEU C 422 -39.98 11.59 -9.54
CA LEU C 422 -39.39 12.51 -10.49
C LEU C 422 -39.48 13.97 -10.03
N TYR C 423 -38.36 14.69 -10.14
CA TYR C 423 -38.27 16.09 -9.75
C TYR C 423 -37.46 16.86 -10.77
N LYS C 424 -37.75 18.16 -10.88
CA LYS C 424 -37.05 19.09 -11.75
C LYS C 424 -36.17 20.00 -10.87
N TYR C 425 -35.03 20.46 -11.41
CA TYR C 425 -34.16 21.41 -10.71
C TYR C 425 -33.63 22.43 -11.73
N SER C 426 -33.22 23.59 -11.23
CA SER C 426 -32.66 24.67 -12.04
C SER C 426 -31.19 24.92 -11.69
N ASP C 427 -30.82 24.63 -10.41
CA ASP C 427 -29.46 24.82 -9.89
C ASP C 427 -28.86 23.48 -9.48
N PHE C 428 -27.66 23.18 -10.00
CA PHE C 428 -26.92 21.94 -9.73
C PHE C 428 -26.53 21.75 -8.26
N LYS C 429 -26.01 22.81 -7.61
CA LYS C 429 -25.61 22.79 -6.20
C LYS C 429 -26.81 22.44 -5.33
N GLU C 430 -28.00 22.97 -5.70
CA GLU C 430 -29.28 22.71 -5.02
C GLU C 430 -29.72 21.28 -5.23
N ALA C 431 -29.50 20.71 -6.43
CA ALA C 431 -29.81 19.31 -6.73
C ALA C 431 -29.01 18.37 -5.84
N VAL C 432 -27.70 18.67 -5.63
CA VAL C 432 -26.77 17.90 -4.79
C VAL C 432 -27.24 17.95 -3.33
N LYS C 433 -27.69 19.14 -2.89
CA LYS C 433 -28.22 19.40 -1.55
C LYS C 433 -29.50 18.57 -1.33
N GLU C 434 -30.36 18.50 -2.36
CA GLU C 434 -31.60 17.73 -2.31
C GLU C 434 -31.33 16.21 -2.31
N CYS C 435 -30.27 15.78 -3.01
CA CYS C 435 -29.83 14.37 -3.03
C CYS C 435 -29.45 13.97 -1.60
N ASN C 436 -28.80 14.91 -0.87
CA ASN C 436 -28.34 14.74 0.51
C ASN C 436 -29.45 14.87 1.53
N ASN C 437 -30.61 15.42 1.12
CA ASN C 437 -31.79 15.65 1.97
C ASN C 437 -32.54 14.34 2.26
N THR C 438 -31.89 13.46 3.02
CA THR C 438 -32.36 12.13 3.43
C THR C 438 -31.57 11.66 4.65
N HIS C 439 -32.12 10.74 5.42
CA HIS C 439 -31.47 10.18 6.60
C HIS C 439 -30.69 8.91 6.21
N TYR C 440 -30.79 8.47 4.93
CA TYR C 440 -30.04 7.34 4.37
C TYR C 440 -28.79 7.93 3.65
N GLY C 441 -27.88 7.07 3.21
CA GLY C 441 -26.70 7.54 2.51
C GLY C 441 -25.83 6.41 2.00
N LEU C 442 -26.42 5.54 1.17
CA LEU C 442 -25.73 4.38 0.61
C LEU C 442 -25.00 4.71 -0.71
N GLN C 443 -25.76 5.05 -1.77
CA GLN C 443 -25.23 5.41 -3.10
C GLN C 443 -26.04 6.48 -3.80
N SER C 444 -25.40 7.21 -4.70
CA SER C 444 -26.01 8.25 -5.52
C SER C 444 -25.46 8.13 -6.94
N GLY C 445 -26.21 8.67 -7.89
CA GLY C 445 -25.85 8.68 -9.29
C GLY C 445 -25.88 10.09 -9.82
N ILE C 446 -25.07 10.33 -10.85
CA ILE C 446 -24.95 11.60 -11.57
C ILE C 446 -24.57 11.36 -13.03
N PHE C 447 -25.34 11.97 -13.95
CA PHE C 447 -25.04 12.00 -15.39
C PHE C 447 -24.55 13.41 -15.71
N THR C 448 -23.28 13.49 -16.14
CA THR C 448 -22.66 14.78 -16.47
C THR C 448 -21.49 14.64 -17.42
N LYS C 449 -21.29 15.67 -18.22
CA LYS C 449 -20.15 15.76 -19.13
C LYS C 449 -19.12 16.75 -18.54
N ASP C 450 -19.50 17.43 -17.44
CA ASP C 450 -18.72 18.46 -16.76
C ASP C 450 -17.76 17.88 -15.73
N LEU C 451 -16.47 18.14 -15.93
CA LEU C 451 -15.39 17.67 -15.07
C LEU C 451 -15.57 18.12 -13.61
N ASN C 452 -15.87 19.42 -13.40
CA ASN C 452 -16.05 20.02 -12.09
C ASN C 452 -17.30 19.56 -11.37
N LYS C 453 -18.42 19.38 -12.09
CA LYS C 453 -19.68 18.88 -11.53
C LYS C 453 -19.51 17.46 -11.00
N ALA C 454 -18.80 16.61 -11.76
CA ALA C 454 -18.50 15.24 -11.40
C ALA C 454 -17.71 15.17 -10.07
N PHE C 455 -16.66 15.96 -9.94
CA PHE C 455 -15.83 15.94 -8.74
C PHE C 455 -16.45 16.73 -7.57
N TYR C 456 -17.37 17.69 -7.85
CA TYR C 456 -18.13 18.39 -6.84
C TYR C 456 -19.08 17.38 -6.21
N ALA C 457 -19.75 16.56 -7.05
CA ALA C 457 -20.67 15.51 -6.60
C ALA C 457 -19.93 14.46 -5.76
N PHE C 458 -18.74 14.05 -6.20
CA PHE C 458 -17.91 13.09 -5.45
C PHE C 458 -17.57 13.67 -4.05
N GLU C 459 -17.20 14.95 -3.99
CA GLU C 459 -16.87 15.63 -2.74
C GLU C 459 -18.07 15.89 -1.79
N HIS C 460 -19.23 16.30 -2.33
CA HIS C 460 -20.34 16.73 -1.50
C HIS C 460 -21.49 15.73 -1.30
N MET C 461 -21.60 14.66 -2.12
CA MET C 461 -22.67 13.68 -1.91
C MET C 461 -22.37 12.82 -0.67
N GLU C 462 -23.31 12.80 0.30
CA GLU C 462 -23.13 12.14 1.60
C GLU C 462 -23.48 10.66 1.51
N VAL C 463 -22.66 9.91 0.78
CA VAL C 463 -22.89 8.48 0.48
C VAL C 463 -21.58 7.70 0.54
N GLY C 464 -21.66 6.38 0.47
CA GLY C 464 -20.48 5.50 0.39
C GLY C 464 -19.97 5.32 -1.03
N GLY C 465 -20.81 5.57 -2.03
CA GLY C 465 -20.49 5.42 -3.44
C GLY C 465 -21.24 6.37 -4.34
N VAL C 466 -20.51 7.09 -5.23
CA VAL C 466 -21.06 8.03 -6.20
C VAL C 466 -20.87 7.36 -7.55
N ILE C 467 -21.95 7.06 -8.26
CA ILE C 467 -21.90 6.44 -9.58
C ILE C 467 -21.93 7.56 -10.60
N LEU C 468 -20.89 7.59 -11.44
CA LEU C 468 -20.71 8.60 -12.45
C LEU C 468 -21.04 8.04 -13.82
N ASN C 469 -22.06 8.65 -14.43
CA ASN C 469 -22.60 8.36 -15.75
C ASN C 469 -23.24 6.96 -15.83
N ASP C 470 -23.97 6.64 -14.76
CA ASP C 470 -24.81 5.46 -14.55
C ASP C 470 -25.68 5.80 -13.33
N SER C 471 -26.79 5.06 -13.16
CA SER C 471 -27.72 5.24 -12.06
C SER C 471 -27.06 4.78 -10.73
N PRO C 472 -27.62 5.11 -9.53
CA PRO C 472 -27.01 4.63 -8.28
C PRO C 472 -27.05 3.10 -8.05
N ALA C 473 -27.81 2.38 -8.90
CA ALA C 473 -28.03 0.95 -8.77
C ALA C 473 -26.84 0.06 -9.21
N LEU C 474 -25.71 0.65 -9.50
CA LEU C 474 -24.53 -0.07 -9.94
C LEU C 474 -23.61 -0.48 -8.79
N ARG C 475 -23.24 -1.77 -8.75
CA ARG C 475 -22.30 -2.33 -7.78
C ARG C 475 -21.37 -3.39 -8.41
N VAL C 476 -20.04 -3.20 -8.24
CA VAL C 476 -19.01 -4.16 -8.65
C VAL C 476 -18.68 -4.91 -7.35
N ASP C 477 -18.65 -6.24 -7.38
CA ASP C 477 -18.46 -7.07 -6.18
C ASP C 477 -17.09 -6.92 -5.47
N SER C 478 -16.16 -6.15 -6.05
CA SER C 478 -14.85 -5.86 -5.45
C SER C 478 -14.78 -4.44 -4.88
N GLN C 479 -15.75 -3.55 -5.22
CA GLN C 479 -15.79 -2.16 -4.75
C GLN C 479 -16.14 -2.03 -3.26
N PRO C 480 -15.70 -0.95 -2.56
CA PRO C 480 -16.13 -0.77 -1.17
C PRO C 480 -17.60 -0.35 -1.17
N TYR C 481 -18.46 -1.19 -0.60
CA TYR C 481 -19.90 -0.99 -0.63
C TYR C 481 -20.47 -0.84 0.77
N GLY C 482 -21.18 0.27 0.98
CA GLY C 482 -21.78 0.57 2.27
C GLY C 482 -22.23 2.01 2.34
N GLY C 483 -22.71 2.40 3.50
CA GLY C 483 -23.24 3.75 3.61
C GLY C 483 -22.88 4.58 4.81
N LEU C 484 -23.38 5.80 4.77
CA LEU C 484 -23.30 6.80 5.82
C LEU C 484 -24.68 6.94 6.39
N LYS C 485 -24.82 7.72 7.48
CA LYS C 485 -26.09 7.99 8.15
C LYS C 485 -26.79 6.66 8.58
N ASP C 486 -28.07 6.48 8.24
CA ASP C 486 -28.84 5.30 8.64
C ASP C 486 -28.63 4.09 7.75
N SER C 487 -27.92 4.26 6.61
CA SER C 487 -27.63 3.21 5.64
C SER C 487 -26.69 2.11 6.18
N GLY C 488 -26.10 2.31 7.34
CA GLY C 488 -25.25 1.29 7.97
C GLY C 488 -23.91 1.76 8.46
N ILE C 489 -23.03 0.79 8.84
CA ILE C 489 -21.66 1.02 9.30
C ILE C 489 -20.72 0.02 8.62
N GLN C 490 -19.53 0.52 8.21
CA GLN C 490 -18.46 -0.23 7.54
C GLN C 490 -18.76 -0.53 6.04
N ARG C 491 -17.87 -1.31 5.41
CA ARG C 491 -17.98 -1.66 3.99
C ARG C 491 -17.88 -3.15 3.74
N GLU C 492 -18.64 -3.60 2.75
CA GLU C 492 -18.62 -4.94 2.17
C GLU C 492 -17.93 -4.73 0.84
N GLY C 493 -17.72 -5.81 0.10
CA GLY C 493 -16.85 -5.80 -1.07
C GLY C 493 -15.70 -6.59 -0.48
N VAL C 494 -15.40 -7.73 -1.08
CA VAL C 494 -14.54 -8.78 -0.54
C VAL C 494 -13.37 -8.27 0.32
N LYS C 495 -12.39 -7.55 -0.25
CA LYS C 495 -11.21 -7.14 0.53
C LYS C 495 -11.56 -6.22 1.72
N TYR C 496 -12.64 -5.42 1.62
CA TYR C 496 -13.12 -4.53 2.69
C TYR C 496 -13.83 -5.30 3.79
N ALA C 497 -14.64 -6.33 3.42
CA ALA C 497 -15.31 -7.17 4.41
C ALA C 497 -14.27 -8.02 5.15
N MET C 498 -13.17 -8.41 4.47
CA MET C 498 -12.08 -9.18 5.06
C MET C 498 -11.41 -8.38 6.18
N ASP C 499 -11.27 -7.05 5.98
CA ASP C 499 -10.69 -6.15 6.96
C ASP C 499 -11.42 -6.23 8.31
N ASP C 500 -12.76 -6.21 8.28
CA ASP C 500 -13.61 -6.30 9.47
C ASP C 500 -13.48 -7.67 10.18
N MET C 501 -13.09 -8.72 9.43
CA MET C 501 -12.90 -10.08 9.96
C MET C 501 -11.44 -10.35 10.37
N LEU C 502 -10.63 -9.29 10.42
CA LEU C 502 -9.23 -9.37 10.77
C LEU C 502 -8.88 -8.43 11.93
N GLU C 503 -7.94 -8.88 12.77
CA GLU C 503 -7.41 -8.12 13.91
C GLU C 503 -5.93 -7.88 13.73
N THR C 504 -5.51 -6.65 13.98
CA THR C 504 -4.13 -6.20 13.86
C THR C 504 -3.32 -6.64 15.08
N LYS C 505 -2.12 -7.15 14.84
CA LYS C 505 -1.16 -7.51 15.88
C LYS C 505 0.21 -7.03 15.45
N VAL C 506 0.91 -6.35 16.35
CA VAL C 506 2.26 -5.86 16.09
C VAL C 506 3.27 -6.60 16.98
N LEU C 507 4.38 -7.04 16.39
CA LEU C 507 5.50 -7.61 17.10
C LEU C 507 6.51 -6.46 17.18
N VAL C 508 6.63 -5.81 18.36
CA VAL C 508 7.58 -4.70 18.56
C VAL C 508 8.90 -5.34 18.97
N MET C 509 9.93 -5.14 18.16
CA MET C 509 11.22 -5.81 18.31
C MET C 509 12.31 -4.87 18.75
N ARG C 510 12.91 -5.15 19.92
CA ARG C 510 14.00 -4.35 20.48
C ARG C 510 15.35 -4.97 20.17
N ASN C 511 16.18 -4.23 19.41
CA ASN C 511 17.54 -4.60 18.99
C ASN C 511 17.64 -6.02 18.41
N VAL C 512 16.67 -6.42 17.58
CA VAL C 512 16.67 -7.74 16.95
C VAL C 512 17.63 -7.69 15.74
N GLY C 513 18.65 -8.56 15.78
CA GLY C 513 19.70 -8.62 14.77
C GLY C 513 21.03 -8.16 15.32
N THR C 514 21.06 -7.77 16.60
CA THR C 514 22.27 -7.37 17.32
C THR C 514 22.84 -8.63 17.97
N LEU C 515 24.06 -8.96 17.64
CA LEU C 515 24.76 -10.13 18.18
C LEU C 515 25.61 -9.77 19.41
N VAL D 35 -0.74 29.49 48.93
CA VAL D 35 -1.18 28.37 48.09
C VAL D 35 -2.56 28.67 47.46
N THR D 36 -2.65 29.80 46.72
CA THR D 36 -3.82 30.30 46.01
C THR D 36 -4.07 29.44 44.76
N PRO D 37 -5.27 28.84 44.58
CA PRO D 37 -5.51 28.01 43.38
C PRO D 37 -5.58 28.84 42.11
N LYS D 38 -4.96 28.36 41.01
CA LYS D 38 -5.00 29.04 39.72
C LYS D 38 -6.36 28.82 39.05
N LYS D 39 -6.99 29.91 38.59
CA LYS D 39 -8.30 29.84 37.92
C LYS D 39 -8.11 29.56 36.43
N TYR D 40 -8.77 28.53 35.92
CA TYR D 40 -8.63 28.13 34.51
C TYR D 40 -9.89 28.44 33.71
N ASN D 41 -9.76 28.50 32.39
CA ASN D 41 -10.86 28.65 31.44
C ASN D 41 -11.08 27.31 30.76
N ILE D 42 -12.31 27.08 30.30
CA ILE D 42 -12.62 25.90 29.53
C ILE D 42 -12.86 26.36 28.11
N PHE D 43 -12.99 25.45 27.14
CA PHE D 43 -13.11 25.88 25.75
C PHE D 43 -14.41 25.46 25.16
N LEU D 44 -15.21 26.45 24.77
CA LEU D 44 -16.51 26.27 24.16
C LEU D 44 -16.48 26.90 22.78
N ALA D 45 -16.66 26.08 21.75
CA ALA D 45 -16.67 26.48 20.34
C ALA D 45 -15.45 27.35 20.01
N SER D 46 -14.24 26.83 20.38
CA SER D 46 -12.90 27.41 20.19
C SER D 46 -12.53 28.57 21.11
N LYS D 47 -13.47 29.03 21.95
CA LYS D 47 -13.30 30.22 22.80
C LYS D 47 -13.17 29.92 24.30
N PRO D 48 -12.29 30.66 25.03
CA PRO D 48 -12.19 30.45 26.48
C PRO D 48 -13.41 30.99 27.20
N VAL D 49 -14.06 30.13 28.01
CA VAL D 49 -15.24 30.55 28.79
C VAL D 49 -15.01 30.31 30.29
N ASP D 50 -15.66 31.13 31.12
CA ASP D 50 -15.60 31.06 32.58
C ASP D 50 -17.00 31.32 33.18
N GLY D 51 -17.42 32.59 33.20
CA GLY D 51 -18.72 33.03 33.69
C GLY D 51 -19.07 32.64 35.12
N ASP D 52 -20.36 32.32 35.35
CA ASP D 52 -20.87 31.94 36.67
C ASP D 52 -21.02 30.42 36.82
N ARG D 53 -20.25 29.65 36.04
CA ARG D 53 -20.23 28.19 36.07
C ARG D 53 -19.67 27.66 37.41
N LYS D 54 -20.19 26.50 37.86
CA LYS D 54 -19.76 25.79 39.05
C LYS D 54 -18.24 25.51 38.94
N TRP D 55 -17.53 25.70 40.04
CA TRP D 55 -16.10 25.43 40.04
C TRP D 55 -15.81 24.01 40.48
N LEU D 56 -14.85 23.41 39.80
CA LEU D 56 -14.35 22.08 40.08
C LEU D 56 -12.95 22.25 40.67
N ASP D 57 -12.69 21.61 41.81
CA ASP D 57 -11.36 21.66 42.44
C ASP D 57 -10.48 20.62 41.82
N VAL D 58 -9.24 20.99 41.49
CA VAL D 58 -8.20 20.09 40.98
C VAL D 58 -7.09 20.12 42.04
N THR D 59 -6.82 18.97 42.66
CA THR D 59 -5.83 18.89 43.74
C THR D 59 -4.45 18.45 43.29
N ASN D 60 -3.42 18.90 44.03
CA ASN D 60 -2.03 18.48 43.87
C ASN D 60 -2.06 17.06 44.47
N LYS D 61 -1.77 16.03 43.67
CA LYS D 61 -1.91 14.65 44.13
C LYS D 61 -0.87 14.20 45.18
N TYR D 62 0.12 15.04 45.49
CA TYR D 62 1.10 14.72 46.52
C TYR D 62 0.70 15.39 47.85
N THR D 63 0.43 16.70 47.83
CA THR D 63 0.09 17.50 49.02
C THR D 63 -1.40 17.47 49.39
N ASN D 64 -2.27 17.22 48.40
CA ASN D 64 -3.75 17.20 48.52
C ASN D 64 -4.35 18.62 48.59
N ASP D 65 -3.54 19.67 48.34
CA ASP D 65 -4.01 21.06 48.31
C ASP D 65 -4.74 21.30 47.00
N VAL D 66 -5.77 22.19 47.02
CA VAL D 66 -6.49 22.58 45.79
C VAL D 66 -5.53 23.50 45.04
N ALA D 67 -5.01 23.00 43.93
CA ALA D 67 -4.06 23.77 43.15
C ALA D 67 -4.73 24.56 42.02
N ALA D 68 -5.92 24.11 41.57
CA ALA D 68 -6.65 24.73 40.48
C ALA D 68 -8.17 24.68 40.63
N LYS D 69 -8.83 25.72 40.12
CA LYS D 69 -10.28 25.83 40.11
C LYS D 69 -10.68 25.92 38.64
N VAL D 70 -11.51 24.96 38.18
CA VAL D 70 -11.89 24.82 36.77
C VAL D 70 -13.42 24.97 36.60
N PRO D 71 -13.91 25.81 35.65
CA PRO D 71 -15.36 25.88 35.42
C PRO D 71 -15.91 24.55 34.85
N GLN D 72 -17.06 24.10 35.36
CA GLN D 72 -17.73 22.88 34.92
C GLN D 72 -18.83 23.31 33.92
N ALA D 73 -18.81 22.71 32.73
CA ALA D 73 -19.76 23.03 31.69
C ALA D 73 -21.19 22.59 32.09
N THR D 74 -22.19 23.36 31.67
CA THR D 74 -23.61 23.07 31.89
C THR D 74 -24.10 22.22 30.70
N HIS D 75 -25.36 21.73 30.76
CA HIS D 75 -25.97 20.96 29.68
C HIS D 75 -26.09 21.82 28.42
N LYS D 76 -26.42 23.13 28.57
CA LYS D 76 -26.52 24.10 27.48
C LYS D 76 -25.17 24.29 26.79
N ASP D 77 -24.06 24.32 27.56
CA ASP D 77 -22.69 24.42 27.03
C ASP D 77 -22.38 23.23 26.13
N ILE D 78 -22.70 21.99 26.59
CA ILE D 78 -22.46 20.77 25.81
C ILE D 78 -23.29 20.82 24.54
N ASP D 79 -24.55 21.27 24.64
CA ASP D 79 -25.42 21.38 23.48
C ASP D 79 -24.88 22.36 22.44
N ASP D 80 -24.37 23.51 22.91
CA ASP D 80 -23.78 24.57 22.09
C ASP D 80 -22.50 24.08 21.41
N ALA D 81 -21.65 23.36 22.16
CA ALA D 81 -20.39 22.79 21.72
C ALA D 81 -20.60 21.80 20.57
N ILE D 82 -21.58 20.89 20.71
CA ILE D 82 -21.94 19.91 19.70
C ILE D 82 -22.51 20.60 18.44
N ASP D 83 -23.38 21.61 18.62
CA ASP D 83 -23.94 22.40 17.51
C ASP D 83 -22.84 23.12 16.72
N ALA D 84 -21.84 23.67 17.43
CA ALA D 84 -20.69 24.37 16.84
C ALA D 84 -19.81 23.39 16.08
N ALA D 85 -19.62 22.16 16.63
CA ALA D 85 -18.85 21.09 15.97
C ALA D 85 -19.53 20.69 14.67
N VAL D 86 -20.89 20.53 14.67
CA VAL D 86 -21.67 20.21 13.46
C VAL D 86 -21.51 21.35 12.43
N ALA D 87 -21.61 22.61 12.88
CA ALA D 87 -21.49 23.81 12.03
C ALA D 87 -20.08 24.03 11.49
N ALA D 88 -19.04 23.57 12.22
CA ALA D 88 -17.65 23.68 11.78
C ALA D 88 -17.18 22.53 10.89
N ALA D 89 -17.91 21.41 10.87
CA ALA D 89 -17.56 20.22 10.06
C ALA D 89 -17.29 20.53 8.57
N PRO D 90 -18.13 21.33 7.83
CA PRO D 90 -17.79 21.65 6.42
C PRO D 90 -16.48 22.42 6.25
N ALA D 91 -16.22 23.45 7.10
CA ALA D 91 -14.96 24.23 7.04
C ALA D 91 -13.75 23.37 7.39
N MET D 92 -13.91 22.41 8.33
CA MET D 92 -12.85 21.48 8.74
C MET D 92 -12.49 20.58 7.54
N ALA D 93 -13.53 20.05 6.86
CA ALA D 93 -13.41 19.18 5.68
C ALA D 93 -12.86 19.92 4.44
N ALA D 94 -13.03 21.26 4.37
CA ALA D 94 -12.55 22.10 3.26
C ALA D 94 -11.11 22.62 3.44
N MET D 95 -10.48 22.38 4.62
CA MET D 95 -9.11 22.80 4.90
C MET D 95 -8.17 22.07 3.96
N GLY D 96 -7.11 22.76 3.53
CA GLY D 96 -6.05 22.18 2.72
C GLY D 96 -5.22 21.29 3.64
N ALA D 97 -4.62 20.22 3.10
CA ALA D 97 -3.81 19.29 3.91
C ALA D 97 -2.66 20.06 4.64
N TYR D 98 -2.07 21.05 3.96
CA TYR D 98 -1.02 21.91 4.50
C TYR D 98 -1.53 22.77 5.69
N GLU D 99 -2.84 23.11 5.69
CA GLU D 99 -3.45 23.91 6.78
C GLU D 99 -3.59 23.07 8.03
N ARG D 100 -4.02 21.80 7.87
CA ARG D 100 -4.14 20.85 8.97
C ARG D 100 -2.75 20.59 9.54
N LYS D 101 -1.72 20.48 8.65
CA LYS D 101 -0.31 20.34 8.99
C LYS D 101 0.18 21.51 9.83
N ALA D 102 -0.12 22.76 9.40
CA ALA D 102 0.29 23.99 10.07
C ALA D 102 -0.25 24.02 11.50
N VAL D 103 -1.51 23.61 11.71
CA VAL D 103 -2.14 23.55 13.04
C VAL D 103 -1.30 22.65 13.95
N LEU D 104 -1.06 21.41 13.51
CA LEU D 104 -0.29 20.39 14.24
C LEU D 104 1.14 20.80 14.51
N GLU D 105 1.80 21.46 13.53
CA GLU D 105 3.16 21.95 13.68
C GLU D 105 3.22 23.08 14.70
N LYS D 106 2.16 23.91 14.77
CA LYS D 106 2.07 25.01 15.75
C LYS D 106 1.90 24.44 17.17
N VAL D 107 1.18 23.31 17.32
CA VAL D 107 1.00 22.62 18.61
C VAL D 107 2.36 22.12 19.11
N VAL D 108 3.13 21.45 18.23
CA VAL D 108 4.47 20.93 18.49
C VAL D 108 5.39 22.06 18.99
N ALA D 109 5.37 23.22 18.29
CA ALA D 109 6.19 24.38 18.63
C ALA D 109 5.83 24.92 20.01
N GLU D 110 4.53 25.02 20.32
CA GLU D 110 4.03 25.49 21.60
C GLU D 110 4.30 24.53 22.76
N LEU D 111 4.19 23.19 22.52
CA LEU D 111 4.50 22.15 23.51
C LEU D 111 5.99 22.19 23.88
N LYS D 112 6.87 22.45 22.89
CA LYS D 112 8.32 22.55 23.07
C LYS D 112 8.67 23.79 23.88
N ASN D 113 7.98 24.92 23.59
CA ASN D 113 8.13 26.22 24.22
C ASN D 113 7.78 26.19 25.69
N ARG D 114 6.64 25.55 26.04
CA ARG D 114 6.08 25.48 27.39
C ARG D 114 6.36 24.12 28.07
N PHE D 115 7.39 23.37 27.58
CA PHE D 115 7.78 22.03 28.04
C PHE D 115 7.76 21.82 29.58
N GLU D 116 8.61 22.56 30.32
CA GLU D 116 8.73 22.42 31.78
C GLU D 116 7.46 22.82 32.52
N GLU D 117 6.79 23.90 32.07
CA GLU D 117 5.51 24.37 32.61
C GLU D 117 4.45 23.25 32.53
N ILE D 118 4.35 22.58 31.35
CA ILE D 118 3.42 21.48 31.08
C ILE D 118 3.77 20.26 31.94
N ALA D 119 5.07 19.85 31.98
CA ALA D 119 5.59 18.71 32.76
C ALA D 119 5.29 18.87 34.25
N GLN D 120 5.47 20.10 34.80
CA GLN D 120 5.19 20.43 36.20
C GLN D 120 3.70 20.35 36.53
N THR D 121 2.82 20.84 35.61
CA THR D 121 1.36 20.79 35.73
C THR D 121 0.89 19.34 35.73
N LEU D 122 1.55 18.52 34.93
CA LEU D 122 1.27 17.10 34.77
C LEU D 122 1.55 16.32 36.06
N THR D 123 2.74 16.51 36.67
CA THR D 123 3.09 15.85 37.93
C THR D 123 2.12 16.27 39.00
N MET D 124 1.82 17.57 39.04
CA MET D 124 0.93 18.13 40.03
C MET D 124 -0.49 17.52 40.03
N GLU D 125 -1.15 17.45 38.86
CA GLU D 125 -2.50 16.90 38.78
C GLU D 125 -2.58 15.38 38.71
N SER D 126 -1.49 14.69 38.30
CA SER D 126 -1.53 13.24 38.17
C SER D 126 -0.77 12.50 39.27
N GLY D 127 0.22 13.15 39.87
CA GLY D 127 1.04 12.55 40.90
C GLY D 127 2.20 11.73 40.36
N LYS D 128 2.36 11.66 39.02
CA LYS D 128 3.46 10.90 38.43
C LYS D 128 4.80 11.62 38.62
N PRO D 129 5.91 10.88 38.88
CA PRO D 129 7.23 11.54 39.03
C PRO D 129 7.54 12.51 37.87
N ILE D 130 8.22 13.66 38.15
CA ILE D 130 8.57 14.68 37.15
C ILE D 130 9.35 14.07 35.94
N LYS D 131 10.18 13.04 36.19
CA LYS D 131 10.91 12.35 35.12
C LYS D 131 9.92 11.71 34.12
N ASP D 132 8.84 11.06 34.63
CA ASP D 132 7.79 10.42 33.85
C ASP D 132 6.90 11.46 33.17
N ALA D 133 6.64 12.60 33.86
CA ALA D 133 5.85 13.71 33.32
C ALA D 133 6.59 14.33 32.13
N ARG D 134 7.93 14.48 32.21
CA ARG D 134 8.76 14.99 31.10
C ARG D 134 8.76 14.00 29.93
N GLY D 135 8.81 12.71 30.24
CA GLY D 135 8.72 11.64 29.26
C GLY D 135 7.39 11.69 28.51
N GLU D 136 6.28 12.03 29.23
CA GLU D 136 4.95 12.15 28.65
C GLU D 136 4.83 13.35 27.69
N VAL D 137 5.45 14.50 28.06
CA VAL D 137 5.44 15.72 27.22
C VAL D 137 6.25 15.45 25.94
N THR D 138 7.37 14.72 26.05
CA THR D 138 8.20 14.31 24.91
C THR D 138 7.38 13.44 23.94
N ARG D 139 6.66 12.43 24.48
CA ARG D 139 5.82 11.53 23.69
C ARG D 139 4.64 12.23 23.02
N THR D 140 4.10 13.28 23.66
CA THR D 140 3.00 14.12 23.15
C THR D 140 3.51 14.93 21.94
N ILE D 141 4.78 15.43 22.00
CA ILE D 141 5.41 16.19 20.90
C ILE D 141 5.55 15.22 19.72
N ASP D 142 5.95 13.95 20.02
CA ASP D 142 6.08 12.89 19.01
C ASP D 142 4.74 12.59 18.36
N THR D 143 3.66 12.47 19.16
CA THR D 143 2.31 12.19 18.69
C THR D 143 1.83 13.27 17.71
N PHE D 144 1.99 14.55 18.11
CA PHE D 144 1.57 15.68 17.30
C PHE D 144 2.40 15.82 16.03
N GLN D 145 3.70 15.44 16.10
CA GLN D 145 4.64 15.46 14.98
C GLN D 145 4.30 14.37 13.97
N VAL D 146 4.04 13.14 14.44
CA VAL D 146 3.60 12.05 13.56
C VAL D 146 2.33 12.52 12.84
N ALA D 147 1.35 13.11 13.58
CA ALA D 147 0.08 13.58 13.02
C ALA D 147 0.26 14.65 11.93
N ALA D 148 1.19 15.61 12.15
CA ALA D 148 1.52 16.66 11.18
C ALA D 148 1.99 16.04 9.87
N GLU D 149 2.85 15.01 9.94
CA GLU D 149 3.37 14.31 8.78
C GLU D 149 2.32 13.46 8.08
N GLU D 150 1.41 12.85 8.85
CA GLU D 150 0.33 12.02 8.33
C GLU D 150 -0.77 12.82 7.66
N SER D 151 -0.98 14.09 8.08
CA SER D 151 -2.02 14.99 7.57
C SER D 151 -1.86 15.30 6.06
N VAL D 152 -0.61 15.23 5.53
CA VAL D 152 -0.25 15.47 4.13
C VAL D 152 -0.06 14.13 3.36
N ARG D 153 -0.43 13.00 3.99
CA ARG D 153 -0.27 11.65 3.45
C ARG D 153 -1.54 10.82 3.44
N ILE D 154 -2.70 11.46 3.32
CA ILE D 154 -3.94 10.68 3.27
C ILE D 154 -4.12 10.28 1.81
N TYR D 155 -3.59 9.09 1.45
CA TYR D 155 -3.65 8.57 0.10
C TYR D 155 -4.95 7.86 -0.18
N GLY D 156 -5.39 7.96 -1.42
CA GLY D 156 -6.56 7.28 -1.95
C GLY D 156 -6.10 6.19 -2.91
N GLU D 157 -7.05 5.52 -3.53
CA GLU D 157 -6.74 4.45 -4.47
C GLU D 157 -7.41 4.68 -5.80
N HIS D 158 -6.72 4.31 -6.88
CA HIS D 158 -7.33 4.25 -8.21
C HIS D 158 -7.49 2.75 -8.42
N ILE D 159 -8.73 2.27 -8.52
CA ILE D 159 -8.99 0.85 -8.66
C ILE D 159 -9.63 0.47 -10.00
N PRO D 160 -9.10 -0.58 -10.69
CA PRO D 160 -9.79 -1.08 -11.88
C PRO D 160 -11.09 -1.78 -11.41
N LEU D 161 -12.21 -1.58 -12.11
CA LEU D 161 -13.43 -2.24 -11.66
C LEU D 161 -13.97 -3.24 -12.69
N ASP D 162 -13.28 -3.36 -13.84
CA ASP D 162 -13.60 -4.30 -14.92
C ASP D 162 -12.95 -5.66 -14.61
N ILE D 163 -13.37 -6.25 -13.49
CA ILE D 163 -12.88 -7.56 -12.99
C ILE D 163 -13.50 -8.73 -13.75
N SER D 164 -14.62 -8.49 -14.45
CA SER D 164 -15.35 -9.46 -15.25
C SER D 164 -16.04 -8.73 -16.41
N ALA D 165 -16.47 -9.48 -17.43
CA ALA D 165 -17.09 -8.94 -18.64
C ALA D 165 -18.26 -8.00 -18.39
N ARG D 166 -19.14 -8.32 -17.40
CA ARG D 166 -20.30 -7.51 -17.05
C ARG D 166 -19.90 -6.12 -16.56
N ASN D 167 -18.69 -6.01 -15.98
CA ASN D 167 -18.11 -4.79 -15.42
C ASN D 167 -17.21 -4.02 -16.39
N LYS D 168 -17.27 -4.33 -17.70
CA LYS D 168 -16.50 -3.67 -18.76
C LYS D 168 -16.67 -2.13 -18.67
N GLY D 169 -15.57 -1.40 -18.86
CA GLY D 169 -15.54 0.06 -18.88
C GLY D 169 -15.69 0.73 -17.54
N LEU D 170 -15.49 -0.01 -16.44
CA LEU D 170 -15.60 0.55 -15.10
C LEU D 170 -14.27 0.67 -14.40
N GLN D 171 -14.10 1.79 -13.70
CA GLN D 171 -12.93 2.10 -12.88
C GLN D 171 -13.45 2.91 -11.69
N GLY D 172 -12.67 2.95 -10.62
CA GLY D 172 -13.05 3.68 -9.44
C GLY D 172 -11.94 4.48 -8.82
N ILE D 173 -12.31 5.56 -8.15
CA ILE D 173 -11.42 6.40 -7.37
C ILE D 173 -11.92 6.28 -5.94
N VAL D 174 -11.13 5.68 -5.07
CA VAL D 174 -11.48 5.48 -3.66
C VAL D 174 -10.75 6.55 -2.86
N LYS D 175 -11.51 7.39 -2.16
CA LYS D 175 -10.97 8.51 -1.37
C LYS D 175 -11.54 8.46 0.03
N LYS D 176 -10.78 8.92 1.03
CA LYS D 176 -11.21 8.95 2.42
C LYS D 176 -11.65 10.34 2.84
N PHE D 177 -12.77 10.42 3.57
CA PHE D 177 -13.36 11.68 4.01
C PHE D 177 -13.52 11.71 5.53
N PRO D 178 -13.41 12.91 6.19
CA PRO D 178 -13.64 12.97 7.64
C PRO D 178 -15.00 12.40 8.03
N ILE D 179 -15.05 11.61 9.14
CA ILE D 179 -16.30 10.99 9.62
C ILE D 179 -17.32 12.07 10.10
N GLY D 180 -16.80 13.17 10.62
CA GLY D 180 -17.61 14.26 11.13
C GLY D 180 -17.31 14.49 12.60
N PRO D 181 -18.23 15.13 13.35
CA PRO D 181 -17.95 15.44 14.78
C PRO D 181 -17.64 14.22 15.64
N VAL D 182 -16.51 14.30 16.36
CA VAL D 182 -16.02 13.22 17.24
C VAL D 182 -16.22 13.58 18.72
N SER D 183 -16.69 12.60 19.50
CA SER D 183 -16.85 12.68 20.96
C SER D 183 -15.61 11.99 21.57
N MET D 184 -14.86 12.73 22.39
CA MET D 184 -13.65 12.23 23.03
C MET D 184 -13.78 12.20 24.54
N VAL D 185 -13.45 11.05 25.14
CA VAL D 185 -13.52 10.84 26.59
C VAL D 185 -12.16 10.27 26.96
N SER D 186 -11.34 11.10 27.62
CA SER D 186 -9.95 10.81 27.96
C SER D 186 -9.69 10.40 29.44
N PRO D 187 -8.55 9.71 29.74
CA PRO D 187 -8.32 9.25 31.12
C PRO D 187 -7.49 10.18 32.00
N TRP D 188 -7.17 9.73 33.24
CA TRP D 188 -6.38 10.50 34.21
C TRP D 188 -4.92 10.02 34.34
N ASN D 189 -4.61 8.81 33.85
CA ASN D 189 -3.27 8.19 33.96
C ASN D 189 -2.23 8.80 32.99
N PHE D 190 -2.70 9.25 31.83
CA PHE D 190 -1.86 10.00 30.88
C PHE D 190 -2.72 11.18 30.43
N PRO D 191 -2.85 12.23 31.31
CA PRO D 191 -3.74 13.36 30.99
C PRO D 191 -3.42 14.12 29.72
N LEU D 192 -2.18 13.99 29.21
CA LEU D 192 -1.77 14.72 28.02
C LEU D 192 -1.62 13.82 26.82
N ASN D 193 -0.78 12.79 26.90
CA ASN D 193 -0.52 11.89 25.78
C ASN D 193 -1.77 11.11 25.29
N LEU D 194 -2.62 10.65 26.22
CA LEU D 194 -3.81 9.92 25.83
C LEU D 194 -4.93 10.87 25.32
N VAL D 195 -4.74 12.20 25.50
CA VAL D 195 -5.62 13.21 24.91
C VAL D 195 -5.08 13.44 23.46
N ALA D 196 -3.73 13.62 23.34
CA ALA D 196 -3.02 13.80 22.07
C ALA D 196 -3.36 12.70 21.06
N HIS D 197 -3.40 11.42 21.52
CA HIS D 197 -3.72 10.25 20.71
C HIS D 197 -5.18 10.25 20.14
N LYS D 198 -6.02 11.25 20.53
CA LYS D 198 -7.38 11.42 20.02
C LYS D 198 -7.47 12.73 19.23
N VAL D 199 -6.95 13.82 19.82
CA VAL D 199 -6.96 15.19 19.29
C VAL D 199 -6.07 15.33 18.02
N ALA D 200 -4.81 14.84 18.07
CA ALA D 200 -3.91 14.94 16.91
C ALA D 200 -4.46 14.21 15.65
N PRO D 201 -4.96 12.94 15.73
CA PRO D 201 -5.56 12.32 14.52
C PRO D 201 -6.78 13.07 13.98
N ALA D 202 -7.65 13.61 14.87
CA ALA D 202 -8.86 14.37 14.49
C ALA D 202 -8.51 15.62 13.68
N ILE D 203 -7.49 16.38 14.11
CA ILE D 203 -7.00 17.56 13.40
C ILE D 203 -6.31 17.16 12.08
N ALA D 204 -5.48 16.08 12.10
CA ALA D 204 -4.79 15.54 10.91
C ALA D 204 -5.77 15.17 9.78
N VAL D 205 -6.98 14.69 10.14
CA VAL D 205 -8.03 14.26 9.21
C VAL D 205 -8.96 15.43 8.83
N GLY D 206 -9.26 16.30 9.79
CA GLY D 206 -10.15 17.44 9.60
C GLY D 206 -11.51 17.15 10.17
N CYS D 207 -11.55 16.60 11.42
CA CYS D 207 -12.76 16.28 12.18
C CYS D 207 -12.93 17.27 13.32
N PRO D 208 -14.09 17.96 13.45
CA PRO D 208 -14.31 18.78 14.65
C PRO D 208 -14.53 17.86 15.86
N PHE D 209 -14.23 18.31 17.06
CA PHE D 209 -14.38 17.44 18.21
C PHE D 209 -14.83 18.12 19.48
N VAL D 210 -15.41 17.34 20.38
CA VAL D 210 -15.82 17.79 21.70
C VAL D 210 -15.16 16.82 22.68
N LEU D 211 -14.23 17.34 23.47
CA LEU D 211 -13.49 16.52 24.42
C LEU D 211 -13.94 16.71 25.87
N LYS D 212 -14.24 15.58 26.54
CA LYS D 212 -14.60 15.52 27.94
C LYS D 212 -13.33 15.02 28.65
N PRO D 213 -12.50 15.90 29.24
CA PRO D 213 -11.31 15.41 29.96
C PRO D 213 -11.68 14.79 31.31
N ALA D 214 -10.80 13.97 31.90
CA ALA D 214 -11.06 13.39 33.22
C ALA D 214 -11.10 14.55 34.25
N SER D 215 -12.10 14.53 35.14
CA SER D 215 -12.32 15.57 36.13
C SER D 215 -11.22 15.68 37.17
N ARG D 216 -10.48 14.60 37.41
CA ARG D 216 -9.35 14.58 38.36
C ARG D 216 -8.09 15.23 37.75
N THR D 217 -7.95 15.17 36.40
CA THR D 217 -6.78 15.69 35.67
C THR D 217 -7.18 16.47 34.38
N PRO D 218 -7.92 17.61 34.45
CA PRO D 218 -8.31 18.30 33.21
C PRO D 218 -7.34 19.35 32.67
N LEU D 219 -6.35 19.77 33.48
CA LEU D 219 -5.42 20.87 33.20
C LEU D 219 -4.56 20.64 31.98
N SER D 220 -4.11 19.39 31.73
CA SER D 220 -3.30 19.07 30.54
C SER D 220 -4.11 19.32 29.26
N ALA D 221 -5.37 18.88 29.25
CA ALA D 221 -6.30 19.08 28.14
C ALA D 221 -6.61 20.57 27.96
N LEU D 222 -6.72 21.35 29.08
CA LEU D 222 -7.00 22.79 28.97
C LEU D 222 -5.78 23.55 28.44
N ILE D 223 -4.54 23.02 28.69
CA ILE D 223 -3.32 23.62 28.13
C ILE D 223 -3.32 23.41 26.59
N LEU D 224 -3.71 22.21 26.10
CA LEU D 224 -3.87 21.99 24.65
C LEU D 224 -4.91 22.95 24.09
N GLY D 225 -6.01 23.14 24.82
CA GLY D 225 -7.08 24.08 24.50
C GLY D 225 -6.60 25.49 24.30
N GLU D 226 -5.76 26.04 25.23
CA GLU D 226 -5.23 27.40 25.06
C GLU D 226 -4.27 27.49 23.88
N ILE D 227 -3.59 26.38 23.55
CA ILE D 227 -2.68 26.30 22.39
C ILE D 227 -3.55 26.41 21.11
N LEU D 228 -4.53 25.50 20.97
CA LEU D 228 -5.44 25.46 19.82
C LEU D 228 -6.22 26.75 19.62
N HIS D 229 -6.66 27.38 20.71
CA HIS D 229 -7.41 28.63 20.68
C HIS D 229 -6.67 29.75 19.92
N LYS D 230 -5.32 29.77 20.01
CA LYS D 230 -4.51 30.78 19.34
C LYS D 230 -4.15 30.48 17.87
N ILE D 231 -4.50 29.29 17.35
CA ILE D 231 -4.19 28.89 15.97
C ILE D 231 -5.31 29.33 15.00
N GLU D 232 -4.99 30.34 14.17
CA GLU D 232 -5.86 30.98 13.18
C GLU D 232 -6.40 30.05 12.08
N GLU D 233 -5.59 29.08 11.60
CA GLU D 233 -5.93 28.10 10.56
C GLU D 233 -7.12 27.21 10.94
N LEU D 234 -7.27 26.92 12.24
CA LEU D 234 -8.32 26.07 12.79
C LEU D 234 -9.68 26.80 12.79
N PRO D 235 -10.71 26.32 12.04
CA PRO D 235 -12.01 27.04 11.99
C PRO D 235 -12.71 27.24 13.33
N LEU D 236 -13.56 28.29 13.43
CA LEU D 236 -14.33 28.57 14.64
C LEU D 236 -15.33 27.44 14.91
N GLY D 237 -15.30 26.92 16.13
CA GLY D 237 -16.18 25.83 16.57
C GLY D 237 -15.60 24.45 16.38
N ALA D 238 -14.37 24.36 15.84
CA ALA D 238 -13.65 23.09 15.59
C ALA D 238 -13.40 22.29 16.85
N PHE D 239 -13.23 22.95 17.99
CA PHE D 239 -12.97 22.23 19.22
C PHE D 239 -13.67 22.83 20.44
N SER D 240 -13.94 21.95 21.43
CA SER D 240 -14.48 22.24 22.74
C SER D 240 -13.84 21.25 23.69
N ILE D 241 -13.48 21.73 24.89
CA ILE D 241 -12.88 20.92 25.96
C ILE D 241 -13.69 21.26 27.22
N LEU D 242 -14.54 20.31 27.61
CA LEU D 242 -15.51 20.53 28.66
C LEU D 242 -15.51 19.50 29.78
N PRO D 243 -15.04 19.88 30.98
CA PRO D 243 -15.21 19.01 32.14
C PRO D 243 -16.72 19.04 32.45
N VAL D 244 -17.36 17.88 32.62
CA VAL D 244 -18.80 17.86 32.84
C VAL D 244 -19.21 17.11 34.11
N SER D 245 -20.43 17.45 34.58
CA SER D 245 -21.09 16.81 35.72
C SER D 245 -21.50 15.37 35.36
N ARG D 246 -21.73 14.52 36.38
CA ARG D 246 -22.16 13.13 36.15
C ARG D 246 -23.54 13.06 35.47
N GLU D 247 -24.41 14.04 35.78
CA GLU D 247 -25.78 14.18 35.25
C GLU D 247 -25.83 14.49 33.75
N ASP D 248 -24.72 14.97 33.17
CA ASP D 248 -24.64 15.36 31.75
C ASP D 248 -23.63 14.57 30.97
N ALA D 249 -22.72 13.84 31.66
CA ALA D 249 -21.64 13.03 31.06
C ALA D 249 -22.12 12.08 29.96
N ASP D 250 -23.37 11.65 30.05
CA ASP D 250 -24.02 10.75 29.12
C ASP D 250 -24.19 11.29 27.71
N MET D 251 -24.22 12.64 27.54
CA MET D 251 -24.32 13.29 26.23
C MET D 251 -23.21 12.82 25.26
N PHE D 252 -21.99 12.59 25.80
CA PHE D 252 -20.82 12.13 25.06
C PHE D 252 -20.98 10.72 24.49
N THR D 253 -21.87 9.92 25.07
CA THR D 253 -22.18 8.58 24.64
C THR D 253 -23.36 8.57 23.64
N VAL D 254 -24.52 9.14 24.05
CA VAL D 254 -25.80 9.03 23.34
C VAL D 254 -26.07 10.06 22.22
N ASP D 255 -25.45 11.26 22.24
CA ASP D 255 -25.79 12.28 21.25
C ASP D 255 -25.63 11.83 19.80
N GLU D 256 -26.71 11.91 19.04
CA GLU D 256 -26.82 11.52 17.63
C GLU D 256 -26.00 12.40 16.68
N ARG D 257 -25.66 13.63 17.08
CA ARG D 257 -24.86 14.56 16.26
C ARG D 257 -23.39 14.13 16.10
N PHE D 258 -22.89 13.31 17.05
CA PHE D 258 -21.53 12.76 16.99
C PHE D 258 -21.55 11.55 16.08
N LYS D 259 -20.51 11.42 15.25
CA LYS D 259 -20.40 10.33 14.29
C LYS D 259 -19.47 9.22 14.81
N LEU D 260 -18.63 9.55 15.79
CA LEU D 260 -17.69 8.63 16.43
C LEU D 260 -17.50 8.97 17.91
N LEU D 261 -17.43 7.92 18.75
CA LEU D 261 -17.12 7.96 20.17
C LEU D 261 -15.76 7.30 20.32
N THR D 262 -14.80 8.01 20.95
CA THR D 262 -13.50 7.44 21.21
C THR D 262 -13.24 7.62 22.69
N PHE D 263 -13.14 6.47 23.39
CA PHE D 263 -12.99 6.40 24.84
C PHE D 263 -11.75 5.64 25.26
N THR D 264 -11.05 6.18 26.28
CA THR D 264 -9.94 5.54 26.95
C THR D 264 -10.24 5.61 28.42
N GLY D 265 -10.31 4.45 29.06
CA GLY D 265 -10.58 4.37 30.49
C GLY D 265 -10.98 2.99 30.96
N SER D 266 -11.87 2.96 31.96
CA SER D 266 -12.38 1.77 32.62
C SER D 266 -13.25 0.94 31.71
N GLY D 267 -12.96 -0.37 31.69
CA GLY D 267 -13.67 -1.38 30.93
C GLY D 267 -15.17 -1.41 31.18
N PRO D 268 -15.65 -1.58 32.45
CA PRO D 268 -17.11 -1.58 32.70
C PRO D 268 -17.86 -0.33 32.21
N ILE D 269 -17.21 0.83 32.31
CA ILE D 269 -17.75 2.11 31.83
C ILE D 269 -17.78 2.09 30.28
N GLY D 270 -16.64 1.74 29.68
CA GLY D 270 -16.48 1.65 28.23
C GLY D 270 -17.49 0.73 27.56
N TRP D 271 -17.59 -0.53 28.03
CA TRP D 271 -18.54 -1.49 27.48
C TRP D 271 -20.00 -1.01 27.60
N ASP D 272 -20.34 -0.34 28.72
CA ASP D 272 -21.67 0.25 28.92
C ASP D 272 -21.93 1.42 27.93
N MET D 273 -20.90 2.23 27.66
CA MET D 273 -20.96 3.33 26.69
C MET D 273 -21.18 2.79 25.27
N LYS D 274 -20.48 1.71 24.89
CA LYS D 274 -20.61 1.05 23.60
C LYS D 274 -22.06 0.57 23.40
N ALA D 275 -22.68 -0.02 24.45
CA ALA D 275 -24.05 -0.54 24.48
C ALA D 275 -25.11 0.56 24.30
N ARG D 276 -24.82 1.76 24.82
CA ARG D 276 -25.75 2.88 24.78
C ARG D 276 -25.42 3.99 23.75
N ALA D 277 -24.36 3.79 22.95
CA ALA D 277 -23.85 4.73 21.93
C ALA D 277 -24.81 5.06 20.77
N GLY D 278 -25.74 4.18 20.48
CA GLY D 278 -26.65 4.39 19.36
C GLY D 278 -26.02 3.98 18.03
N LYS D 279 -26.15 4.85 17.02
CA LYS D 279 -25.74 4.60 15.64
C LYS D 279 -24.27 4.83 15.34
N LYS D 280 -23.61 5.74 16.07
CA LYS D 280 -22.21 6.10 15.89
C LYS D 280 -21.24 4.94 16.04
N LYS D 281 -20.06 5.10 15.44
CA LYS D 281 -18.92 4.20 15.56
C LYS D 281 -18.28 4.44 16.95
N VAL D 282 -17.64 3.42 17.51
CA VAL D 282 -17.09 3.43 18.85
C VAL D 282 -15.67 2.85 18.80
N VAL D 283 -14.69 3.54 19.42
CA VAL D 283 -13.29 3.16 19.58
C VAL D 283 -13.11 3.04 21.08
N MET D 284 -12.53 1.93 21.57
CA MET D 284 -12.36 1.71 23.01
C MET D 284 -10.95 1.25 23.34
N GLU D 285 -10.28 1.98 24.23
CA GLU D 285 -8.96 1.66 24.75
C GLU D 285 -9.21 1.40 26.24
N LEU D 286 -9.23 0.12 26.66
CA LEU D 286 -9.57 -0.20 28.05
C LEU D 286 -8.41 -0.83 28.82
N GLY D 287 -8.70 -1.45 29.96
CA GLY D 287 -7.68 -2.03 30.82
C GLY D 287 -6.88 -3.19 30.25
N GLY D 288 -5.98 -3.72 31.08
CA GLY D 288 -5.15 -4.87 30.76
C GLY D 288 -4.67 -5.60 31.99
N ASN D 289 -4.10 -6.78 31.80
CA ASN D 289 -3.47 -7.60 32.84
C ASN D 289 -2.29 -8.25 32.10
N ALA D 290 -1.31 -7.39 31.77
CA ALA D 290 -0.16 -7.70 30.94
C ALA D 290 0.82 -8.68 31.53
N PRO D 291 1.08 -9.80 30.81
CA PRO D 291 2.09 -10.76 31.27
C PRO D 291 3.43 -10.54 30.55
N CYS D 292 4.49 -11.17 31.08
CA CYS D 292 5.82 -11.18 30.49
C CYS D 292 6.45 -12.55 30.70
N ILE D 293 7.06 -13.10 29.64
CA ILE D 293 7.78 -14.38 29.68
C ILE D 293 9.27 -14.07 29.68
N VAL D 294 10.00 -14.63 30.65
CA VAL D 294 11.45 -14.52 30.70
C VAL D 294 11.99 -15.93 30.45
N ASP D 295 12.44 -16.18 29.21
CA ASP D 295 12.97 -17.46 28.76
C ASP D 295 14.48 -17.39 28.52
N ASP D 296 15.04 -16.16 28.50
CA ASP D 296 16.47 -15.84 28.33
C ASP D 296 16.73 -14.43 28.88
N TYR D 297 18.01 -14.04 28.98
CA TYR D 297 18.42 -12.70 29.39
C TYR D 297 18.86 -12.02 28.10
N VAL D 298 18.11 -11.00 27.62
CA VAL D 298 18.49 -10.36 26.35
C VAL D 298 18.76 -8.84 26.51
N PRO D 299 20.00 -8.34 26.30
CA PRO D 299 21.25 -9.09 25.98
C PRO D 299 21.91 -9.74 27.21
N ASP D 300 21.59 -9.25 28.42
CA ASP D 300 22.14 -9.76 29.68
C ASP D 300 21.15 -9.59 30.83
N LEU D 301 21.48 -10.16 32.01
CA LEU D 301 20.62 -10.10 33.19
C LEU D 301 20.32 -8.68 33.65
N ASP D 302 21.36 -7.84 33.72
CA ASP D 302 21.24 -6.44 34.16
C ASP D 302 20.23 -5.66 33.33
N TYR D 303 20.31 -5.76 31.98
CA TYR D 303 19.36 -5.09 31.10
C TYR D 303 17.95 -5.69 31.21
N THR D 304 17.85 -7.04 31.40
CA THR D 304 16.58 -7.74 31.57
C THR D 304 15.89 -7.24 32.85
N ILE D 305 16.59 -7.21 34.01
CA ILE D 305 16.05 -6.72 35.29
C ILE D 305 15.55 -5.27 35.15
N GLN D 306 16.35 -4.42 34.53
CA GLN D 306 16.08 -3.01 34.28
C GLN D 306 14.74 -2.81 33.52
N ARG D 307 14.51 -3.61 32.46
CA ARG D 307 13.29 -3.56 31.63
C ARG D 307 12.11 -4.16 32.36
N LEU D 308 12.35 -5.17 33.21
CA LEU D 308 11.30 -5.80 34.04
C LEU D 308 10.83 -4.85 35.12
N ILE D 309 11.75 -4.03 35.67
CA ILE D 309 11.45 -3.05 36.72
C ILE D 309 10.65 -1.92 36.07
N ASN D 310 11.05 -1.55 34.84
CA ASN D 310 10.39 -0.51 34.07
C ASN D 310 8.93 -0.89 33.80
N GLY D 311 8.69 -2.13 33.40
CA GLY D 311 7.34 -2.59 33.08
C GLY D 311 6.46 -2.80 34.28
N GLY D 312 7.03 -3.39 35.32
CA GLY D 312 6.33 -3.69 36.56
C GLY D 312 5.94 -2.51 37.41
N PHE D 313 6.69 -1.40 37.29
CA PHE D 313 6.47 -0.18 38.08
C PHE D 313 6.33 1.08 37.18
N TYR D 314 5.87 0.83 35.93
CA TYR D 314 5.58 1.81 34.87
C TYR D 314 4.46 2.74 35.33
N GLN D 315 4.81 4.02 35.67
CA GLN D 315 3.89 5.06 36.14
C GLN D 315 3.23 4.60 37.47
N GLY D 316 3.98 3.83 38.24
CA GLY D 316 3.54 3.24 39.50
C GLY D 316 2.48 2.17 39.27
N GLY D 317 2.54 1.52 38.11
CA GLY D 317 1.58 0.50 37.70
C GLY D 317 0.27 1.06 37.19
N GLN D 318 0.10 2.40 37.27
CA GLN D 318 -1.12 3.09 36.82
C GLN D 318 -1.10 3.25 35.31
N SER D 319 -1.02 2.10 34.62
CA SER D 319 -0.94 2.01 33.16
C SER D 319 -1.72 0.83 32.65
N CYS D 320 -2.37 1.00 31.50
CA CYS D 320 -3.14 -0.07 30.90
C CYS D 320 -2.24 -1.18 30.29
N ILE D 321 -0.89 -0.93 30.20
CA ILE D 321 0.11 -1.92 29.74
C ILE D 321 1.16 -2.23 30.86
N HIS D 322 0.82 -1.94 32.12
CA HIS D 322 1.66 -2.25 33.29
C HIS D 322 1.89 -3.77 33.34
N MET D 323 3.15 -4.21 33.55
CA MET D 323 3.47 -5.64 33.65
C MET D 323 3.00 -6.15 35.02
N GLN D 324 1.84 -6.80 35.03
CA GLN D 324 1.21 -7.30 36.27
C GLN D 324 1.67 -8.72 36.58
N ARG D 325 1.91 -9.53 35.54
CA ARG D 325 2.28 -10.94 35.69
C ARG D 325 3.64 -11.25 35.05
N LEU D 326 4.50 -11.94 35.80
CA LEU D 326 5.85 -12.28 35.36
C LEU D 326 6.05 -13.79 35.44
N TYR D 327 6.30 -14.40 34.29
CA TYR D 327 6.54 -15.83 34.14
C TYR D 327 8.01 -16.03 33.80
N VAL D 328 8.77 -16.69 34.69
CA VAL D 328 10.21 -16.91 34.53
C VAL D 328 10.49 -18.41 34.43
N HIS D 329 11.35 -18.82 33.49
CA HIS D 329 11.70 -20.22 33.36
C HIS D 329 12.43 -20.73 34.60
N GLU D 330 12.07 -21.93 35.06
CA GLU D 330 12.63 -22.57 36.26
C GLU D 330 14.15 -22.50 36.37
N ARG D 331 14.87 -22.60 35.24
CA ARG D 331 16.34 -22.55 35.22
C ARG D 331 16.88 -21.15 35.56
N LEU D 332 16.08 -20.10 35.31
CA LEU D 332 16.44 -18.69 35.53
C LEU D 332 15.77 -18.09 36.76
N TYR D 333 14.71 -18.75 37.27
CA TYR D 333 13.84 -18.31 38.36
C TYR D 333 14.54 -17.66 39.57
N ASP D 334 15.38 -18.43 40.30
CA ASP D 334 16.04 -17.93 41.53
C ASP D 334 16.91 -16.69 41.27
N GLU D 335 17.63 -16.66 40.14
CA GLU D 335 18.49 -15.55 39.75
C GLU D 335 17.66 -14.29 39.45
N VAL D 336 16.53 -14.44 38.70
CA VAL D 336 15.63 -13.34 38.34
C VAL D 336 14.91 -12.81 39.58
N LYS D 337 14.32 -13.70 40.40
CA LYS D 337 13.62 -13.36 41.64
C LYS D 337 14.53 -12.52 42.55
N GLU D 338 15.75 -12.99 42.82
CA GLU D 338 16.74 -12.30 43.64
C GLU D 338 17.11 -10.90 43.13
N GLY D 339 17.46 -10.80 41.84
CA GLY D 339 17.82 -9.53 41.21
C GLY D 339 16.68 -8.54 41.09
N PHE D 340 15.49 -9.04 40.71
CA PHE D 340 14.29 -8.22 40.55
C PHE D 340 13.84 -7.67 41.90
N VAL D 341 13.72 -8.53 42.95
CA VAL D 341 13.33 -8.10 44.30
C VAL D 341 14.36 -7.09 44.87
N ALA D 342 15.67 -7.34 44.67
CA ALA D 342 16.74 -6.44 45.12
C ALA D 342 16.62 -5.07 44.46
N ALA D 343 16.28 -5.04 43.15
CA ALA D 343 16.10 -3.79 42.42
C ALA D 343 14.81 -3.04 42.87
N VAL D 344 13.74 -3.79 43.22
CA VAL D 344 12.46 -3.24 43.73
C VAL D 344 12.73 -2.49 45.03
N LYS D 345 13.54 -3.10 45.92
CA LYS D 345 13.94 -2.58 47.23
C LYS D 345 14.72 -1.27 47.14
N LYS D 346 15.37 -1.01 46.00
CA LYS D 346 16.16 0.19 45.74
C LYS D 346 15.36 1.36 45.16
N LEU D 347 14.12 1.11 44.69
CA LEU D 347 13.26 2.12 44.05
C LEU D 347 12.86 3.24 45.02
N LYS D 348 13.14 4.51 44.65
CA LYS D 348 12.77 5.66 45.48
C LYS D 348 11.31 6.02 45.32
N MET D 349 10.58 5.97 46.43
CA MET D 349 9.16 6.32 46.53
C MET D 349 9.05 7.60 47.36
N GLY D 350 8.35 8.61 46.84
CA GLY D 350 8.16 9.86 47.56
C GLY D 350 7.59 10.99 46.74
N ASN D 351 8.01 12.25 47.07
CA ASN D 351 7.58 13.49 46.42
C ASN D 351 7.84 13.40 44.91
N PRO D 352 6.77 13.38 44.07
CA PRO D 352 6.98 13.23 42.62
C PRO D 352 7.72 14.39 41.94
N PHE D 353 7.79 15.55 42.60
CA PHE D 353 8.50 16.72 42.07
C PHE D 353 10.02 16.58 42.19
N GLU D 354 10.50 15.62 43.02
CA GLU D 354 11.92 15.34 43.20
C GLU D 354 12.43 14.59 41.98
N GLU D 355 13.60 15.01 41.48
CA GLU D 355 14.25 14.45 40.29
C GLU D 355 14.61 12.98 40.39
N ASP D 356 14.95 12.51 41.60
CA ASP D 356 15.35 11.11 41.83
C ASP D 356 14.18 10.20 42.26
N THR D 357 12.95 10.72 42.26
CA THR D 357 11.79 9.92 42.62
C THR D 357 11.42 8.99 41.46
N TYR D 358 11.30 7.69 41.76
CA TYR D 358 10.91 6.68 40.78
C TYR D 358 9.41 6.39 40.87
N LEU D 359 8.88 6.34 42.11
CA LEU D 359 7.49 6.00 42.39
C LEU D 359 6.76 7.11 43.19
N GLY D 360 5.72 7.66 42.58
CA GLY D 360 4.90 8.70 43.18
C GLY D 360 3.67 8.12 43.86
N PRO D 361 2.72 8.95 44.37
CA PRO D 361 1.54 8.37 45.02
C PRO D 361 0.51 7.87 43.99
N MET D 362 -0.51 7.13 44.44
CA MET D 362 -1.62 6.70 43.59
C MET D 362 -2.54 7.92 43.40
N ILE D 363 -3.46 7.87 42.42
CA ILE D 363 -4.36 9.00 42.09
C ILE D 363 -5.21 9.49 43.29
N SER D 364 -5.55 8.59 44.22
CA SER D 364 -6.33 8.86 45.42
C SER D 364 -5.97 7.86 46.51
N GLU D 365 -6.32 8.20 47.76
CA GLU D 365 -6.10 7.34 48.91
C GLU D 365 -6.98 6.09 48.81
N SER D 366 -8.18 6.21 48.20
CA SER D 366 -9.08 5.07 48.03
C SER D 366 -8.49 4.07 47.02
N ALA D 367 -7.83 4.57 45.93
CA ALA D 367 -7.14 3.75 44.94
C ALA D 367 -6.06 2.92 45.64
N ALA D 368 -5.24 3.57 46.51
CA ALA D 368 -4.19 2.94 47.31
C ALA D 368 -4.77 1.90 48.28
N LYS D 369 -5.91 2.24 48.97
CA LYS D 369 -6.63 1.34 49.90
C LYS D 369 -7.11 0.08 49.15
N GLY D 370 -7.64 0.27 47.93
CA GLY D 370 -8.10 -0.80 47.06
C GLY D 370 -7.00 -1.78 46.73
N ILE D 371 -5.81 -1.25 46.34
CA ILE D 371 -4.60 -2.02 46.02
C ILE D 371 -4.15 -2.79 47.27
N GLU D 372 -4.11 -2.11 48.43
CA GLU D 372 -3.74 -2.68 49.73
C GLU D 372 -4.61 -3.90 50.07
N ASP D 373 -5.95 -3.79 49.84
CA ASP D 373 -6.93 -4.87 50.09
C ASP D 373 -6.62 -6.09 49.23
N TRP D 374 -6.39 -5.86 47.93
CA TRP D 374 -6.10 -6.92 46.96
C TRP D 374 -4.78 -7.61 47.24
N VAL D 375 -3.80 -6.89 47.81
CA VAL D 375 -2.50 -7.46 48.22
C VAL D 375 -2.75 -8.39 49.43
N LYS D 376 -3.48 -7.90 50.45
CA LYS D 376 -3.84 -8.66 51.66
C LYS D 376 -4.65 -9.91 51.28
N GLU D 377 -5.59 -9.77 50.32
CA GLU D 377 -6.42 -10.85 49.83
C GLU D 377 -5.58 -11.91 49.09
N ALA D 378 -4.61 -11.46 48.25
CA ALA D 378 -3.73 -12.34 47.48
C ALA D 378 -2.90 -13.21 48.41
N VAL D 379 -2.38 -12.59 49.49
CA VAL D 379 -1.57 -13.21 50.54
C VAL D 379 -2.42 -14.22 51.32
N ALA D 380 -3.67 -13.85 51.66
CA ALA D 380 -4.63 -14.69 52.40
C ALA D 380 -5.02 -15.94 51.60
N LYS D 381 -5.09 -15.81 50.27
CA LYS D 381 -5.44 -16.91 49.37
C LYS D 381 -4.24 -17.80 48.98
N GLY D 382 -3.08 -17.56 49.59
CA GLY D 382 -1.88 -18.37 49.36
C GLY D 382 -0.69 -17.71 48.70
N GLY D 383 -0.78 -16.42 48.42
CA GLY D 383 0.32 -15.67 47.82
C GLY D 383 1.44 -15.40 48.80
N LYS D 384 2.69 -15.48 48.35
CA LYS D 384 3.85 -15.23 49.19
C LYS D 384 4.44 -13.87 48.87
N LEU D 385 4.27 -12.92 49.81
CA LEU D 385 4.78 -11.56 49.68
C LEU D 385 6.33 -11.55 49.76
N LEU D 386 6.98 -11.09 48.68
CA LEU D 386 8.45 -11.04 48.60
C LEU D 386 9.02 -9.72 49.07
N THR D 387 8.27 -8.63 48.87
CA THR D 387 8.60 -7.26 49.26
C THR D 387 7.37 -6.34 49.14
N GLY D 388 7.40 -5.23 49.87
CA GLY D 388 6.35 -4.22 49.87
C GLY D 388 5.04 -4.62 50.49
N GLY D 389 3.95 -4.15 49.88
CA GLY D 389 2.58 -4.45 50.30
C GLY D 389 1.97 -3.50 51.31
N ASN D 390 2.76 -2.55 51.86
CA ASN D 390 2.28 -1.59 52.85
C ASN D 390 1.85 -0.26 52.22
N ARG D 391 0.86 0.38 52.83
CA ARG D 391 0.28 1.65 52.40
C ARG D 391 0.62 2.80 53.38
N LYS D 392 0.83 4.00 52.83
CA LYS D 392 1.10 5.23 53.56
C LYS D 392 0.30 6.32 52.84
N GLY D 393 -0.95 6.51 53.27
CA GLY D 393 -1.87 7.45 52.64
C GLY D 393 -2.21 7.00 51.23
N ALA D 394 -1.82 7.80 50.22
CA ALA D 394 -2.02 7.49 48.80
C ALA D 394 -0.86 6.65 48.21
N PHE D 395 0.22 6.43 48.99
CA PHE D 395 1.38 5.65 48.57
C PHE D 395 1.25 4.16 48.86
N ILE D 396 1.61 3.32 47.88
CA ILE D 396 1.68 1.87 47.97
C ILE D 396 3.13 1.52 47.67
N GLU D 397 3.77 0.73 48.56
CA GLU D 397 5.16 0.28 48.39
C GLU D 397 5.26 -0.58 47.13
N PRO D 398 6.38 -0.52 46.36
CA PRO D 398 6.49 -1.43 45.20
C PRO D 398 6.45 -2.87 45.73
N THR D 399 5.48 -3.65 45.22
CA THR D 399 5.14 -4.99 45.71
C THR D 399 5.40 -6.11 44.71
N VAL D 400 5.94 -7.24 45.19
CA VAL D 400 6.19 -8.45 44.42
C VAL D 400 5.57 -9.60 45.24
N ILE D 401 4.57 -10.31 44.68
CA ILE D 401 3.89 -11.44 45.32
C ILE D 401 4.06 -12.69 44.44
N GLU D 402 4.52 -13.78 45.05
CA GLU D 402 4.78 -15.05 44.40
C GLU D 402 3.60 -16.04 44.58
N ASP D 403 3.26 -16.76 43.48
CA ASP D 403 2.24 -17.81 43.38
C ASP D 403 0.84 -17.39 43.89
N VAL D 404 0.31 -16.31 43.32
CA VAL D 404 -1.04 -15.81 43.62
C VAL D 404 -2.05 -16.61 42.80
N PRO D 405 -3.05 -17.29 43.42
CA PRO D 405 -3.99 -18.08 42.62
C PRO D 405 -5.00 -17.23 41.82
N ILE D 406 -5.61 -17.83 40.78
CA ILE D 406 -6.59 -17.20 39.88
C ILE D 406 -7.83 -16.68 40.66
N GLU D 407 -8.12 -17.31 41.81
CA GLU D 407 -9.21 -17.00 42.74
C GLU D 407 -9.09 -15.55 43.27
N ALA D 408 -7.83 -15.11 43.51
CA ALA D 408 -7.53 -13.77 44.01
C ALA D 408 -7.77 -12.68 42.96
N ASN D 409 -8.29 -11.52 43.39
CA ASN D 409 -8.59 -10.37 42.52
C ASN D 409 -7.33 -9.79 41.89
N ALA D 410 -6.18 -9.85 42.62
CA ALA D 410 -4.88 -9.38 42.16
C ALA D 410 -4.42 -10.11 40.89
N ARG D 411 -4.77 -11.41 40.77
CA ARG D 411 -4.44 -12.20 39.59
C ARG D 411 -5.50 -12.09 38.49
N LYS D 412 -6.79 -12.15 38.86
CA LYS D 412 -7.90 -12.11 37.91
C LYS D 412 -8.08 -10.76 37.24
N GLU D 413 -8.10 -9.68 38.02
CA GLU D 413 -8.38 -8.33 37.54
C GLU D 413 -7.15 -7.43 37.45
N GLU D 414 -7.28 -6.33 36.68
CA GLU D 414 -6.28 -5.27 36.53
C GLU D 414 -6.06 -4.61 37.91
N ILE D 415 -4.83 -4.62 38.43
CA ILE D 415 -4.53 -4.04 39.74
C ILE D 415 -4.32 -2.50 39.66
N PHE D 416 -3.81 -1.95 38.51
CA PHE D 416 -3.51 -0.53 38.29
C PHE D 416 -2.71 0.08 39.45
N GLY D 417 -1.71 -0.68 39.93
CA GLY D 417 -0.85 -0.29 41.05
C GLY D 417 0.54 -0.89 40.96
N PRO D 418 1.47 -0.51 41.86
CA PRO D 418 2.85 -1.06 41.75
C PRO D 418 3.01 -2.47 42.32
N VAL D 419 2.28 -3.42 41.70
CA VAL D 419 2.25 -4.83 42.11
C VAL D 419 2.60 -5.72 40.93
N VAL D 420 3.53 -6.68 41.14
CA VAL D 420 3.93 -7.68 40.15
C VAL D 420 3.76 -9.06 40.74
N LEU D 421 3.07 -9.94 40.02
CA LEU D 421 2.84 -11.32 40.43
C LEU D 421 3.83 -12.22 39.72
N LEU D 422 4.71 -12.86 40.50
CA LEU D 422 5.78 -13.72 40.01
C LEU D 422 5.37 -15.19 39.98
N TYR D 423 5.67 -15.85 38.86
CA TYR D 423 5.38 -17.26 38.65
C TYR D 423 6.55 -17.92 37.96
N LYS D 424 6.70 -19.23 38.20
CA LYS D 424 7.71 -20.09 37.59
C LYS D 424 7.01 -20.98 36.56
N TYR D 425 7.71 -21.36 35.49
CA TYR D 425 7.21 -22.31 34.49
C TYR D 425 8.33 -23.25 34.07
N SER D 426 7.95 -24.42 33.56
CA SER D 426 8.90 -25.41 33.09
C SER D 426 8.75 -25.61 31.58
N ASP D 427 7.53 -25.40 31.04
CA ASP D 427 7.21 -25.54 29.62
C ASP D 427 6.80 -24.19 29.01
N PHE D 428 7.45 -23.81 27.92
CA PHE D 428 7.21 -22.56 27.19
C PHE D 428 5.80 -22.43 26.61
N LYS D 429 5.29 -23.50 25.97
CA LYS D 429 3.95 -23.54 25.38
C LYS D 429 2.90 -23.29 26.47
N GLU D 430 3.14 -23.84 27.67
CA GLU D 430 2.28 -23.68 28.84
C GLU D 430 2.33 -22.25 29.37
N ALA D 431 3.53 -21.61 29.32
CA ALA D 431 3.71 -20.22 29.74
C ALA D 431 2.87 -19.28 28.85
N VAL D 432 2.87 -19.53 27.53
CA VAL D 432 2.11 -18.76 26.52
C VAL D 432 0.60 -18.91 26.78
N LYS D 433 0.18 -20.15 27.11
CA LYS D 433 -1.21 -20.49 27.43
C LYS D 433 -1.64 -19.74 28.70
N GLU D 434 -0.74 -19.64 29.71
CA GLU D 434 -1.02 -18.95 30.96
C GLU D 434 -1.05 -17.43 30.76
N CYS D 435 -0.24 -16.90 29.83
CA CYS D 435 -0.24 -15.48 29.46
C CYS D 435 -1.61 -15.13 28.89
N ASN D 436 -2.20 -16.06 28.10
CA ASN D 436 -3.52 -15.94 27.48
C ASN D 436 -4.67 -16.20 28.44
N ASN D 437 -4.39 -16.76 29.63
CA ASN D 437 -5.39 -17.09 30.65
C ASN D 437 -5.83 -15.84 31.41
N THR D 438 -6.55 -14.96 30.69
CA THR D 438 -7.07 -13.67 31.19
C THR D 438 -8.18 -13.21 30.26
N HIS D 439 -9.10 -12.36 30.77
CA HIS D 439 -10.20 -11.79 29.98
C HIS D 439 -9.76 -10.50 29.31
N TYR D 440 -8.53 -10.08 29.58
CA TYR D 440 -7.90 -8.91 28.98
C TYR D 440 -7.02 -9.40 27.82
N GLY D 441 -6.55 -8.49 26.99
CA GLY D 441 -5.69 -8.84 25.87
C GLY D 441 -5.10 -7.63 25.16
N LEU D 442 -4.42 -6.75 25.93
CA LEU D 442 -3.81 -5.53 25.41
C LEU D 442 -2.41 -5.79 24.86
N GLN D 443 -1.43 -6.10 25.75
CA GLN D 443 -0.04 -6.38 25.39
C GLN D 443 0.63 -7.46 26.27
N SER D 444 1.62 -8.14 25.69
CA SER D 444 2.41 -9.20 26.33
C SER D 444 3.87 -8.98 25.96
N GLY D 445 4.77 -9.41 26.82
CA GLY D 445 6.20 -9.28 26.61
C GLY D 445 6.86 -10.64 26.55
N ILE D 446 8.06 -10.72 25.94
CA ILE D 446 8.80 -11.98 25.84
C ILE D 446 10.28 -11.75 25.67
N PHE D 447 11.08 -12.36 26.55
CA PHE D 447 12.52 -12.32 26.45
C PHE D 447 12.96 -13.67 25.94
N THR D 448 13.49 -13.72 24.72
CA THR D 448 13.99 -14.96 24.11
C THR D 448 15.09 -14.70 23.09
N LYS D 449 16.01 -15.66 22.96
CA LYS D 449 17.09 -15.65 21.96
C LYS D 449 16.71 -16.62 20.83
N ASP D 450 15.60 -17.39 21.03
CA ASP D 450 15.09 -18.42 20.13
C ASP D 450 14.15 -17.82 19.07
N LEU D 451 14.53 -17.99 17.80
CA LEU D 451 13.78 -17.52 16.64
C LEU D 451 12.34 -18.05 16.63
N ASN D 452 12.16 -19.38 16.85
CA ASN D 452 10.86 -20.04 16.83
C ASN D 452 9.98 -19.68 17.99
N LYS D 453 10.55 -19.50 19.20
CA LYS D 453 9.81 -19.09 20.40
C LYS D 453 9.22 -17.70 20.21
N ALA D 454 10.01 -16.78 19.64
CA ALA D 454 9.61 -15.41 19.34
C ALA D 454 8.39 -15.39 18.40
N PHE D 455 8.44 -16.15 17.29
CA PHE D 455 7.36 -16.15 16.31
C PHE D 455 6.19 -17.03 16.75
N TYR D 456 6.40 -18.00 17.67
CA TYR D 456 5.33 -18.80 18.25
C TYR D 456 4.51 -17.85 19.15
N ALA D 457 5.21 -17.02 19.95
CA ALA D 457 4.58 -16.04 20.84
C ALA D 457 3.80 -15.00 20.03
N PHE D 458 4.37 -14.51 18.90
CA PHE D 458 3.68 -13.57 18.03
C PHE D 458 2.39 -14.19 17.50
N GLU D 459 2.44 -15.46 17.09
CA GLU D 459 1.29 -16.18 16.56
C GLU D 459 0.20 -16.53 17.58
N HIS D 460 0.59 -16.97 18.79
CA HIS D 460 -0.36 -17.49 19.77
C HIS D 460 -0.76 -16.56 20.91
N MET D 461 -0.03 -15.46 21.16
CA MET D 461 -0.45 -14.53 22.22
C MET D 461 -1.68 -13.73 21.79
N GLU D 462 -2.77 -13.80 22.59
CA GLU D 462 -4.07 -13.17 22.31
C GLU D 462 -4.10 -11.72 22.75
N VAL D 463 -3.30 -10.88 22.08
CA VAL D 463 -3.10 -9.46 22.37
C VAL D 463 -3.01 -8.63 21.09
N GLY D 464 -3.00 -7.30 21.24
CA GLY D 464 -2.80 -6.36 20.14
C GLY D 464 -1.34 -6.10 19.83
N GLY D 465 -0.47 -6.33 20.82
CA GLY D 465 0.96 -6.09 20.70
C GLY D 465 1.79 -7.08 21.49
N VAL D 466 2.80 -7.69 20.84
CA VAL D 466 3.75 -8.63 21.47
C VAL D 466 5.08 -7.90 21.49
N ILE D 467 5.61 -7.60 22.68
CA ILE D 467 6.89 -6.90 22.83
C ILE D 467 8.02 -7.90 22.96
N LEU D 468 8.90 -7.93 21.95
CA LEU D 468 10.05 -8.83 21.84
C LEU D 468 11.31 -8.23 22.41
N ASN D 469 11.82 -8.86 23.47
CA ASN D 469 13.03 -8.55 24.23
C ASN D 469 12.95 -7.19 24.91
N ASP D 470 11.77 -6.93 25.49
CA ASP D 470 11.37 -5.82 26.34
C ASP D 470 10.07 -6.24 27.02
N SER D 471 9.72 -5.58 28.15
CA SER D 471 8.52 -5.82 28.96
C SER D 471 7.29 -5.34 28.19
N PRO D 472 6.05 -5.78 28.57
CA PRO D 472 4.86 -5.33 27.83
C PRO D 472 4.54 -3.83 27.91
N ALA D 473 5.19 -3.08 28.85
CA ALA D 473 4.94 -1.65 29.05
C ALA D 473 5.49 -0.71 27.94
N LEU D 474 6.06 -1.27 26.87
CA LEU D 474 6.61 -0.47 25.78
C LEU D 474 5.54 -0.10 24.74
N ARG D 475 5.48 1.21 24.41
CA ARG D 475 4.61 1.73 23.35
C ARG D 475 5.29 2.86 22.56
N VAL D 476 5.33 2.73 21.23
CA VAL D 476 5.85 3.75 20.30
C VAL D 476 4.57 4.43 19.81
N ASP D 477 4.53 5.76 19.81
CA ASP D 477 3.32 6.52 19.50
C ASP D 477 2.82 6.40 18.04
N SER D 478 3.58 5.72 17.17
CA SER D 478 3.20 5.47 15.78
C SER D 478 2.72 4.00 15.56
N GLN D 479 2.95 3.10 16.55
CA GLN D 479 2.57 1.69 16.46
C GLN D 479 1.04 1.48 16.60
N PRO D 480 0.45 0.38 16.02
CA PRO D 480 -0.99 0.13 16.25
C PRO D 480 -1.16 -0.34 17.70
N TYR D 481 -1.90 0.44 18.49
CA TYR D 481 -2.06 0.18 19.91
C TYR D 481 -3.52 -0.06 20.27
N GLY D 482 -3.77 -1.20 20.89
CA GLY D 482 -5.11 -1.60 21.29
C GLY D 482 -5.13 -3.05 21.68
N GLY D 483 -6.32 -3.56 21.97
CA GLY D 483 -6.40 -4.94 22.40
C GLY D 483 -7.52 -5.79 21.88
N LEU D 484 -7.54 -7.00 22.41
CA LEU D 484 -8.55 -8.03 22.15
C LEU D 484 -9.28 -8.26 23.44
N LYS D 485 -10.34 -9.09 23.42
CA LYS D 485 -11.15 -9.45 24.58
C LYS D 485 -11.71 -8.20 25.31
N ASP D 486 -11.57 -8.09 26.65
CA ASP D 486 -12.10 -6.95 27.42
C ASP D 486 -11.23 -5.70 27.36
N SER D 487 -10.08 -5.78 26.67
CA SER D 487 -9.15 -4.64 26.55
C SER D 487 -9.62 -3.56 25.56
N GLY D 488 -10.70 -3.81 24.82
CA GLY D 488 -11.25 -2.81 23.93
C GLY D 488 -11.50 -3.24 22.51
N ILE D 489 -11.81 -2.27 21.64
CA ILE D 489 -12.04 -2.46 20.20
C ILE D 489 -11.30 -1.37 19.40
N GLN D 490 -10.68 -1.76 18.26
CA GLN D 490 -9.91 -0.91 17.34
C GLN D 490 -8.49 -0.55 17.86
N ARG D 491 -7.78 0.28 17.09
CA ARG D 491 -6.41 0.70 17.38
C ARG D 491 -6.21 2.21 17.38
N GLU D 492 -5.36 2.68 18.29
CA GLU D 492 -4.84 4.04 18.39
C GLU D 492 -3.41 3.93 17.88
N GLY D 493 -2.71 5.04 17.82
CA GLY D 493 -1.42 5.11 17.13
C GLY D 493 -1.88 5.92 15.94
N VAL D 494 -1.29 7.10 15.75
CA VAL D 494 -1.76 8.15 14.87
C VAL D 494 -2.44 7.67 13.58
N LYS D 495 -1.73 7.01 12.66
CA LYS D 495 -2.30 6.61 11.37
C LYS D 495 -3.48 5.62 11.52
N TYR D 496 -3.48 4.79 12.57
CA TYR D 496 -4.56 3.84 12.88
C TYR D 496 -5.79 4.53 13.44
N ALA D 497 -5.59 5.53 14.33
CA ALA D 497 -6.69 6.31 14.89
C ALA D 497 -7.31 7.18 13.77
N MET D 498 -6.49 7.65 12.80
CA MET D 498 -6.95 8.45 11.63
C MET D 498 -7.91 7.61 10.77
N ASP D 499 -7.67 6.28 10.67
CA ASP D 499 -8.54 5.35 9.94
C ASP D 499 -9.97 5.34 10.47
N ASP D 500 -10.14 5.29 11.82
CA ASP D 500 -11.44 5.31 12.50
C ASP D 500 -12.17 6.64 12.31
N MET D 501 -11.42 7.73 12.05
CA MET D 501 -11.96 9.08 11.84
C MET D 501 -12.18 9.40 10.36
N LEU D 502 -12.07 8.37 9.51
CA LEU D 502 -12.23 8.50 8.08
C LEU D 502 -13.27 7.54 7.55
N GLU D 503 -13.99 7.98 6.50
CA GLU D 503 -15.00 7.19 5.79
C GLU D 503 -14.60 7.04 4.34
N THR D 504 -14.72 5.83 3.83
CA THR D 504 -14.40 5.46 2.47
C THR D 504 -15.53 5.88 1.54
N LYS D 505 -15.17 6.51 0.41
CA LYS D 505 -16.10 6.89 -0.66
C LYS D 505 -15.48 6.52 -1.97
N VAL D 506 -16.25 5.86 -2.84
CA VAL D 506 -15.79 5.48 -4.17
C VAL D 506 -16.58 6.24 -5.25
N LEU D 507 -15.85 6.76 -6.25
CA LEU D 507 -16.45 7.37 -7.43
C LEU D 507 -16.37 6.26 -8.48
N VAL D 508 -17.50 5.59 -8.77
CA VAL D 508 -17.53 4.52 -9.78
C VAL D 508 -17.78 5.18 -11.12
N MET D 509 -16.81 5.07 -12.04
CA MET D 509 -16.81 5.78 -13.32
C MET D 509 -17.05 4.87 -14.49
N ARG D 510 -18.13 5.13 -15.24
CA ARG D 510 -18.49 4.37 -16.43
C ARG D 510 -18.02 5.06 -17.69
N ASN D 511 -17.11 4.39 -18.43
CA ASN D 511 -16.52 4.82 -19.71
C ASN D 511 -16.04 6.27 -19.67
N VAL D 512 -15.36 6.66 -18.58
CA VAL D 512 -14.82 8.02 -18.42
C VAL D 512 -13.51 8.11 -19.21
N GLY D 513 -13.47 9.02 -20.16
CA GLY D 513 -12.35 9.20 -21.05
C GLY D 513 -12.70 8.81 -22.48
N THR D 514 -13.96 8.38 -22.69
CA THR D 514 -14.49 8.04 -24.01
C THR D 514 -15.13 9.33 -24.56
N LEU D 515 -14.67 9.76 -25.73
CA LEU D 515 -15.16 10.98 -26.36
C LEU D 515 -16.31 10.68 -27.35
#